data_2XWS
# 
_entry.id   2XWS 
# 
_audit_conform.dict_name       mmcif_pdbx.dic 
_audit_conform.dict_version    5.383 
_audit_conform.dict_location   http://mmcif.pdb.org/dictionaries/ascii/mmcif_pdbx.dic 
# 
loop_
_database_2.database_id 
_database_2.database_code 
_database_2.pdbx_database_accession 
_database_2.pdbx_DOI 
PDB   2XWS         pdb_00002xws 10.2210/pdb2xws/pdb 
PDBE  EBI-45868    ?            ?                   
WWPDB D_1290045868 ?            ?                   
# 
loop_
_pdbx_database_related.db_name 
_pdbx_database_related.db_id 
_pdbx_database_related.content_type 
_pdbx_database_related.details 
PDB 2DJ5 unspecified 'CRYSTAL STRUCTURE OF THE VITAMIN B12 BIOSYNTHETICCOBALTOCHELATASE, CBIXS, FROM ARCHAEOGLOBUS FULGIDUS' 
PDB 1TJN unspecified 'CRYSTAL STRUCTURE OF HYPOTHETICAL PROTEIN AF0721 FROMARCHAEOGLOBUS FULGIDUS' 
PDB 2XWQ unspecified 
'ANAEROBIC COBALT CHELATASE FROM ARCHEAOGLOBUS FULGIDUS (CBIX) IN COMPLEX WITH METALATED SIROHYDROCHLORIN PRODUCT' 
PDB 2XWP unspecified 'ANAEROBIC COBALT CHELATASE (CBIK) FROM SALMONELLA TYPHIMURIUM IN COMPLEX WITH METALATED TETRAPYRROLE' 
# 
_pdbx_database_status.status_code                     REL 
_pdbx_database_status.entry_id                        2XWS 
_pdbx_database_status.deposit_site                    PDBE 
_pdbx_database_status.process_site                    PDBE 
_pdbx_database_status.SG_entry                        . 
_pdbx_database_status.recvd_initial_deposition_date   2010-11-04 
_pdbx_database_status.pdb_format_compatible           Y 
_pdbx_database_status.status_code_sf                  REL 
_pdbx_database_status.status_code_mr                  ? 
_pdbx_database_status.status_code_cs                  ? 
_pdbx_database_status.methods_development_category    ? 
_pdbx_database_status.status_code_nmr_data            ? 
# 
loop_
_audit_author.name 
_audit_author.pdbx_ordinal 
'Romao, C.V.'       1  
'Ladakis, D.'       2  
'Lobo, S.A.L.'      3  
'Carrondo, M.A.'    4  
'Brindley, A.A.'    5  
'Deery, E.'         6  
'Matias, P.M.'      7  
'Pickersgill, R.W.' 8  
'Saraiva, L.M.'     9  
'Warren, M.J.'      10 
# 
_citation.id                        primary 
_citation.title                     
'Evolution in a Family of Chelatases Facilitated by the Introduction of Active Site Asymmetry and Protein Oligomerization.' 
_citation.journal_abbrev            Proc.Natl.Acad.Sci.USA 
_citation.journal_volume            108 
_citation.page_first                97 
_citation.page_last                 ? 
_citation.year                      2011 
_citation.journal_id_ASTM           PNASA6 
_citation.country                   US 
_citation.journal_id_ISSN           0027-8424 
_citation.journal_id_CSD            0040 
_citation.book_publisher            ? 
_citation.pdbx_database_id_PubMed   21173279 
_citation.pdbx_database_id_DOI      10.1073/PNAS.1014298108 
# 
loop_
_citation_author.citation_id 
_citation_author.name 
_citation_author.ordinal 
_citation_author.identifier_ORCID 
primary 'Romao, C.V.'       1  ? 
primary 'Ladakis, D.'       2  ? 
primary 'Lobo, S.A.'        3  ? 
primary 'Carrondo, M.A.'    4  ? 
primary 'Brindley, A.A.'    5  ? 
primary 'Deery, E.'         6  ? 
primary 'Matias, P.M.'      7  ? 
primary 'Pickersgill, R.W.' 8  ? 
primary 'Saraiva, L.M.'     9  ? 
primary 'Warren, M.J.'      10 ? 
# 
_cell.entry_id           2XWS 
_cell.length_a           50.980 
_cell.length_b           50.980 
_cell.length_c           101.970 
_cell.angle_alpha        90.00 
_cell.angle_beta         90.00 
_cell.angle_gamma        90.00 
_cell.Z_PDB              8 
_cell.pdbx_unique_axis   ? 
# 
_symmetry.entry_id                         2XWS 
_symmetry.space_group_name_H-M             'P 42 21 2' 
_symmetry.pdbx_full_space_group_name_H-M   ? 
_symmetry.cell_setting                     ? 
_symmetry.Int_Tables_number                94 
# 
loop_
_entity.id 
_entity.type 
_entity.src_method 
_entity.pdbx_description 
_entity.formula_weight 
_entity.pdbx_number_of_molecules 
_entity.pdbx_ec 
_entity.pdbx_mutation 
_entity.pdbx_fragment 
_entity.details 
1 polymer man 'SIROHYDROCHLORIN COBALTOCHELATASE' 15190.501 1  4.99.1.3 ? ? ? 
2 water   nat water                               18.015    88 ?        ? ? ? 
# 
_entity_poly.entity_id                      1 
_entity_poly.type                           'polypeptide(L)' 
_entity_poly.nstd_linkage                   no 
_entity_poly.nstd_monomer                   no 
_entity_poly.pdbx_seq_one_letter_code       
;GMRRGLVIVGHGSQLNHYREVMELHRKRIEESGAFDEVKIAFAARKRRPMPDEAIREMNCDIIYVVPLFISYGLHVTEDL
PDLLGFPRGRGIKEGEFEGKKVVICEPIGEDYFVTYAILNSVFRIGRDGKGEE
;
_entity_poly.pdbx_seq_one_letter_code_can   
;GMRRGLVIVGHGSQLNHYREVMELHRKRIEESGAFDEVKIAFAARKRRPMPDEAIREMNCDIIYVVPLFISYGLHVTEDL
PDLLGFPRGRGIKEGEFEGKKVVICEPIGEDYFVTYAILNSVFRIGRDGKGEE
;
_entity_poly.pdbx_strand_id                 A 
_entity_poly.pdbx_target_identifier         ? 
# 
loop_
_entity_poly_seq.entity_id 
_entity_poly_seq.num 
_entity_poly_seq.mon_id 
_entity_poly_seq.hetero 
1 1   GLY n 
1 2   MET n 
1 3   ARG n 
1 4   ARG n 
1 5   GLY n 
1 6   LEU n 
1 7   VAL n 
1 8   ILE n 
1 9   VAL n 
1 10  GLY n 
1 11  HIS n 
1 12  GLY n 
1 13  SER n 
1 14  GLN n 
1 15  LEU n 
1 16  ASN n 
1 17  HIS n 
1 18  TYR n 
1 19  ARG n 
1 20  GLU n 
1 21  VAL n 
1 22  MET n 
1 23  GLU n 
1 24  LEU n 
1 25  HIS n 
1 26  ARG n 
1 27  LYS n 
1 28  ARG n 
1 29  ILE n 
1 30  GLU n 
1 31  GLU n 
1 32  SER n 
1 33  GLY n 
1 34  ALA n 
1 35  PHE n 
1 36  ASP n 
1 37  GLU n 
1 38  VAL n 
1 39  LYS n 
1 40  ILE n 
1 41  ALA n 
1 42  PHE n 
1 43  ALA n 
1 44  ALA n 
1 45  ARG n 
1 46  LYS n 
1 47  ARG n 
1 48  ARG n 
1 49  PRO n 
1 50  MET n 
1 51  PRO n 
1 52  ASP n 
1 53  GLU n 
1 54  ALA n 
1 55  ILE n 
1 56  ARG n 
1 57  GLU n 
1 58  MET n 
1 59  ASN n 
1 60  CYS n 
1 61  ASP n 
1 62  ILE n 
1 63  ILE n 
1 64  TYR n 
1 65  VAL n 
1 66  VAL n 
1 67  PRO n 
1 68  LEU n 
1 69  PHE n 
1 70  ILE n 
1 71  SER n 
1 72  TYR n 
1 73  GLY n 
1 74  LEU n 
1 75  HIS n 
1 76  VAL n 
1 77  THR n 
1 78  GLU n 
1 79  ASP n 
1 80  LEU n 
1 81  PRO n 
1 82  ASP n 
1 83  LEU n 
1 84  LEU n 
1 85  GLY n 
1 86  PHE n 
1 87  PRO n 
1 88  ARG n 
1 89  GLY n 
1 90  ARG n 
1 91  GLY n 
1 92  ILE n 
1 93  LYS n 
1 94  GLU n 
1 95  GLY n 
1 96  GLU n 
1 97  PHE n 
1 98  GLU n 
1 99  GLY n 
1 100 LYS n 
1 101 LYS n 
1 102 VAL n 
1 103 VAL n 
1 104 ILE n 
1 105 CYS n 
1 106 GLU n 
1 107 PRO n 
1 108 ILE n 
1 109 GLY n 
1 110 GLU n 
1 111 ASP n 
1 112 TYR n 
1 113 PHE n 
1 114 VAL n 
1 115 THR n 
1 116 TYR n 
1 117 ALA n 
1 118 ILE n 
1 119 LEU n 
1 120 ASN n 
1 121 SER n 
1 122 VAL n 
1 123 PHE n 
1 124 ARG n 
1 125 ILE n 
1 126 GLY n 
1 127 ARG n 
1 128 ASP n 
1 129 GLY n 
1 130 LYS n 
1 131 GLY n 
1 132 GLU n 
1 133 GLU n 
# 
_entity_src_gen.entity_id                          1 
_entity_src_gen.pdbx_src_id                        1 
_entity_src_gen.pdbx_alt_source_flag               sample 
_entity_src_gen.pdbx_seq_type                      ? 
_entity_src_gen.pdbx_beg_seq_num                   ? 
_entity_src_gen.pdbx_end_seq_num                   ? 
_entity_src_gen.gene_src_common_name               ? 
_entity_src_gen.gene_src_genus                     ? 
_entity_src_gen.pdbx_gene_src_gene                 ? 
_entity_src_gen.gene_src_species                   ? 
_entity_src_gen.gene_src_strain                    ? 
_entity_src_gen.gene_src_tissue                    ? 
_entity_src_gen.gene_src_tissue_fraction           ? 
_entity_src_gen.gene_src_details                   ? 
_entity_src_gen.pdbx_gene_src_fragment             ? 
_entity_src_gen.pdbx_gene_src_scientific_name      'ARCHAEOGLOBUS FULGIDUS' 
_entity_src_gen.pdbx_gene_src_ncbi_taxonomy_id     2234 
_entity_src_gen.pdbx_gene_src_variant              ? 
_entity_src_gen.pdbx_gene_src_cell_line            ? 
_entity_src_gen.pdbx_gene_src_atcc                 ? 
_entity_src_gen.pdbx_gene_src_organ                ? 
_entity_src_gen.pdbx_gene_src_organelle            ? 
_entity_src_gen.pdbx_gene_src_cell                 ? 
_entity_src_gen.pdbx_gene_src_cellular_location    ? 
_entity_src_gen.host_org_common_name               ? 
_entity_src_gen.pdbx_host_org_scientific_name      'ESCHERICHIA COLI' 
_entity_src_gen.pdbx_host_org_ncbi_taxonomy_id     469008 
_entity_src_gen.host_org_genus                     ? 
_entity_src_gen.pdbx_host_org_gene                 ? 
_entity_src_gen.pdbx_host_org_organ                ? 
_entity_src_gen.host_org_species                   ? 
_entity_src_gen.pdbx_host_org_tissue               ? 
_entity_src_gen.pdbx_host_org_tissue_fraction      ? 
_entity_src_gen.pdbx_host_org_strain               'BL21 STAR DE3' 
_entity_src_gen.pdbx_host_org_variant              PLYSS 
_entity_src_gen.pdbx_host_org_cell_line            ? 
_entity_src_gen.pdbx_host_org_atcc                 ? 
_entity_src_gen.pdbx_host_org_culture_collection   ? 
_entity_src_gen.pdbx_host_org_cell                 ? 
_entity_src_gen.pdbx_host_org_organelle            ? 
_entity_src_gen.pdbx_host_org_cellular_location    ? 
_entity_src_gen.pdbx_host_org_vector_type          PLASMID 
_entity_src_gen.pdbx_host_org_vector               ? 
_entity_src_gen.host_org_details                   ? 
_entity_src_gen.expression_system_id               ? 
_entity_src_gen.plasmid_name                       PET3A 
_entity_src_gen.plasmid_details                    ? 
_entity_src_gen.pdbx_description                   ? 
# 
_struct_ref.id                         1 
_struct_ref.db_name                    UNP 
_struct_ref.db_code                    CBIX_ARCFU 
_struct_ref.entity_id                  1 
_struct_ref.pdbx_seq_one_letter_code   ? 
_struct_ref.pdbx_align_begin           ? 
_struct_ref.pdbx_db_accession          O29537 
_struct_ref.pdbx_db_isoform            ? 
# 
_struct_ref_seq.align_id                      1 
_struct_ref_seq.ref_id                        1 
_struct_ref_seq.pdbx_PDB_id_code              2XWS 
_struct_ref_seq.pdbx_strand_id                A 
_struct_ref_seq.seq_align_beg                 2 
_struct_ref_seq.pdbx_seq_align_beg_ins_code   ? 
_struct_ref_seq.seq_align_end                 133 
_struct_ref_seq.pdbx_seq_align_end_ins_code   ? 
_struct_ref_seq.pdbx_db_accession             O29537 
_struct_ref_seq.db_align_beg                  1 
_struct_ref_seq.pdbx_db_align_beg_ins_code    ? 
_struct_ref_seq.db_align_end                  132 
_struct_ref_seq.pdbx_db_align_end_ins_code    ? 
_struct_ref_seq.pdbx_auth_seq_align_beg       1 
_struct_ref_seq.pdbx_auth_seq_align_end       132 
# 
_struct_ref_seq_dif.align_id                     1 
_struct_ref_seq_dif.pdbx_pdb_id_code             2XWS 
_struct_ref_seq_dif.mon_id                       GLY 
_struct_ref_seq_dif.pdbx_pdb_strand_id           A 
_struct_ref_seq_dif.seq_num                      1 
_struct_ref_seq_dif.pdbx_pdb_ins_code            ? 
_struct_ref_seq_dif.pdbx_seq_db_name             UNP 
_struct_ref_seq_dif.pdbx_seq_db_accession_code   O29537 
_struct_ref_seq_dif.db_mon_id                    ? 
_struct_ref_seq_dif.pdbx_seq_db_seq_num          ? 
_struct_ref_seq_dif.details                      'expression tag' 
_struct_ref_seq_dif.pdbx_auth_seq_num            0 
_struct_ref_seq_dif.pdbx_ordinal                 1 
# 
loop_
_chem_comp.id 
_chem_comp.type 
_chem_comp.mon_nstd_flag 
_chem_comp.name 
_chem_comp.pdbx_synonyms 
_chem_comp.formula 
_chem_comp.formula_weight 
ALA 'L-peptide linking' y ALANINE         ? 'C3 H7 N O2'     89.093  
ARG 'L-peptide linking' y ARGININE        ? 'C6 H15 N4 O2 1' 175.209 
ASN 'L-peptide linking' y ASPARAGINE      ? 'C4 H8 N2 O3'    132.118 
ASP 'L-peptide linking' y 'ASPARTIC ACID' ? 'C4 H7 N O4'     133.103 
CYS 'L-peptide linking' y CYSTEINE        ? 'C3 H7 N O2 S'   121.158 
GLN 'L-peptide linking' y GLUTAMINE       ? 'C5 H10 N2 O3'   146.144 
GLU 'L-peptide linking' y 'GLUTAMIC ACID' ? 'C5 H9 N O4'     147.129 
GLY 'peptide linking'   y GLYCINE         ? 'C2 H5 N O2'     75.067  
HIS 'L-peptide linking' y HISTIDINE       ? 'C6 H10 N3 O2 1' 156.162 
HOH non-polymer         . WATER           ? 'H2 O'           18.015  
ILE 'L-peptide linking' y ISOLEUCINE      ? 'C6 H13 N O2'    131.173 
LEU 'L-peptide linking' y LEUCINE         ? 'C6 H13 N O2'    131.173 
LYS 'L-peptide linking' y LYSINE          ? 'C6 H15 N2 O2 1' 147.195 
MET 'L-peptide linking' y METHIONINE      ? 'C5 H11 N O2 S'  149.211 
PHE 'L-peptide linking' y PHENYLALANINE   ? 'C9 H11 N O2'    165.189 
PRO 'L-peptide linking' y PROLINE         ? 'C5 H9 N O2'     115.130 
SER 'L-peptide linking' y SERINE          ? 'C3 H7 N O3'     105.093 
THR 'L-peptide linking' y THREONINE       ? 'C4 H9 N O3'     119.119 
TYR 'L-peptide linking' y TYROSINE        ? 'C9 H11 N O3'    181.189 
VAL 'L-peptide linking' y VALINE          ? 'C5 H11 N O2'    117.146 
# 
_exptl.entry_id          2XWS 
_exptl.method            'X-RAY DIFFRACTION' 
_exptl.crystals_number   1 
# 
_exptl_crystal.id                    1 
_exptl_crystal.density_meas          ? 
_exptl_crystal.density_Matthews      2.23 
_exptl_crystal.density_percent_sol   45 
_exptl_crystal.description           NONE 
# 
_exptl_crystal_grow.crystal_id      1 
_exptl_crystal_grow.method          ? 
_exptl_crystal_grow.temp            ? 
_exptl_crystal_grow.temp_details    ? 
_exptl_crystal_grow.pH              6.8 
_exptl_crystal_grow.pdbx_pH_range   ? 
_exptl_crystal_grow.pdbx_details    'pH 6.8' 
# 
_diffrn.id                     1 
_diffrn.ambient_temp           100 
_diffrn.ambient_temp_details   ? 
_diffrn.crystal_id             1 
# 
_diffrn_detector.diffrn_id              1 
_diffrn_detector.detector               CCD 
_diffrn_detector.type                   'ADSC CCD' 
_diffrn_detector.pdbx_collection_date   ? 
_diffrn_detector.details                MIRRORS 
# 
_diffrn_radiation.diffrn_id                        1 
_diffrn_radiation.wavelength_id                    1 
_diffrn_radiation.pdbx_monochromatic_or_laue_m_l   M 
_diffrn_radiation.monochromator                    'SILICON MONOCHROMATOR' 
_diffrn_radiation.pdbx_diffrn_protocol             'SINGLE WAVELENGTH' 
_diffrn_radiation.pdbx_scattering_type             x-ray 
# 
_diffrn_radiation_wavelength.id           1 
_diffrn_radiation_wavelength.wavelength   0.9835 
_diffrn_radiation_wavelength.wt           1.0 
# 
_diffrn_source.diffrn_id                   1 
_diffrn_source.source                      SYNCHROTRON 
_diffrn_source.type                        'DIAMOND BEAMLINE I04' 
_diffrn_source.pdbx_synchrotron_site       Diamond 
_diffrn_source.pdbx_synchrotron_beamline   I04 
_diffrn_source.pdbx_wavelength             0.9835 
_diffrn_source.pdbx_wavelength_list        ? 
# 
_reflns.pdbx_diffrn_id               1 
_reflns.pdbx_ordinal                 1 
_reflns.entry_id                     2XWS 
_reflns.observed_criterion_sigma_I   0.0 
_reflns.observed_criterion_sigma_F   ? 
_reflns.d_resolution_low             29.50 
_reflns.d_resolution_high            1.60 
_reflns.number_obs                   118464 
_reflns.number_all                   ? 
_reflns.percent_possible_obs         99.4 
_reflns.pdbx_Rmerge_I_obs            0.05 
_reflns.pdbx_Rsym_value              ? 
_reflns.pdbx_netI_over_sigmaI        23.60 
_reflns.B_iso_Wilson_estimate        13.6 
_reflns.pdbx_redundancy              6.4 
# 
_reflns_shell.pdbx_diffrn_id         1 
_reflns_shell.pdbx_ordinal           1 
_reflns_shell.d_res_high             1.60 
_reflns_shell.d_res_low              1.69 
_reflns_shell.percent_possible_all   100.0 
_reflns_shell.Rmerge_I_obs           0.13 
_reflns_shell.pdbx_Rsym_value        ? 
_reflns_shell.meanI_over_sigI_obs    13.30 
_reflns_shell.pdbx_redundancy        6.7 
# 
_refine.pdbx_refine_id                           'X-RAY DIFFRACTION' 
_refine.entry_id                                 2XWS 
_refine.pdbx_diffrn_id                           1 
_refine.pdbx_TLS_residual_ADP_flag               ? 
_refine.ls_number_reflns_obs                     17516 
_refine.ls_number_reflns_all                     ? 
_refine.pdbx_ls_sigma_I                          ? 
_refine.pdbx_ls_sigma_F                          . 
_refine.pdbx_data_cutoff_high_absF               ? 
_refine.pdbx_data_cutoff_low_absF                ? 
_refine.pdbx_data_cutoff_high_rms_absF           ? 
_refine.ls_d_res_low                             33.99 
_refine.ls_d_res_high                            1.60 
_refine.ls_percent_reflns_obs                    99.94 
_refine.ls_R_factor_obs                          0.18679 
_refine.ls_R_factor_all                          ? 
_refine.ls_R_factor_R_work                       0.18537 
_refine.ls_R_factor_R_free                       0.21484 
_refine.ls_R_factor_R_free_error                 ? 
_refine.ls_R_factor_R_free_error_details         ? 
_refine.ls_percent_reflns_R_free                 5.1 
_refine.ls_number_reflns_R_free                  947 
_refine.ls_number_parameters                     ? 
_refine.ls_number_restraints                     ? 
_refine.occupancy_min                            ? 
_refine.occupancy_max                            ? 
_refine.correlation_coeff_Fo_to_Fc               0.954 
_refine.correlation_coeff_Fo_to_Fc_free          0.943 
_refine.B_iso_mean                               16.203 
_refine.aniso_B[1][1]                            0.02 
_refine.aniso_B[2][2]                            0.02 
_refine.aniso_B[3][3]                            -0.04 
_refine.aniso_B[1][2]                            0.00 
_refine.aniso_B[1][3]                            0.00 
_refine.aniso_B[2][3]                            0.00 
_refine.solvent_model_details                    MASK 
_refine.solvent_model_param_ksol                 ? 
_refine.solvent_model_param_bsol                 ? 
_refine.pdbx_solvent_vdw_probe_radii             1.40 
_refine.pdbx_solvent_ion_probe_radii             0.80 
_refine.pdbx_solvent_shrinkage_radii             0.80 
_refine.pdbx_ls_cross_valid_method               THROUGHOUT 
_refine.details                                  
'HYDROGENS HAVE BEEN ADDED IN THE RIDING POSITIONS. U VALUES REFINED INDIVIDUALLY.' 
_refine.pdbx_starting_model                      'PDB ENTRY 2DJ5' 
_refine.pdbx_method_to_determine_struct          'MOLECULAR REPLACEMENT' 
_refine.pdbx_isotropic_thermal_model             ? 
_refine.pdbx_stereochemistry_target_values       'MAXIMUM LIKELIHOOD' 
_refine.pdbx_stereochem_target_val_spec_case     ? 
_refine.pdbx_R_Free_selection_details            RANDOM 
_refine.pdbx_overall_ESU_R                       0.088 
_refine.pdbx_overall_ESU_R_Free                  0.088 
_refine.overall_SU_ML                            0.053 
_refine.pdbx_overall_phase_error                 ? 
_refine.overall_SU_B                             1.475 
_refine.overall_SU_R_Cruickshank_DPI             ? 
_refine.pdbx_overall_SU_R_free_Cruickshank_DPI   ? 
_refine.pdbx_overall_SU_R_Blow_DPI               ? 
_refine.pdbx_overall_SU_R_free_Blow_DPI          ? 
# 
_refine_hist.pdbx_refine_id                   'X-RAY DIFFRACTION' 
_refine_hist.cycle_id                         LAST 
_refine_hist.pdbx_number_atoms_protein        1012 
_refine_hist.pdbx_number_atoms_nucleic_acid   0 
_refine_hist.pdbx_number_atoms_ligand         0 
_refine_hist.number_atoms_solvent             88 
_refine_hist.number_atoms_total               1100 
_refine_hist.d_res_high                       1.60 
_refine_hist.d_res_low                        33.99 
# 
loop_
_refine_ls_restr.type 
_refine_ls_restr.dev_ideal 
_refine_ls_restr.dev_ideal_target 
_refine_ls_restr.weight 
_refine_ls_restr.number 
_refine_ls_restr.pdbx_refine_id 
_refine_ls_restr.pdbx_restraint_function 
r_bond_refined_d             0.029  0.022  ? 1039 'X-RAY DIFFRACTION' ? 
r_bond_other_d               ?      ?      ? ?    'X-RAY DIFFRACTION' ? 
r_angle_refined_deg          2.402  1.973  ? 1397 'X-RAY DIFFRACTION' ? 
r_angle_other_deg            ?      ?      ? ?    'X-RAY DIFFRACTION' ? 
r_dihedral_angle_1_deg       5.788  5.000  ? 127  'X-RAY DIFFRACTION' ? 
r_dihedral_angle_2_deg       35.806 22.157 ? 51   'X-RAY DIFFRACTION' ? 
r_dihedral_angle_3_deg       14.148 15.000 ? 189  'X-RAY DIFFRACTION' ? 
r_dihedral_angle_4_deg       16.840 15.000 ? 12   'X-RAY DIFFRACTION' ? 
r_chiral_restr               0.188  0.200  ? 148  'X-RAY DIFFRACTION' ? 
r_gen_planes_refined         0.014  0.021  ? 793  'X-RAY DIFFRACTION' ? 
r_gen_planes_other           ?      ?      ? ?    'X-RAY DIFFRACTION' ? 
r_nbd_refined                ?      ?      ? ?    'X-RAY DIFFRACTION' ? 
r_nbd_other                  ?      ?      ? ?    'X-RAY DIFFRACTION' ? 
r_nbtor_refined              ?      ?      ? ?    'X-RAY DIFFRACTION' ? 
r_nbtor_other                ?      ?      ? ?    'X-RAY DIFFRACTION' ? 
r_xyhbond_nbd_refined        ?      ?      ? ?    'X-RAY DIFFRACTION' ? 
r_xyhbond_nbd_other          ?      ?      ? ?    'X-RAY DIFFRACTION' ? 
r_metal_ion_refined          ?      ?      ? ?    'X-RAY DIFFRACTION' ? 
r_metal_ion_other            ?      ?      ? ?    'X-RAY DIFFRACTION' ? 
r_symmetry_vdw_refined       ?      ?      ? ?    'X-RAY DIFFRACTION' ? 
r_symmetry_vdw_other         ?      ?      ? ?    'X-RAY DIFFRACTION' ? 
r_symmetry_hbond_refined     ?      ?      ? ?    'X-RAY DIFFRACTION' ? 
r_symmetry_hbond_other       ?      ?      ? ?    'X-RAY DIFFRACTION' ? 
r_symmetry_metal_ion_refined ?      ?      ? ?    'X-RAY DIFFRACTION' ? 
r_symmetry_metal_ion_other   ?      ?      ? ?    'X-RAY DIFFRACTION' ? 
r_mcbond_it                  1.581  1.500  ? 625  'X-RAY DIFFRACTION' ? 
r_mcbond_other               ?      ?      ? ?    'X-RAY DIFFRACTION' ? 
r_mcangle_it                 2.513  2.000  ? 1009 'X-RAY DIFFRACTION' ? 
r_mcangle_other              ?      ?      ? ?    'X-RAY DIFFRACTION' ? 
r_scbond_it                  4.001  3.000  ? 414  'X-RAY DIFFRACTION' ? 
r_scbond_other               ?      ?      ? ?    'X-RAY DIFFRACTION' ? 
r_scangle_it                 6.623  4.500  ? 387  'X-RAY DIFFRACTION' ? 
r_scangle_other              ?      ?      ? ?    'X-RAY DIFFRACTION' ? 
r_long_range_B_refined       ?      ?      ? ?    'X-RAY DIFFRACTION' ? 
r_long_range_B_other         ?      ?      ? ?    'X-RAY DIFFRACTION' ? 
r_rigid_bond_restr           ?      ?      ? ?    'X-RAY DIFFRACTION' ? 
r_sphericity_free            ?      ?      ? ?    'X-RAY DIFFRACTION' ? 
r_sphericity_bonded          ?      ?      ? ?    'X-RAY DIFFRACTION' ? 
# 
_refine_ls_shell.pdbx_refine_id                   'X-RAY DIFFRACTION' 
_refine_ls_shell.pdbx_total_number_of_bins_used   20 
_refine_ls_shell.d_res_high                       1.600 
_refine_ls_shell.d_res_low                        1.641 
_refine_ls_shell.number_reflns_R_work             1266 
_refine_ls_shell.R_factor_R_work                  0.222 
_refine_ls_shell.percent_reflns_obs               100.00 
_refine_ls_shell.R_factor_R_free                  0.307 
_refine_ls_shell.R_factor_R_free_error            ? 
_refine_ls_shell.percent_reflns_R_free            ? 
_refine_ls_shell.number_reflns_R_free             74 
_refine_ls_shell.number_reflns_all                ? 
_refine_ls_shell.R_factor_all                     ? 
# 
_struct.entry_id                  2XWS 
_struct.title                     'ANAEROBIC COBALT CHELATASE (CbiX) FROM ARCHAEOGLOBUS FULGIDUS' 
_struct.pdbx_model_details        ? 
_struct.pdbx_CASP_flag            ? 
_struct.pdbx_model_type_details   ? 
# 
_struct_keywords.entry_id        2XWS 
_struct_keywords.pdbx_keywords   LYASE 
_struct_keywords.text            'LYASE, BETA-ALPHA-BETA, COBALAMIN BIOSYNTHESIS, METAL-BINDING, PARALLEL BETA SHEET' 
# 
loop_
_struct_asym.id 
_struct_asym.pdbx_blank_PDB_chainid_flag 
_struct_asym.pdbx_modified 
_struct_asym.entity_id 
_struct_asym.details 
A N N 1 ? 
B N N 2 ? 
# 
_struct_biol.id   1 
# 
loop_
_struct_conf.conf_type_id 
_struct_conf.id 
_struct_conf.pdbx_PDB_helix_id 
_struct_conf.beg_label_comp_id 
_struct_conf.beg_label_asym_id 
_struct_conf.beg_label_seq_id 
_struct_conf.pdbx_beg_PDB_ins_code 
_struct_conf.end_label_comp_id 
_struct_conf.end_label_asym_id 
_struct_conf.end_label_seq_id 
_struct_conf.pdbx_end_PDB_ins_code 
_struct_conf.beg_auth_comp_id 
_struct_conf.beg_auth_asym_id 
_struct_conf.beg_auth_seq_id 
_struct_conf.end_auth_comp_id 
_struct_conf.end_auth_asym_id 
_struct_conf.end_auth_seq_id 
_struct_conf.pdbx_PDB_helix_class 
_struct_conf.details 
_struct_conf.pdbx_PDB_helix_length 
HELX_P HELX_P1 1 LEU A 15  ? GLY A 33  ? LEU A 14  GLY A 32  1 ? 19 
HELX_P HELX_P2 2 MET A 50  ? MET A 58  ? MET A 49  MET A 57  1 ? 9  
HELX_P HELX_P3 3 GLY A 73  ? GLU A 78  ? GLY A 72  GLU A 77  1 ? 6  
HELX_P HELX_P4 4 GLU A 78  ? GLY A 85  ? GLU A 77  GLY A 84  1 ? 8  
HELX_P HELX_P5 5 ASP A 111 ? ARG A 124 ? ASP A 110 ARG A 123 1 ? 14 
# 
_struct_conf_type.id          HELX_P 
_struct_conf_type.criteria    ? 
_struct_conf_type.reference   ? 
# 
_struct_mon_prot_cis.pdbx_id                1 
_struct_mon_prot_cis.label_comp_id          ARG 
_struct_mon_prot_cis.label_seq_id           48 
_struct_mon_prot_cis.label_asym_id          A 
_struct_mon_prot_cis.label_alt_id           . 
_struct_mon_prot_cis.pdbx_PDB_ins_code      ? 
_struct_mon_prot_cis.auth_comp_id           ARG 
_struct_mon_prot_cis.auth_seq_id            47 
_struct_mon_prot_cis.auth_asym_id           A 
_struct_mon_prot_cis.pdbx_label_comp_id_2   PRO 
_struct_mon_prot_cis.pdbx_label_seq_id_2    49 
_struct_mon_prot_cis.pdbx_label_asym_id_2   A 
_struct_mon_prot_cis.pdbx_PDB_ins_code_2    ? 
_struct_mon_prot_cis.pdbx_auth_comp_id_2    PRO 
_struct_mon_prot_cis.pdbx_auth_seq_id_2     48 
_struct_mon_prot_cis.pdbx_auth_asym_id_2    A 
_struct_mon_prot_cis.pdbx_PDB_model_num     1 
_struct_mon_prot_cis.pdbx_omega_angle       -3.32 
# 
_struct_sheet.id               AA 
_struct_sheet.type             ? 
_struct_sheet.number_strands   5 
_struct_sheet.details          ? 
# 
loop_
_struct_sheet_order.sheet_id 
_struct_sheet_order.range_id_1 
_struct_sheet_order.range_id_2 
_struct_sheet_order.offset 
_struct_sheet_order.sense 
AA 1 2 ? parallel      
AA 2 3 ? parallel      
AA 3 4 ? parallel      
AA 4 5 ? anti-parallel 
# 
loop_
_struct_sheet_range.sheet_id 
_struct_sheet_range.id 
_struct_sheet_range.beg_label_comp_id 
_struct_sheet_range.beg_label_asym_id 
_struct_sheet_range.beg_label_seq_id 
_struct_sheet_range.pdbx_beg_PDB_ins_code 
_struct_sheet_range.end_label_comp_id 
_struct_sheet_range.end_label_asym_id 
_struct_sheet_range.end_label_seq_id 
_struct_sheet_range.pdbx_end_PDB_ins_code 
_struct_sheet_range.beg_auth_comp_id 
_struct_sheet_range.beg_auth_asym_id 
_struct_sheet_range.beg_auth_seq_id 
_struct_sheet_range.end_auth_comp_id 
_struct_sheet_range.end_auth_asym_id 
_struct_sheet_range.end_auth_seq_id 
AA 1 GLU A 37  ? PHE A 42  ? GLU A 36 PHE A 41  
AA 2 ARG A 4   ? GLY A 10  ? ARG A 3  GLY A 9   
AA 3 ILE A 62  ? PRO A 67  ? ILE A 61 PRO A 66  
AA 4 LYS A 100 ? ILE A 104 ? LYS A 99 ILE A 103 
AA 5 LYS A 93  ? PHE A 97  ? LYS A 92 PHE A 96  
# 
loop_
_pdbx_struct_sheet_hbond.sheet_id 
_pdbx_struct_sheet_hbond.range_id_1 
_pdbx_struct_sheet_hbond.range_id_2 
_pdbx_struct_sheet_hbond.range_1_label_atom_id 
_pdbx_struct_sheet_hbond.range_1_label_comp_id 
_pdbx_struct_sheet_hbond.range_1_label_asym_id 
_pdbx_struct_sheet_hbond.range_1_label_seq_id 
_pdbx_struct_sheet_hbond.range_1_PDB_ins_code 
_pdbx_struct_sheet_hbond.range_1_auth_atom_id 
_pdbx_struct_sheet_hbond.range_1_auth_comp_id 
_pdbx_struct_sheet_hbond.range_1_auth_asym_id 
_pdbx_struct_sheet_hbond.range_1_auth_seq_id 
_pdbx_struct_sheet_hbond.range_2_label_atom_id 
_pdbx_struct_sheet_hbond.range_2_label_comp_id 
_pdbx_struct_sheet_hbond.range_2_label_asym_id 
_pdbx_struct_sheet_hbond.range_2_label_seq_id 
_pdbx_struct_sheet_hbond.range_2_PDB_ins_code 
_pdbx_struct_sheet_hbond.range_2_auth_atom_id 
_pdbx_struct_sheet_hbond.range_2_auth_comp_id 
_pdbx_struct_sheet_hbond.range_2_auth_asym_id 
_pdbx_struct_sheet_hbond.range_2_auth_seq_id 
AA 1 2 N LYS A 39  ? N LYS A 38  O LEU A 6   ? O LEU A 5   
AA 2 3 N GLY A 5   ? N GLY A 4   O ILE A 62  ? O ILE A 61  
AA 3 4 N ILE A 63  ? N ILE A 62  O LYS A 101 ? O LYS A 100 
AA 4 5 N ILE A 104 ? N ILE A 103 O LYS A 93  ? O LYS A 92  
# 
_atom_sites.entry_id                    2XWS 
_atom_sites.fract_transf_matrix[1][1]   -0.00636956 
_atom_sites.fract_transf_matrix[1][2]   -0.01850627 
_atom_sites.fract_transf_matrix[1][3]   0.00131688 
_atom_sites.fract_transf_matrix[2][1]   -0.01820356 
_atom_sites.fract_transf_matrix[2][2]   0.00650278 
_atom_sites.fract_transf_matrix[2][3]   0.00333639 
_atom_sites.fract_transf_matrix[3][1]   -0.00179191 
_atom_sites.fract_transf_matrix[3][2]   -0.00006934 
_atom_sites.fract_transf_matrix[3][3]   -0.00964165 
_atom_sites.fract_transf_vector[1]      0.155763 
_atom_sites.fract_transf_vector[2]      -0.175243 
_atom_sites.fract_transf_vector[3]      -0.144689 
# 
loop_
_atom_type.symbol 
C 
N 
O 
S 
# 
loop_
_atom_site.group_PDB 
_atom_site.id 
_atom_site.type_symbol 
_atom_site.label_atom_id 
_atom_site.label_alt_id 
_atom_site.label_comp_id 
_atom_site.label_asym_id 
_atom_site.label_entity_id 
_atom_site.label_seq_id 
_atom_site.pdbx_PDB_ins_code 
_atom_site.Cartn_x 
_atom_site.Cartn_y 
_atom_site.Cartn_z 
_atom_site.occupancy 
_atom_site.B_iso_or_equiv 
_atom_site.pdbx_formal_charge 
_atom_site.auth_seq_id 
_atom_site.auth_comp_id 
_atom_site.auth_asym_id 
_atom_site.auth_atom_id 
_atom_site.pdbx_PDB_model_num 
ATOM   1    N N   . GLY A 1 1   ? 7.974   -15.509 -16.061 1.00 52.89 ? 0    GLY A N   1 
ATOM   2    C CA  . GLY A 1 1   ? 6.610   -16.030 -15.710 1.00 52.21 ? 0    GLY A CA  1 
ATOM   3    C C   . GLY A 1 1   ? 5.849   -15.202 -14.665 1.00 51.21 ? 0    GLY A C   1 
ATOM   4    O O   . GLY A 1 1   ? 4.826   -15.675 -14.147 1.00 51.66 ? 0    GLY A O   1 
ATOM   5    N N   . MET A 1 2   ? 6.303   -13.952 -14.419 1.00 49.33 ? 1    MET A N   1 
ATOM   6    C CA  . MET A 1 2   ? 5.994   -13.193 -13.170 1.00 45.92 ? 1    MET A CA  1 
ATOM   7    C C   . MET A 1 2   ? 4.549   -12.862 -12.753 1.00 41.60 ? 1    MET A C   1 
ATOM   8    O O   . MET A 1 2   ? 3.789   -12.103 -13.400 1.00 41.41 ? 1    MET A O   1 
ATOM   9    C CB  . MET A 1 2   ? 6.998   -12.027 -12.858 1.00 47.36 ? 1    MET A CB  1 
ATOM   10   C CG  . MET A 1 2   ? 7.452   -11.137 -14.023 1.00 51.41 ? 1    MET A CG  1 
ATOM   11   S SD  . MET A 1 2   ? 7.373   -9.336  -13.658 1.00 60.28 ? 1    MET A SD  1 
ATOM   12   C CE  . MET A 1 2   ? 5.796   -8.869  -14.419 1.00 59.05 ? 1    MET A CE  1 
ATOM   13   N N   . ARG A 1 3   ? 4.223   -13.473 -11.621 1.00 37.24 ? 2    ARG A N   1 
ATOM   14   C CA  . ARG A 1 3   ? 3.053   -13.196 -10.812 1.00 33.06 ? 2    ARG A CA  1 
ATOM   15   C C   . ARG A 1 3   ? 3.353   -11.835 -10.149 1.00 29.37 ? 2    ARG A C   1 
ATOM   16   O O   . ARG A 1 3   ? 4.454   -11.666 -9.552  1.00 29.17 ? 2    ARG A O   1 
ATOM   17   C CB  . ARG A 1 3   ? 3.010   -14.248 -9.707  1.00 33.72 ? 2    ARG A CB  1 
ATOM   18   C CG  . ARG A 1 3   ? 2.831   -15.730 -10.140 1.00 40.96 ? 2    ARG A CG  1 
ATOM   19   C CD  . ARG A 1 3   ? 1.333   -16.136 -10.206 1.00 48.40 ? 2    ARG A CD  1 
ATOM   20   N NE  . ARG A 1 3   ? 0.641   -15.902 -8.919  1.00 56.56 ? 2    ARG A NE  1 
ATOM   21   C CZ  . ARG A 1 3   ? -0.685  -15.826 -8.766  1.00 58.27 ? 2    ARG A CZ  1 
ATOM   22   N NH1 . ARG A 1 3   ? -1.484  -15.985 -9.828  1.00 58.66 ? 2    ARG A NH1 1 
ATOM   23   N NH2 . ARG A 1 3   ? -1.210  -15.572 -7.557  1.00 58.82 ? 2    ARG A NH2 1 
ATOM   24   N N   . ARG A 1 4   ? 2.416   -10.891 -10.210 1.00 23.14 ? 3    ARG A N   1 
ATOM   25   C CA  . ARG A 1 4   ? 2.683   -9.532  -9.664  1.00 20.66 ? 3    ARG A CA  1 
ATOM   26   C C   . ARG A 1 4   ? 1.615   -9.260  -8.570  1.00 16.63 ? 3    ARG A C   1 
ATOM   27   O O   . ARG A 1 4   ? 0.418   -9.409  -8.775  1.00 15.51 ? 3    ARG A O   1 
ATOM   28   C CB  . ARG A 1 4   ? 2.449   -8.456  -10.716 1.00 22.09 ? 3    ARG A CB  1 
ATOM   29   C CG  . ARG A 1 4   ? 3.372   -8.576  -11.919 1.00 24.66 ? 3    ARG A CG  1 
ATOM   30   C CD  . ARG A 1 4   ? 3.141   -7.390  -12.927 1.00 26.69 ? 3    ARG A CD  1 
ATOM   31   N NE  . ARG A 1 4   ? 1.745   -6.962  -13.030 1.00 41.33 ? 3    ARG A NE  1 
ATOM   32   C CZ  . ARG A 1 4   ? 1.373   -5.691  -13.075 1.00 44.25 ? 3    ARG A CZ  1 
ATOM   33   N NH1 . ARG A 1 4   ? 2.284   -4.701  -13.083 1.00 46.93 ? 3    ARG A NH1 1 
ATOM   34   N NH2 . ARG A 1 4   ? 0.081   -5.406  -13.136 1.00 50.89 ? 3    ARG A NH2 1 
ATOM   35   N N   . GLY A 1 5   ? 2.086   -8.798  -7.433  1.00 12.35 ? 4    GLY A N   1 
ATOM   36   C CA  . GLY A 1 5   ? 1.168   -8.465  -6.345  1.00 10.08 ? 4    GLY A CA  1 
ATOM   37   C C   . GLY A 1 5   ? 1.247   -7.012  -5.955  1.00 8.21  ? 4    GLY A C   1 
ATOM   38   O O   . GLY A 1 5   ? 2.219   -6.295  -6.286  1.00 11.38 ? 4    GLY A O   1 
ATOM   39   N N   . LEU A 1 6   ? 0.172   -6.621  -5.260  1.00 8.17  ? 5    LEU A N   1 
ATOM   40   C CA  . LEU A 1 6   ? 0.107   -5.250  -4.733  1.00 8.28  ? 5    LEU A CA  1 
ATOM   41   C C   . LEU A 1 6   ? -0.302  -5.364  -3.241  1.00 8.14  ? 5    LEU A C   1 
ATOM   42   O O   . LEU A 1 6   ? -1.243  -6.087  -2.922  1.00 10.05 ? 5    LEU A O   1 
ATOM   43   C CB  . LEU A 1 6   ? -1.032  -4.503  -5.481  1.00 10.08 ? 5    LEU A CB  1 
ATOM   44   C CG  . LEU A 1 6   ? -1.325  -3.138  -4.859  1.00 9.21  ? 5    LEU A CG  1 
ATOM   45   C CD1 . LEU A 1 6   ? -0.158  -2.143  -4.892  1.00 10.29 ? 5    LEU A CD1 1 
ATOM   46   C CD2 . LEU A 1 6   ? -2.519  -2.513  -5.706  1.00 8.68  ? 5    LEU A CD2 1 
ATOM   47   N N   . VAL A 1 7   ? 0.450   -4.671  -2.374  1.00 8.56  ? 6    VAL A N   1 
ATOM   48   C CA  . VAL A 1 7   ? 0.064   -4.467  -0.976  1.00 7.70  ? 6    VAL A CA  1 
ATOM   49   C C   . VAL A 1 7   ? -0.172  -3.009  -0.745  1.00 7.43  ? 6    VAL A C   1 
ATOM   50   O O   . VAL A 1 7   ? 0.713   -2.135  -0.998  1.00 9.44  ? 6    VAL A O   1 
ATOM   51   C CB  . VAL A 1 7   ? 1.218   -4.955  -0.071  1.00 7.12  ? 6    VAL A CB  1 
ATOM   52   C CG1 . VAL A 1 7   ? 0.783   -4.756  1.406   1.00 8.87  ? 6    VAL A CG1 1 
ATOM   53   C CG2 . VAL A 1 7   ? 1.483   -6.447  -0.302  1.00 9.62  ? 6    VAL A CG2 1 
ATOM   54   N N   . ILE A 1 8   ? -1.443  -2.688  -0.336  1.00 8.20  ? 7    ILE A N   1 
ATOM   55   C CA  . ILE A 1 8   ? -1.827  -1.268  -0.031  1.00 6.30  ? 7    ILE A CA  1 
ATOM   56   C C   . ILE A 1 8   ? -1.648  -1.138  1.463   1.00 8.49  ? 7    ILE A C   1 
ATOM   57   O O   . ILE A 1 8   ? -2.312  -1.852  2.234   1.00 8.00  ? 7    ILE A O   1 
ATOM   58   C CB  . ILE A 1 8   ? -3.304  -1.061  -0.437  1.00 6.72  ? 7    ILE A CB  1 
ATOM   59   C CG1 . ILE A 1 8   ? -3.466  -1.449  -1.947  1.00 6.86  ? 7    ILE A CG1 1 
ATOM   60   C CG2 . ILE A 1 8   ? -3.707  0.374   -0.069  1.00 9.56  ? 7    ILE A CG2 1 
ATOM   61   C CD1 . ILE A 1 8   ? -5.018  -1.372  -2.323  1.00 7.94  ? 7    ILE A CD1 1 
ATOM   62   N N   . VAL A 1 9   ? -0.825  -0.182  1.863   1.00 6.01  ? 8    VAL A N   1 
ATOM   63   C CA  . VAL A 1 9   ? -0.401  -0.073  3.280   1.00 6.29  ? 8    VAL A CA  1 
ATOM   64   C C   . VAL A 1 9   ? -1.017  1.189   3.872   1.00 7.84  ? 8    VAL A C   1 
ATOM   65   O O   . VAL A 1 9   ? -0.934  2.328   3.335   1.00 8.89  ? 8    VAL A O   1 
ATOM   66   C CB  . VAL A 1 9   ? 1.076   0.046   3.398   1.00 8.80  ? 8    VAL A CB  1 
ATOM   67   C CG1 . VAL A 1 9   ? 1.421   0.215   4.921   1.00 10.33 ? 8    VAL A CG1 1 
ATOM   68   C CG2 . VAL A 1 9   ? 1.675   -1.202  2.941   1.00 8.75  ? 8    VAL A CG2 1 
ATOM   69   N N   . GLY A 1 10  ? -1.722  0.969   5.023   1.00 8.49  ? 9    GLY A N   1 
ATOM   70   C CA  . GLY A 1 10  ? -2.275  2.120   5.823   1.00 8.53  ? 9    GLY A CA  1 
ATOM   71   C C   . GLY A 1 10  ? -1.578  2.237   7.185   1.00 10.92 ? 9    GLY A C   1 
ATOM   72   O O   . GLY A 1 10  ? -0.536  1.622   7.442   1.00 9.71  ? 9    GLY A O   1 
ATOM   73   N N   . HIS A 1 11  ? -2.154  3.091   8.045   1.00 9.80  ? 10   HIS A N   1 
ATOM   74   C CA  . HIS A 1 11  ? -1.663  3.338   9.396   1.00 9.95  ? 10   HIS A CA  1 
ATOM   75   C C   . HIS A 1 11  ? -2.424  2.568   10.427  1.00 11.64 ? 10   HIS A C   1 
ATOM   76   O O   . HIS A 1 11  ? -2.988  1.485   10.080  1.00 14.14 ? 10   HIS A O   1 
ATOM   77   C CB  . HIS A 1 11  ? -1.615  4.837   9.604   1.00 11.03 ? 10   HIS A CB  1 
ATOM   78   C CG  . HIS A 1 11  ? -2.930  5.487   9.321   1.00 13.07 ? 10   HIS A CG  1 
ATOM   79   N ND1 . HIS A 1 11  ? -3.142  6.355   8.268   1.00 15.70 ? 10   HIS A ND1 1 
ATOM   80   C CD2 . HIS A 1 11  ? -4.140  5.315   9.924   1.00 9.83  ? 10   HIS A CD2 1 
ATOM   81   C CE1 . HIS A 1 11  ? -4.436  6.732   8.282   1.00 11.66 ? 10   HIS A CE1 1 
ATOM   82   N NE2 . HIS A 1 11  ? -5.042  6.095   9.267   1.00 18.49 ? 10   HIS A NE2 1 
ATOM   83   N N   . GLY A 1 12  ? -2.361  3.055   11.689  1.00 12.31 ? 11   GLY A N   1 
ATOM   84   C CA  . GLY A 1 12  ? -2.942  2.257   12.803  1.00 13.74 ? 11   GLY A CA  1 
ATOM   85   C C   . GLY A 1 12  ? -4.404  2.525   13.106  1.00 14.36 ? 11   GLY A C   1 
ATOM   86   O O   . GLY A 1 12  ? -4.922  1.980   14.086  1.00 12.20 ? 11   GLY A O   1 
ATOM   87   N N   . SER A 1 13  ? -5.064  3.339   12.304  1.00 10.89 ? 12   SER A N   1 
ATOM   88   C CA  . SER A 1 13  ? -6.498  3.626   12.603  1.00 9.77  ? 12   SER A CA  1 
ATOM   89   C C   . SER A 1 13  ? -7.295  2.332   12.593  1.00 10.73 ? 12   SER A C   1 
ATOM   90   O O   . SER A 1 13  ? -7.196  1.472   11.692  1.00 10.94 ? 12   SER A O   1 
ATOM   91   C CB  . SER A 1 13  ? -7.064  4.545   11.531  1.00 10.63 ? 12   SER A CB  1 
ATOM   92   O OG  . SER A 1 13  ? -8.526  4.574   11.627  1.00 12.49 ? 12   SER A OG  1 
ATOM   93   N N   . GLN A 1 14  ? -8.141  2.203   13.632  1.00 9.77  ? 13   GLN A N   1 
ATOM   94   C CA  . GLN A 1 14  ? -9.040  1.082   13.679  1.00 12.07 ? 13   GLN A CA  1 
ATOM   95   C C   . GLN A 1 14  ? -10.493 1.542   13.546  1.00 13.04 ? 13   GLN A C   1 
ATOM   96   O O   . GLN A 1 14  ? -11.446 0.768   13.790  1.00 13.53 ? 13   GLN A O   1 
ATOM   97   C CB  . GLN A 1 14  ? -8.870  0.320   14.980  1.00 14.48 ? 13   GLN A CB  1 
ATOM   98   C CG  . GLN A 1 14  ? -7.528  -0.411  14.915  1.00 16.42 ? 13   GLN A CG  1 
ATOM   99   C CD  . GLN A 1 14  ? -7.537  -1.356  16.201  1.00 23.23 ? 13   GLN A CD  1 
ATOM   100  O OE1 . GLN A 1 14  ? -7.009  -0.951  17.184  1.00 16.73 ? 13   GLN A OE1 1 
ATOM   101  N NE2 . GLN A 1 14  ? -8.270  -2.479  16.178  1.00 23.81 ? 13   GLN A NE2 1 
ATOM   102  N N   . LEU A 1 15  ? -10.632 2.780   13.065  1.00 11.84 ? 14   LEU A N   1 
ATOM   103  C CA  . LEU A 1 15  ? -11.988 3.209   12.689  1.00 11.51 ? 14   LEU A CA  1 
ATOM   104  C C   . LEU A 1 15  ? -12.554 2.240   11.635  1.00 11.50 ? 14   LEU A C   1 
ATOM   105  O O   . LEU A 1 15  ? -11.927 1.834   10.632  1.00 10.12 ? 14   LEU A O   1 
ATOM   106  C CB  . LEU A 1 15  ? -11.927 4.615   12.137  1.00 12.49 ? 14   LEU A CB  1 
ATOM   107  C CG  . LEU A 1 15  ? -13.203 5.390   11.742  1.00 16.63 ? 14   LEU A CG  1 
ATOM   108  C CD1 . LEU A 1 15  ? -13.716 6.034   13.035  1.00 21.89 ? 14   LEU A CD1 1 
ATOM   109  C CD2 . LEU A 1 15  ? -12.843 6.487   10.680  1.00 17.41 ? 14   LEU A CD2 1 
ATOM   110  N N   . ASN A 1 16  ? -13.789 1.835   11.795  1.00 11.04 ? 15   ASN A N   1 
ATOM   111  C CA  . ASN A 1 16  ? -14.355 0.862   10.920  1.00 12.23 ? 15   ASN A CA  1 
ATOM   112  C C   . ASN A 1 16  ? -14.456 1.338   9.485   1.00 9.84  ? 15   ASN A C   1 
ATOM   113  O O   . ASN A 1 16  ? -14.174 0.579   8.571   1.00 11.24 ? 15   ASN A O   1 
ATOM   114  C CB  . ASN A 1 16  ? -15.744 0.443   11.401  1.00 12.44 ? 15   ASN A CB  1 
ATOM   115  C CG  . ASN A 1 16  ? -16.396 -0.564  10.486  1.00 13.02 ? 15   ASN A CG  1 
ATOM   116  O OD1 . ASN A 1 16  ? -17.354 -0.223  9.686   1.00 19.13 ? 15   ASN A OD1 1 
ATOM   117  N ND2 . ASN A 1 16  ? -15.913 -1.822  10.566  1.00 14.76 ? 15   ASN A ND2 1 
ATOM   118  N N   . HIS A 1 17  ? -14.744 2.642   9.297   1.00 9.65  ? 16   HIS A N   1 
ATOM   119  C CA  . HIS A 1 17  ? -14.920 3.134   7.916   1.00 9.82  ? 16   HIS A CA  1 
ATOM   120  C C   . HIS A 1 17  ? -13.462 3.133   7.288   1.00 11.25 ? 16   HIS A C   1 
ATOM   121  O O   . HIS A 1 17  ? -13.383 2.900   6.091   1.00 10.71 ? 16   HIS A O   1 
ATOM   122  C CB  . HIS A 1 17  ? -15.466 4.529   7.893   1.00 10.70 ? 16   HIS A CB  1 
ATOM   123  C CG  . HIS A 1 17  ? -15.657 5.085   6.515   1.00 10.97 ? 16   HIS A CG  1 
ATOM   124  N ND1 . HIS A 1 17  ? -16.438 4.510   5.547   1.00 11.91 ? 16   HIS A ND1 1 
ATOM   125  C CD2 . HIS A 1 17  ? -15.192 6.244   5.994   1.00 7.29  ? 16   HIS A CD2 1 
ATOM   126  C CE1 . HIS A 1 17  ? -16.364 5.231   4.420   1.00 6.89  ? 16   HIS A CE1 1 
ATOM   127  N NE2 . HIS A 1 17  ? -15.606 6.297   4.685   1.00 13.81 ? 16   HIS A NE2 1 
ATOM   128  N N   . TYR A 1 18  ? -12.410 3.430   8.064   1.00 11.34 ? 17   TYR A N   1 
ATOM   129  C CA  . TYR A 1 18  ? -11.031 3.326   7.463   1.00 11.25 ? 17   TYR A CA  1 
ATOM   130  C C   . TYR A 1 18  ? -10.768 1.930   6.926   1.00 12.53 ? 17   TYR A C   1 
ATOM   131  O O   . TYR A 1 18  ? -10.355 1.761   5.769   1.00 11.82 ? 17   TYR A O   1 
ATOM   132  C CB  . TYR A 1 18  ? -10.031 3.717   8.511   1.00 9.92  ? 17   TYR A CB  1 
ATOM   133  C CG  . TYR A 1 18  ? -8.682  3.713   7.944   1.00 8.00  ? 17   TYR A CG  1 
ATOM   134  C CD1 . TYR A 1 18  ? -8.283  4.725   7.056   1.00 11.88 ? 17   TYR A CD1 1 
ATOM   135  C CD2 . TYR A 1 18  ? -7.755  2.858   8.483   1.00 9.05  ? 17   TYR A CD2 1 
ATOM   136  C CE1 . TYR A 1 18  ? -6.952  4.742   6.580   1.00 14.21 ? 17   TYR A CE1 1 
ATOM   137  C CE2 . TYR A 1 18  ? -6.439  2.819   7.966   1.00 8.90  ? 17   TYR A CE2 1 
ATOM   138  C CZ  . TYR A 1 18  ? -6.059  3.771   7.052   1.00 11.47 ? 17   TYR A CZ  1 
ATOM   139  O OH  . TYR A 1 18  ? -4.729  3.810   6.615   1.00 11.88 ? 17   TYR A OH  1 
ATOM   140  N N   . ARG A 1 19  ? -11.087 0.915   7.690   1.00 11.51 ? 18   ARG A N   1 
ATOM   141  C CA  . ARG A 1 19  ? -10.901 -0.402  7.238   1.00 11.11 ? 18   ARG A CA  1 
ATOM   142  C C   . ARG A 1 19  ? -11.756 -0.697  5.968   1.00 10.95 ? 18   ARG A C   1 
ATOM   143  O O   . ARG A 1 19  ? -11.373 -1.412  5.026   1.00 12.20 ? 18   ARG A O   1 
ATOM   144  C CB  . ARG A 1 19  ? -11.136 -1.388  8.427   1.00 12.05 ? 18   ARG A CB  1 
ATOM   145  C CG  . ARG A 1 19  ? -10.258 -1.127  9.658   1.00 14.48 ? 18   ARG A CG  1 
ATOM   146  C CD  . ARG A 1 19  ? -8.788  -1.044  9.258   1.00 21.92 ? 18   ARG A CD  1 
ATOM   147  N NE  . ARG A 1 19  ? -7.782  -1.186  10.388  1.00 22.43 ? 18   ARG A NE  1 
ATOM   148  C CZ  . ARG A 1 19  ? -7.227  -2.364  10.844  1.00 21.39 ? 18   ARG A CZ  1 
ATOM   149  N NH1 . ARG A 1 19  ? -7.692  -3.577  10.429  1.00 27.58 ? 18   ARG A NH1 1 
ATOM   150  N NH2 . ARG A 1 19  ? -6.314  -2.311  11.783  1.00 20.17 ? 18   ARG A NH2 1 
ATOM   151  N N   . GLU A 1 20  ? -12.989 -0.169  5.964   1.00 9.48  ? 19   GLU A N   1 
ATOM   152  C CA  . GLU A 1 20  ? -13.871 -0.383  4.831   1.00 9.75  ? 19   GLU A CA  1 
ATOM   153  C C   . GLU A 1 20  ? -13.364 0.318   3.562   1.00 10.23 ? 19   GLU A C   1 
ATOM   154  O O   . GLU A 1 20  ? -13.449 -0.268  2.507   1.00 11.05 ? 19   GLU A O   1 
ATOM   155  C CB  . GLU A 1 20  ? -15.267 0.156   5.164   1.00 11.98 ? 19   GLU A CB  1 
ATOM   156  C CG  . GLU A 1 20  ? -15.954 -0.711  6.183   1.00 13.95 ? 19   GLU A CG  1 
ATOM   157  C CD  . GLU A 1 20  ? -17.423 -0.210  6.369   1.00 21.37 ? 19   GLU A CD  1 
ATOM   158  O OE1 . GLU A 1 20  ? -17.732 1.020   6.105   1.00 17.89 ? 19   GLU A OE1 1 
ATOM   159  O OE2 . GLU A 1 20  ? -18.261 -1.021  6.825   1.00 22.59 ? 19   GLU A OE2 1 
ATOM   160  N N   . VAL A 1 21  ? -12.807 1.532   3.685   1.00 8.71  ? 20   VAL A N   1 
ATOM   161  C CA  . VAL A 1 21  ? -12.246 2.235   2.530   1.00 8.65  ? 20   VAL A CA  1 
ATOM   162  C C   . VAL A 1 21  ? -11.010 1.412   2.021   1.00 9.43  ? 20   VAL A C   1 
ATOM   163  O O   . VAL A 1 21  ? -10.840 1.268   0.819   1.00 8.62  ? 20   VAL A O   1 
ATOM   164  C CB  . VAL A 1 21  ? -11.864 3.633   2.939   1.00 7.73  ? 20   VAL A CB  1 
ATOM   165  C CG1 . VAL A 1 21  ? -11.050 4.364   1.780   1.00 9.45  ? 20   VAL A CG1 1 
ATOM   166  C CG2 . VAL A 1 21  ? -13.113 4.436   3.229   1.00 10.65 ? 20   VAL A CG2 1 
ATOM   167  N N   . MET A 1 22  ? -10.126 0.967   2.896   1.00 9.36  ? 21   MET A N   1 
ATOM   168  C CA  A MET A 1 22  ? -8.959  0.183   2.391   0.50 10.21 ? 21   MET A CA  1 
ATOM   169  C CA  B MET A 1 22  ? -8.933  0.132   2.473   0.50 10.32 ? 21   MET A CA  1 
ATOM   170  C C   . MET A 1 22  ? -9.442  -1.038  1.662   1.00 10.10 ? 21   MET A C   1 
ATOM   171  O O   . MET A 1 22  ? -8.979  -1.312  0.543   1.00 10.79 ? 21   MET A O   1 
ATOM   172  C CB  A MET A 1 22  ? -8.047  -0.179  3.521   0.50 10.61 ? 21   MET A CB  1 
ATOM   173  C CB  B MET A 1 22  ? -8.159  -0.395  3.691   0.50 10.86 ? 21   MET A CB  1 
ATOM   174  C CG  A MET A 1 22  ? -7.565  1.047   4.185   0.50 10.76 ? 21   MET A CG  1 
ATOM   175  C CG  B MET A 1 22  ? -7.491  0.682   4.506   0.50 11.94 ? 21   MET A CG  1 
ATOM   176  S SD  A MET A 1 22  ? -6.061  0.659   5.078   0.50 13.55 ? 21   MET A SD  1 
ATOM   177  S SD  B MET A 1 22  ? -6.098  1.445   3.666   0.50 11.95 ? 21   MET A SD  1 
ATOM   178  C CE  A MET A 1 22  ? -4.960  0.267   3.708   0.50 16.45 ? 21   MET A CE  1 
ATOM   179  C CE  B MET A 1 22  ? -4.915  0.079   3.572   0.50 14.25 ? 21   MET A CE  1 
ATOM   180  N N   . GLU A 1 23  ? -10.440 -1.748  2.207   1.00 9.36  ? 22   GLU A N   1 
ATOM   181  C CA  . GLU A 1 23  ? -10.976 -2.871  1.510   1.00 10.38 ? 22   GLU A CA  1 
ATOM   182  C C   . GLU A 1 23  ? -11.648 -2.482  0.137   1.00 8.35  ? 22   GLU A C   1 
ATOM   183  O O   . GLU A 1 23  ? -11.557 -3.240  -0.775  1.00 11.89 ? 22   GLU A O   1 
ATOM   184  C CB  . GLU A 1 23  ? -12.000 -3.556  2.429   1.00 10.30 ? 22   GLU A CB  1 
ATOM   185  C CG  . GLU A 1 23  ? -12.770 -4.690  1.725   1.00 13.94 ? 22   GLU A CG  1 
ATOM   186  C CD  . GLU A 1 23  ? -11.889 -5.865  1.192   1.00 14.30 ? 22   GLU A CD  1 
ATOM   187  O OE1 . GLU A 1 23  ? -10.743 -6.073  1.666   1.00 17.49 ? 22   GLU A OE1 1 
ATOM   188  O OE2 . GLU A 1 23  ? -12.359 -6.526  0.248   1.00 18.91 ? 22   GLU A OE2 1 
ATOM   189  N N   . LEU A 1 24  ? -12.388 -1.389  0.091   1.00 9.46  ? 23   LEU A N   1 
ATOM   190  C CA  . LEU A 1 24  ? -13.001 -0.893  -1.134  1.00 10.50 ? 23   LEU A CA  1 
ATOM   191  C C   . LEU A 1 24  ? -11.933 -0.781  -2.264  1.00 10.76 ? 23   LEU A C   1 
ATOM   192  O O   . LEU A 1 24  ? -12.120 -1.293  -3.390  1.00 10.22 ? 23   LEU A O   1 
ATOM   193  C CB  . LEU A 1 24  ? -13.677 0.481   -0.850  1.00 10.30 ? 23   LEU A CB  1 
ATOM   194  C CG  . LEU A 1 24  ? -14.312 1.138   -2.053  1.00 12.33 ? 23   LEU A CG  1 
ATOM   195  C CD1 . LEU A 1 24  ? -15.548 0.369   -2.625  1.00 17.39 ? 23   LEU A CD1 1 
ATOM   196  C CD2 . LEU A 1 24  ? -14.669 2.611   -1.578  1.00 13.67 ? 23   LEU A CD2 1 
ATOM   197  N N   . HIS A 1 25  ? -10.803 -0.088  -1.958  1.00 9.00  ? 24   HIS A N   1 
ATOM   198  C CA  . HIS A 1 25  ? -9.722  -0.049  -2.985  1.00 8.97  ? 24   HIS A CA  1 
ATOM   199  C C   . HIS A 1 25  ? -9.135  -1.384  -3.335  1.00 9.84  ? 24   HIS A C   1 
ATOM   200  O O   . HIS A 1 25  ? -8.844  -1.679  -4.497  1.00 10.13 ? 24   HIS A O   1 
ATOM   201  C CB  . HIS A 1 25  ? -8.624  0.970   -2.586  1.00 8.86  ? 24   HIS A CB  1 
ATOM   202  C CG  . HIS A 1 25  ? -9.195  2.347   -2.387  1.00 8.08  ? 24   HIS A CG  1 
ATOM   203  N ND1 . HIS A 1 25  ? -9.810  3.041   -3.415  1.00 9.83  ? 24   HIS A ND1 1 
ATOM   204  C CD2 . HIS A 1 25  ? -9.353  3.101   -1.274  1.00 7.48  ? 24   HIS A CD2 1 
ATOM   205  C CE1 . HIS A 1 25  ? -10.283 4.179   -2.932  1.00 9.51  ? 24   HIS A CE1 1 
ATOM   206  N NE2 . HIS A 1 25  ? -10.000 4.235   -1.632  1.00 7.43  ? 24   HIS A NE2 1 
ATOM   207  N N   . ARG A 1 26  ? -8.926  -2.208  -2.279  1.00 9.77  ? 25   ARG A N   1 
ATOM   208  C CA  . ARG A 1 26  ? -8.347  -3.514  -2.521  1.00 10.64 ? 25   ARG A CA  1 
ATOM   209  C C   . ARG A 1 26  ? -9.247  -4.344  -3.454  1.00 9.93  ? 25   ARG A C   1 
ATOM   210  O O   . ARG A 1 26  ? -8.722  -4.930  -4.389  1.00 10.59 ? 25   ARG A O   1 
ATOM   211  C CB  . ARG A 1 26  ? -8.191  -4.215  -1.154  1.00 10.24 ? 25   ARG A CB  1 
ATOM   212  C CG  . ARG A 1 26  ? -7.266  -5.493  -1.323  1.00 12.07 ? 25   ARG A CG  1 
ATOM   213  C CD  . ARG A 1 26  ? -7.622  -6.551  -0.286  1.00 13.24 ? 25   ARG A CD  1 
ATOM   214  N NE  . ARG A 1 26  ? -9.007  -7.024  -0.494  1.00 14.25 ? 25   ARG A NE  1 
ATOM   215  C CZ  . ARG A 1 26  ? -9.352  -7.823  -1.507  1.00 17.82 ? 25   ARG A CZ  1 
ATOM   216  N NH1 . ARG A 1 26  ? -8.419  -8.371  -2.289  1.00 14.67 ? 25   ARG A NH1 1 
ATOM   217  N NH2 . ARG A 1 26  ? -10.602 -8.175  -1.680  1.00 18.59 ? 25   ARG A NH2 1 
ATOM   218  N N   . LYS A 1 27  ? -10.574 -4.313  -3.200  1.00 10.11 ? 26   LYS A N   1 
ATOM   219  C CA  . LYS A 1 27  ? -11.501 -5.067  -3.993  1.00 12.10 ? 26   LYS A CA  1 
ATOM   220  C C   . LYS A 1 27  ? -11.619 -4.544  -5.436  1.00 11.62 ? 26   LYS A C   1 
ATOM   221  O O   . LYS A 1 27  ? -11.593 -5.309  -6.426  1.00 11.63 ? 26   LYS A O   1 
ATOM   222  C CB  . LYS A 1 27  ? -12.892 -5.046  -3.286  1.00 13.64 ? 26   LYS A CB  1 
ATOM   223  C CG  . LYS A 1 27  ? -13.854 -5.873  -4.157  1.00 16.64 ? 26   LYS A CG  1 
ATOM   224  C CD  . LYS A 1 27  ? -13.463 -7.393  -4.193  1.00 27.41 ? 26   LYS A CD  1 
ATOM   225  C CE  . LYS A 1 27  ? -14.245 -8.257  -5.257  1.00 34.54 ? 26   LYS A CE  1 
ATOM   226  N NZ  . LYS A 1 27  ? -15.709 -8.057  -5.102  1.00 42.78 ? 26   LYS A NZ  1 
ATOM   227  N N   . ARG A 1 28  ? -11.695 -3.220  -5.537  1.00 9.34  ? 27   ARG A N   1 
ATOM   228  C CA  . ARG A 1 28  ? -11.741 -2.636  -6.877  1.00 9.66  ? 27   ARG A CA  1 
ATOM   229  C C   . ARG A 1 28  ? -10.495 -3.060  -7.714  1.00 10.01 ? 27   ARG A C   1 
ATOM   230  O O   . ARG A 1 28  ? -10.597 -3.376  -8.902  1.00 11.13 ? 27   ARG A O   1 
ATOM   231  C CB  . ARG A 1 28  ? -11.717 -1.116  -6.799  1.00 8.28  ? 27   ARG A CB  1 
ATOM   232  C CG  . ARG A 1 28  ? -13.096 -0.578  -6.412  1.00 9.51  ? 27   ARG A CG  1 
ATOM   233  C CD  . ARG A 1 28  ? -12.958 0.931   -6.131  1.00 8.16  ? 27   ARG A CD  1 
ATOM   234  N NE  . ARG A 1 28  ? -14.257 1.557   -5.807  1.00 11.50 ? 27   ARG A NE  1 
ATOM   235  C CZ  . ARG A 1 28  ? -14.364 2.834   -5.342  1.00 9.98  ? 27   ARG A CZ  1 
ATOM   236  N NH1 . ARG A 1 28  ? -13.278 3.634   -5.267  1.00 10.99 ? 27   ARG A NH1 1 
ATOM   237  N NH2 . ARG A 1 28  ? -15.618 3.326   -5.056  1.00 12.73 ? 27   ARG A NH2 1 
ATOM   238  N N   . ILE A 1 29  ? -9.307  -3.034  -7.096  1.00 9.42  ? 28   ILE A N   1 
ATOM   239  C CA  . ILE A 1 29  ? -8.132  -3.345  -7.802  1.00 8.85  ? 28   ILE A CA  1 
ATOM   240  C C   . ILE A 1 29  ? -8.097  -4.888  -8.109  1.00 10.89 ? 28   ILE A C   1 
ATOM   241  O O   . ILE A 1 29  ? -7.668  -5.292  -9.218  1.00 11.03 ? 28   ILE A O   1 
ATOM   242  C CB  . ILE A 1 29  ? -6.899  -2.748  -7.089  1.00 10.11 ? 28   ILE A CB  1 
ATOM   243  C CG1 . ILE A 1 29  ? -7.015  -1.222  -7.185  1.00 8.19  ? 28   ILE A CG1 1 
ATOM   244  C CG2 . ILE A 1 29  ? -5.644  -3.197  -7.841  1.00 9.29  ? 28   ILE A CG2 1 
ATOM   245  C CD1 . ILE A 1 29  ? -5.936  -0.506  -6.337  1.00 9.82  ? 28   ILE A CD1 1 
ATOM   246  N N   . GLU A 1 30  ? -8.434  -5.697  -7.110  1.00 10.36 ? 29   GLU A N   1 
ATOM   247  C CA  . GLU A 1 30  ? -8.536  -7.153  -7.380  1.00 12.28 ? 29   GLU A CA  1 
ATOM   248  C C   . GLU A 1 30  ? -9.432  -7.448  -8.559  1.00 11.31 ? 29   GLU A C   1 
ATOM   249  O O   . GLU A 1 30  ? -9.016  -8.195  -9.472  1.00 14.48 ? 29   GLU A O   1 
ATOM   250  C CB  . GLU A 1 30  ? -9.054  -7.860  -6.147  1.00 14.17 ? 29   GLU A CB  1 
ATOM   251  C CG  . GLU A 1 30  ? -9.341  -9.416  -6.369  1.00 17.17 ? 29   GLU A CG  1 
ATOM   252  C CD  . GLU A 1 30  ? -9.761  -9.952  -5.018  1.00 24.28 ? 29   GLU A CD  1 
ATOM   253  O OE1 . GLU A 1 30  ? -10.935 -9.879  -4.667  1.00 32.69 ? 29   GLU A OE1 1 
ATOM   254  O OE2 . GLU A 1 30  ? -8.884  -10.351 -4.255  1.00 26.32 ? 29   GLU A OE2 1 
ATOM   255  N N   . GLU A 1 31  ? -10.604 -6.852  -8.567  1.00 13.78 ? 30   GLU A N   1 
ATOM   256  C CA  . GLU A 1 31  ? -11.526 -7.081  -9.706  1.00 15.70 ? 30   GLU A CA  1 
ATOM   257  C C   . GLU A 1 31  ? -11.052 -6.601  -11.040 1.00 16.73 ? 30   GLU A C   1 
ATOM   258  O O   . GLU A 1 31  ? -11.482 -7.075  -12.122 1.00 17.94 ? 30   GLU A O   1 
ATOM   259  C CB  . GLU A 1 31  ? -12.897 -6.477  -9.454  1.00 16.60 ? 30   GLU A CB  1 
ATOM   260  C CG  . GLU A 1 31  ? -13.613 -7.043  -8.378  1.00 23.53 ? 30   GLU A CG  1 
ATOM   261  C CD  . GLU A 1 31  ? -14.831 -6.139  -8.029  1.00 38.88 ? 30   GLU A CD  1 
ATOM   262  O OE1 . GLU A 1 31  ? -14.893 -4.877  -8.362  1.00 42.97 ? 30   GLU A OE1 1 
ATOM   263  O OE2 . GLU A 1 31  ? -15.735 -6.694  -7.363  1.00 42.77 ? 30   GLU A OE2 1 
ATOM   264  N N   . SER A 1 32  ? -10.187 -5.631  -11.051 1.00 14.50 ? 31   SER A N   1 
ATOM   265  C CA  . SER A 1 32  ? -9.687  -5.118  -12.286 1.00 15.87 ? 31   SER A CA  1 
ATOM   266  C C   . SER A 1 32  ? -8.798  -6.044  -13.048 1.00 15.90 ? 31   SER A C   1 
ATOM   267  O O   . SER A 1 32  ? -8.514  -5.849  -14.231 1.00 15.88 ? 31   SER A O   1 
ATOM   268  C CB  . SER A 1 32  ? -8.952  -3.820  -12.052 1.00 14.13 ? 31   SER A CB  1 
ATOM   269  O OG  . SER A 1 32  ? -7.717  -4.035  -11.503 1.00 13.19 ? 31   SER A OG  1 
ATOM   270  N N   . GLY A 1 33  ? -8.226  -7.024  -12.321 1.00 15.45 ? 32   GLY A N   1 
ATOM   271  C CA  . GLY A 1 33  ? -7.188  -7.847  -12.864 1.00 15.99 ? 32   GLY A CA  1 
ATOM   272  C C   . GLY A 1 33  ? -5.839  -7.257  -13.107 1.00 15.38 ? 32   GLY A C   1 
ATOM   273  O O   . GLY A 1 33  ? -4.975  -7.881  -13.704 1.00 18.59 ? 32   GLY A O   1 
ATOM   274  N N   . ALA A 1 34  ? -5.626  -6.021  -12.682 1.00 16.67 ? 33   ALA A N   1 
ATOM   275  C CA  . ALA A 1 34  ? -4.337  -5.336  -12.875 1.00 15.18 ? 33   ALA A CA  1 
ATOM   276  C C   . ALA A 1 34  ? -3.155  -6.099  -12.232 1.00 14.77 ? 33   ALA A C   1 
ATOM   277  O O   . ALA A 1 34  ? -2.003  -6.121  -12.740 1.00 16.19 ? 33   ALA A O   1 
ATOM   278  C CB  . ALA A 1 34  ? -4.462  -3.921  -12.325 1.00 14.18 ? 33   ALA A CB  1 
ATOM   279  N N   . PHE A 1 35  ? -3.446  -6.832  -11.131 1.00 14.83 ? 34   PHE A N   1 
ATOM   280  C CA  . PHE A 1 35  ? -2.410  -7.651  -10.427 1.00 15.61 ? 34   PHE A CA  1 
ATOM   281  C C   . PHE A 1 35  ? -2.938  -9.071  -10.184 1.00 15.05 ? 34   PHE A C   1 
ATOM   282  O O   . PHE A 1 35  ? -4.156  -9.314  -10.306 1.00 21.31 ? 34   PHE A O   1 
ATOM   283  C CB  . PHE A 1 35  ? -2.076  -7.046  -9.056  1.00 14.49 ? 34   PHE A CB  1 
ATOM   284  C CG  . PHE A 1 35  ? -1.544  -5.636  -9.182  1.00 14.02 ? 34   PHE A CG  1 
ATOM   285  C CD1 . PHE A 1 35  ? -2.422  -4.529  -9.314  1.00 12.44 ? 34   PHE A CD1 1 
ATOM   286  C CD2 . PHE A 1 35  ? -0.172  -5.432  -9.325  1.00 14.16 ? 34   PHE A CD2 1 
ATOM   287  C CE1 . PHE A 1 35  ? -1.832  -3.231  -9.471  1.00 10.54 ? 34   PHE A CE1 1 
ATOM   288  C CE2 . PHE A 1 35  ? 0.415   -4.130  -9.517  1.00 13.44 ? 34   PHE A CE2 1 
ATOM   289  C CZ  . PHE A 1 35  ? -0.458  -3.032  -9.639  1.00 14.84 ? 34   PHE A CZ  1 
ATOM   290  N N   . ASP A 1 36  ? -2.017  -9.943  -9.835  1.00 16.83 ? 35   ASP A N   1 
ATOM   291  C CA  . ASP A 1 36  ? -2.375  -11.342 -9.602  1.00 16.81 ? 35   ASP A CA  1 
ATOM   292  C C   . ASP A 1 36  ? -2.950  -11.441 -8.171  1.00 16.53 ? 35   ASP A C   1 
ATOM   293  O O   . ASP A 1 36  ? -3.813  -12.273 -7.901  1.00 17.47 ? 35   ASP A O   1 
ATOM   294  C CB  . ASP A 1 36  ? -1.134  -12.178 -9.789  1.00 17.92 ? 35   ASP A CB  1 
ATOM   295  C CG  . ASP A 1 36  ? -0.697  -12.265 -11.273 1.00 21.44 ? 35   ASP A CG  1 
ATOM   296  O OD1 . ASP A 1 36  ? -1.477  -12.873 -12.085 1.00 27.70 ? 35   ASP A OD1 1 
ATOM   297  O OD2 . ASP A 1 36  ? 0.358   -11.717 -11.609 1.00 23.12 ? 35   ASP A OD2 1 
ATOM   298  N N   . GLU A 1 37  ? -2.530  -10.564 -7.264  1.00 12.97 ? 36   GLU A N   1 
ATOM   299  C CA  . GLU A 1 37  ? -2.952  -10.656 -5.832  1.00 14.43 ? 36   GLU A CA  1 
ATOM   300  C C   . GLU A 1 37  ? -2.860  -9.263  -5.256  1.00 10.85 ? 36   GLU A C   1 
ATOM   301  O O   . GLU A 1 37  ? -1.954  -8.521  -5.628  1.00 12.53 ? 36   GLU A O   1 
ATOM   302  C CB  . GLU A 1 37  ? -2.019  -11.592 -5.064  1.00 15.32 ? 36   GLU A CB  1 
ATOM   303  C CG  . GLU A 1 37  ? -2.629  -11.912 -3.742  1.00 22.13 ? 36   GLU A CG  1 
ATOM   304  C CD  . GLU A 1 37  ? -1.925  -13.131 -3.043  1.00 32.13 ? 36   GLU A CD  1 
ATOM   305  O OE1 . GLU A 1 37  ? -1.019  -13.791 -3.665  1.00 32.38 ? 36   GLU A OE1 1 
ATOM   306  O OE2 . GLU A 1 37  ? -2.297  -13.375 -1.856  1.00 32.77 ? 36   GLU A OE2 1 
ATOM   307  N N   . VAL A 1 38  ? -3.944  -8.864  -4.506  1.00 12.04 ? 37   VAL A N   1 
ATOM   308  C CA  . VAL A 1 38  ? -3.972  -7.536  -3.915  1.00 10.69 ? 37   VAL A CA  1 
ATOM   309  C C   . VAL A 1 38  ? -4.348  -7.693  -2.438  1.00 11.88 ? 37   VAL A C   1 
ATOM   310  O O   . VAL A 1 38  ? -5.377  -8.323  -2.114  1.00 12.24 ? 37   VAL A O   1 
ATOM   311  C CB  . VAL A 1 38  ? -5.075  -6.658  -4.580  1.00 10.68 ? 37   VAL A CB  1 
ATOM   312  C CG1 . VAL A 1 38  ? -4.922  -5.201  -4.092  1.00 12.43 ? 37   VAL A CG1 1 
ATOM   313  C CG2 . VAL A 1 38  ? -4.907  -6.652  -6.097  1.00 12.24 ? 37   VAL A CG2 1 
ATOM   314  N N   . LYS A 1 39  ? -3.517  -7.174  -1.532  1.00 9.46  ? 38   LYS A N   1 
ATOM   315  C CA  . LYS A 1 39  ? -3.747  -7.296  -0.114  1.00 11.30 ? 38   LYS A CA  1 
ATOM   316  C C   . LYS A 1 39  ? -3.615  -5.965  0.565   1.00 10.70 ? 38   LYS A C   1 
ATOM   317  O O   . LYS A 1 39  ? -2.990  -5.012  0.020   1.00 12.84 ? 38   LYS A O   1 
ATOM   318  C CB  . LYS A 1 39  ? -2.653  -8.188  0.498   1.00 11.34 ? 38   LYS A CB  1 
ATOM   319  C CG  . LYS A 1 39  ? -2.731  -9.655  0.125   1.00 18.23 ? 38   LYS A CG  1 
ATOM   320  C CD  . LYS A 1 39  ? -1.764  -10.383 1.061   1.00 27.73 ? 38   LYS A CD  1 
ATOM   321  C CE  . LYS A 1 39  ? -2.201  -11.769 1.448   1.00 33.50 ? 38   LYS A CE  1 
ATOM   322  N NZ  . LYS A 1 39  ? -0.895  -12.411 1.813   1.00 32.85 ? 38   LYS A NZ  1 
ATOM   323  N N   . ILE A 1 40  ? -4.275  -5.843  1.736   1.00 9.56  ? 39   ILE A N   1 
ATOM   324  C CA  . ILE A 1 40  ? -4.047  -4.650  2.581   1.00 9.34  ? 39   ILE A CA  1 
ATOM   325  C C   . ILE A 1 40  ? -3.170  -5.001  3.765   1.00 11.36 ? 39   ILE A C   1 
ATOM   326  O O   . ILE A 1 40  ? -3.206  -6.138  4.239   1.00 12.47 ? 39   ILE A O   1 
ATOM   327  C CB  . ILE A 1 40  ? -5.369  -4.008  3.063   1.00 11.35 ? 39   ILE A CB  1 
ATOM   328  C CG1 . ILE A 1 40  ? -6.126  -4.942  3.887   1.00 18.06 ? 39   ILE A CG1 1 
ATOM   329  C CG2 . ILE A 1 40  ? -6.205  -3.625  1.882   1.00 13.23 ? 39   ILE A CG2 1 
ATOM   330  C CD1 . ILE A 1 40  ? -7.276  -4.124  4.676   1.00 21.31 ? 39   ILE A CD1 1 
ATOM   331  N N   . ALA A 1 41  ? -2.387  -4.045  4.220   1.00 9.58  ? 40   ALA A N   1 
ATOM   332  C CA  . ALA A 1 41  ? -1.606  -4.257  5.442   1.00 9.49  ? 40   ALA A CA  1 
ATOM   333  C C   . ALA A 1 41  ? -1.450  -2.947  6.139   1.00 9.27  ? 40   ALA A C   1 
ATOM   334  O O   . ALA A 1 41  ? -1.796  -1.851  5.596   1.00 10.48 ? 40   ALA A O   1 
ATOM   335  C CB  . ALA A 1 41  ? -0.199  -4.874  5.051   1.00 8.63  ? 40   ALA A CB  1 
ATOM   336  N N   . PHE A 1 42  ? -0.973  -2.988  7.406   1.00 8.79  ? 41   PHE A N   1 
ATOM   337  C CA  . PHE A 1 42  ? -0.925  -1.797  8.226   1.00 9.38  ? 41   PHE A CA  1 
ATOM   338  C C   . PHE A 1 42  ? 0.479   -1.653  8.806   1.00 10.70 ? 41   PHE A C   1 
ATOM   339  O O   . PHE A 1 42  ? 0.960   -2.656  9.400   1.00 12.49 ? 41   PHE A O   1 
ATOM   340  C CB  . PHE A 1 42  ? -1.963  -1.939  9.379   1.00 10.87 ? 41   PHE A CB  1 
ATOM   341  C CG  . PHE A 1 42  ? -3.321  -2.175  8.878   1.00 8.81  ? 41   PHE A CG  1 
ATOM   342  C CD1 . PHE A 1 42  ? -4.084  -1.086  8.328   1.00 10.72 ? 41   PHE A CD1 1 
ATOM   343  C CD2 . PHE A 1 42  ? -3.845  -3.461  8.818   1.00 11.58 ? 41   PHE A CD2 1 
ATOM   344  C CE1 . PHE A 1 42  ? -5.360  -1.316  7.752   1.00 12.27 ? 41   PHE A CE1 1 
ATOM   345  C CE2 . PHE A 1 42  ? -5.082  -3.700  8.237   1.00 14.00 ? 41   PHE A CE2 1 
ATOM   346  C CZ  . PHE A 1 42  ? -5.857  -2.605  7.717   1.00 11.26 ? 41   PHE A CZ  1 
ATOM   347  N N   . ALA A 1 43  ? 1.046   -0.469  8.723   1.00 11.01 ? 42   ALA A N   1 
ATOM   348  C CA  . ALA A 1 43  ? 2.445   -0.219  9.187   1.00 12.84 ? 42   ALA A CA  1 
ATOM   349  C C   . ALA A 1 43  ? 2.259   0.231   10.623  1.00 15.01 ? 42   ALA A C   1 
ATOM   350  O O   . ALA A 1 43  ? 2.523   1.390   10.922  1.00 18.80 ? 42   ALA A O   1 
ATOM   351  C CB  . ALA A 1 43  ? 3.058   0.900   8.359   1.00 12.59 ? 42   ALA A CB  1 
ATOM   352  N N   . ALA A 1 44  ? 1.763   -0.628  11.486  1.00 17.07 ? 43   ALA A N   1 
ATOM   353  C CA  . ALA A 1 44  ? 1.550   -0.168  12.877  1.00 19.04 ? 43   ALA A CA  1 
ATOM   354  C C   . ALA A 1 44  ? 1.604   -1.365  13.745  1.00 19.46 ? 43   ALA A C   1 
ATOM   355  O O   . ALA A 1 44  ? 1.159   -2.454  13.372  1.00 18.66 ? 43   ALA A O   1 
ATOM   356  C CB  . ALA A 1 44  ? 0.146   0.583   13.027  1.00 19.08 ? 43   ALA A CB  1 
ATOM   357  N N   . ARG A 1 45  ? 2.233   -1.204  14.915  1.00 23.23 ? 44   ARG A N   1 
ATOM   358  C CA  . ARG A 1 45  ? 2.177   -2.327  15.898  1.00 27.02 ? 44   ARG A CA  1 
ATOM   359  C C   . ARG A 1 45  ? 0.775   -2.731  16.300  1.00 24.84 ? 44   ARG A C   1 
ATOM   360  O O   . ARG A 1 45  ? -0.194  -1.927  16.287  1.00 25.86 ? 44   ARG A O   1 
ATOM   361  C CB  . ARG A 1 45  ? 3.032   -2.049  17.140  1.00 27.59 ? 44   ARG A CB  1 
ATOM   362  C CG  . ARG A 1 45  ? 3.191   -0.548  17.555  1.00 37.05 ? 44   ARG A CG  1 
ATOM   363  C CD  . ARG A 1 45  ? 1.890   0.011   18.258  1.00 46.51 ? 44   ARG A CD  1 
ATOM   364  N NE  . ARG A 1 45  ? 1.031   0.992   17.507  1.00 50.88 ? 44   ARG A NE  1 
ATOM   365  C CZ  . ARG A 1 45  ? 1.382   1.755   16.452  1.00 51.29 ? 44   ARG A CZ  1 
ATOM   366  N NH1 . ARG A 1 45  ? 2.627   1.701   15.898  1.00 47.84 ? 44   ARG A NH1 1 
ATOM   367  N NH2 . ARG A 1 45  ? 0.463   2.598   15.948  1.00 48.21 ? 44   ARG A NH2 1 
ATOM   368  N N   . LYS A 1 46  ? 0.607   -3.993  16.674  1.00 25.32 ? 45   LYS A N   1 
ATOM   369  C CA  . LYS A 1 46  ? -0.704  -4.468  17.072  1.00 25.18 ? 45   LYS A CA  1 
ATOM   370  C C   . LYS A 1 46  ? -1.814  -4.287  16.058  1.00 24.80 ? 45   LYS A C   1 
ATOM   371  O O   . LYS A 1 46  ? -3.019  -4.185  16.407  1.00 24.72 ? 45   LYS A O   1 
ATOM   372  C CB  . LYS A 1 46  ? -1.166  -3.891  18.471  1.00 27.48 ? 45   LYS A CB  1 
ATOM   373  C CG  . LYS A 1 46  ? -0.061  -3.900  19.608  1.00 30.41 ? 45   LYS A CG  1 
ATOM   374  C CD  . LYS A 1 46  ? -0.547  -3.331  20.974  1.00 30.11 ? 45   LYS A CD  1 
ATOM   375  C CE  . LYS A 1 46  ? -0.070  -1.872  21.221  1.00 37.31 ? 45   LYS A CE  1 
ATOM   376  N NZ  . LYS A 1 46  ? -0.313  -1.320  22.619  1.00 41.37 ? 45   LYS A NZ  1 
ATOM   377  N N   . ARG A 1 47  ? -1.466  -4.271  14.776  1.00 21.03 ? 46   ARG A N   1 
ATOM   378  C CA  . ARG A 1 47  ? -2.467  -4.302  13.748  1.00 20.60 ? 46   ARG A CA  1 
ATOM   379  C C   . ARG A 1 47  ? -2.090  -5.474  12.844  1.00 19.25 ? 46   ARG A C   1 
ATOM   380  O O   . ARG A 1 47  ? -0.888  -5.856  12.833  1.00 22.36 ? 46   ARG A O   1 
ATOM   381  C CB  . ARG A 1 47  ? -2.453  -2.960  12.955  1.00 19.33 ? 46   ARG A CB  1 
ATOM   382  C CG  . ARG A 1 47  ? -3.495  -1.960  13.620  1.00 24.69 ? 46   ARG A CG  1 
ATOM   383  C CD  . ARG A 1 47  ? -3.008  -0.923  14.520  1.00 34.14 ? 46   ARG A CD  1 
ATOM   384  N NE  . ARG A 1 47  ? -4.234  -0.567  15.190  1.00 34.18 ? 46   ARG A NE  1 
ATOM   385  C CZ  . ARG A 1 47  ? -4.481  0.348   16.146  1.00 31.14 ? 46   ARG A CZ  1 
ATOM   386  N NH1 . ARG A 1 47  ? -3.636  1.172   16.590  1.00 17.42 ? 46   ARG A NH1 1 
ATOM   387  N NH2 . ARG A 1 47  ? -5.711  0.464   16.659  1.00 41.19 ? 46   ARG A NH2 1 
ATOM   388  N N   . ARG A 1 48  ? -3.036  -6.095  12.197  1.00 16.14 ? 47   ARG A N   1 
ATOM   389  C CA  . ARG A 1 48  ? -2.721  -7.202  11.297  1.00 18.21 ? 47   ARG A CA  1 
ATOM   390  C C   . ARG A 1 48  ? -3.498  -7.181  9.977   1.00 15.89 ? 47   ARG A C   1 
ATOM   391  O O   . ARG A 1 48  ? -4.694  -6.813  9.917   1.00 17.55 ? 47   ARG A O   1 
ATOM   392  C CB  . ARG A 1 48  ? -2.800  -8.587  12.011  1.00 18.69 ? 47   ARG A CB  1 
ATOM   393  C CG  . ARG A 1 48  ? -1.830  -8.760  13.292  1.00 23.82 ? 47   ARG A CG  1 
ATOM   394  C CD  . ARG A 1 48  ? -1.556  -10.260 13.725  1.00 26.55 ? 47   ARG A CD  1 
ATOM   395  N NE  . ARG A 1 48  ? -0.939  -10.875 12.548  1.00 29.08 ? 47   ARG A NE  1 
ATOM   396  C CZ  . ARG A 1 48  ? -1.553  -11.621 11.616  1.00 25.61 ? 47   ARG A CZ  1 
ATOM   397  N NH1 . ARG A 1 48  ? -2.870  -11.936 11.733  1.00 26.99 ? 47   ARG A NH1 1 
ATOM   398  N NH2 . ARG A 1 48  ? -0.818  -12.058 10.579  1.00 21.45 ? 47   ARG A NH2 1 
ATOM   399  N N   . PRO A 1 49  ? -2.843  -7.592  8.886   1.00 14.21 ? 48   PRO A N   1 
ATOM   400  C CA  . PRO A 1 49  ? -1.425  -7.983  8.895   1.00 12.79 ? 48   PRO A CA  1 
ATOM   401  C C   . PRO A 1 49  ? -0.563  -6.759  8.764   1.00 12.68 ? 48   PRO A C   1 
ATOM   402  O O   . PRO A 1 49  ? -0.967  -5.746  8.202   1.00 11.83 ? 48   PRO A O   1 
ATOM   403  C CB  . PRO A 1 49  ? -1.326  -8.878  7.657   1.00 12.90 ? 48   PRO A CB  1 
ATOM   404  C CG  . PRO A 1 49  ? -2.250  -8.230  6.707   1.00 14.92 ? 48   PRO A CG  1 
ATOM   405  C CD  . PRO A 1 49  ? -3.442  -7.816  7.553   1.00 13.57 ? 48   PRO A CD  1 
ATOM   406  N N   . MET A 1 50  ? 0.653   -6.856  9.309   1.00 11.08 ? 49   MET A N   1 
ATOM   407  C CA  . MET A 1 50  ? 1.714   -5.901  9.048   1.00 11.18 ? 49   MET A CA  1 
ATOM   408  C C   . MET A 1 50  ? 2.295   -6.232  7.596   1.00 8.59  ? 49   MET A C   1 
ATOM   409  O O   . MET A 1 50  ? 2.089   -7.282  7.039   1.00 9.14  ? 49   MET A O   1 
ATOM   410  C CB  . MET A 1 50  ? 2.726   -6.015  10.200  1.00 11.32 ? 49   MET A CB  1 
ATOM   411  C CG  . MET A 1 50  ? 2.133   -5.563  11.508  0.65 12.14 ? 49   MET A CG  1 
ATOM   412  S SD  . MET A 1 50  ? 3.450   -5.438  12.775  0.65 16.05 ? 49   MET A SD  1 
ATOM   413  C CE  . MET A 1 50  ? 4.271   -7.011  12.710  0.65 21.62 ? 49   MET A CE  1 
ATOM   414  N N   . PRO A 1 51  ? 3.054   -5.305  7.019   1.00 9.72  ? 50   PRO A N   1 
ATOM   415  C CA  . PRO A 1 51  ? 3.480   -5.470  5.549   1.00 9.11  ? 50   PRO A CA  1 
ATOM   416  C C   . PRO A 1 51  ? 4.442   -6.668  5.369   1.00 7.73  ? 50   PRO A C   1 
ATOM   417  O O   . PRO A 1 51  ? 4.286   -7.370  4.393   1.00 9.68  ? 50   PRO A O   1 
ATOM   418  C CB  . PRO A 1 51  ? 4.199   -4.131  5.241   1.00 8.96  ? 50   PRO A CB  1 
ATOM   419  C CG  . PRO A 1 51  ? 3.597   -3.141  6.345   1.00 13.66 ? 50   PRO A CG  1 
ATOM   420  C CD  . PRO A 1 51  ? 3.408   -4.010  7.566   1.00 11.85 ? 50   PRO A CD  1 
ATOM   421  N N   . ASP A 1 52  ? 5.271   -6.891  6.419   1.00 9.68  ? 51   ASP A N   1 
ATOM   422  C CA  . ASP A 1 52  ? 6.124   -8.103  6.348   1.00 9.69  ? 51   ASP A CA  1 
ATOM   423  C C   . ASP A 1 52  ? 5.284   -9.378  6.369   1.00 9.94  ? 51   ASP A C   1 
ATOM   424  O O   . ASP A 1 52  ? 5.546   -10.309 5.588   1.00 10.77 ? 51   ASP A O   1 
ATOM   425  C CB  . ASP A 1 52  ? 7.151   -8.094  7.489   1.00 9.89  ? 51   ASP A CB  1 
ATOM   426  C CG  . ASP A 1 52  ? 6.519   -8.048  8.846   1.00 12.21 ? 51   ASP A CG  1 
ATOM   427  O OD1 . ASP A 1 52  ? 5.479   -7.396  9.045   1.00 12.54 ? 51   ASP A OD1 1 
ATOM   428  O OD2 . ASP A 1 52  ? 7.075   -8.640  9.820   1.00 12.43 ? 51   ASP A OD2 1 
ATOM   429  N N   . GLU A 1 53  ? 4.260   -9.418  7.261   1.00 8.71  ? 52   GLU A N   1 
ATOM   430  C CA  . GLU A 1 53  ? 3.398   -10.631 7.329   1.00 9.58  ? 52   GLU A CA  1 
ATOM   431  C C   . GLU A 1 53  ? 2.643   -10.803 5.973   1.00 10.43 ? 52   GLU A C   1 
ATOM   432  O O   . GLU A 1 53  ? 2.443   -11.934 5.533   1.00 12.20 ? 52   GLU A O   1 
ATOM   433  C CB  . GLU A 1 53  ? 2.352   -10.420 8.455   1.00 9.39  ? 52   GLU A CB  1 
ATOM   434  C CG  . GLU A 1 53  ? 3.060   -10.368 9.796   1.00 11.54 ? 52   GLU A CG  1 
ATOM   435  C CD  . GLU A 1 53  ? 2.140   -10.071 10.912  1.00 16.78 ? 52   GLU A CD  1 
ATOM   436  O OE1 . GLU A 1 53  ? 1.203   -9.281  10.719  1.00 15.74 ? 52   GLU A OE1 1 
ATOM   437  O OE2 . GLU A 1 53  ? 2.284   -10.592 12.036  1.00 15.14 ? 52   GLU A OE2 1 
ATOM   438  N N   . ALA A 1 54  ? 2.166   -9.701  5.370   1.00 10.49 ? 53   ALA A N   1 
ATOM   439  C CA  . ALA A 1 54  ? 1.427   -9.832  4.135   1.00 10.99 ? 53   ALA A CA  1 
ATOM   440  C C   . ALA A 1 54  ? 2.318   -10.309 3.003   1.00 11.60 ? 53   ALA A C   1 
ATOM   441  O O   . ALA A 1 54  ? 1.878   -11.161 2.245   1.00 13.00 ? 53   ALA A O   1 
ATOM   442  C CB  . ALA A 1 54  ? 0.814   -8.393  3.783   1.00 11.54 ? 53   ALA A CB  1 
ATOM   443  N N   . ILE A 1 55  ? 3.562   -9.810  2.942   1.00 10.50 ? 54   ILE A N   1 
ATOM   444  C CA  . ILE A 1 55  ? 4.439   -10.228 1.843   1.00 11.42 ? 54   ILE A CA  1 
ATOM   445  C C   . ILE A 1 55  ? 4.877   -11.674 2.029   1.00 13.55 ? 54   ILE A C   1 
ATOM   446  O O   . ILE A 1 55  ? 4.959   -12.411 1.037   1.00 14.66 ? 54   ILE A O   1 
ATOM   447  C CB  . ILE A 1 55  ? 5.598   -9.319  1.779   1.00 10.86 ? 54   ILE A CB  1 
ATOM   448  C CG1 . ILE A 1 55  ? 5.036   -8.056  1.128   1.00 12.50 ? 54   ILE A CG1 1 
ATOM   449  C CG2 . ILE A 1 55  ? 6.742   -9.852  0.828   1.00 15.74 ? 54   ILE A CG2 1 
ATOM   450  C CD1 . ILE A 1 55  ? 6.023   -6.880  1.049   1.00 16.79 ? 54   ILE A CD1 1 
ATOM   451  N N   . ARG A 1 56  ? 5.106   -12.079 3.289   1.00 10.91 ? 55   ARG A N   1 
ATOM   452  C CA  . ARG A 1 56  ? 5.433   -13.511 3.474   1.00 13.55 ? 55   ARG A CA  1 
ATOM   453  C C   . ARG A 1 56  ? 4.321   -14.452 2.947   1.00 16.73 ? 55   ARG A C   1 
ATOM   454  O O   . ARG A 1 56  ? 4.620   -15.476 2.307   1.00 17.31 ? 55   ARG A O   1 
ATOM   455  C CB  . ARG A 1 56  ? 5.696   -13.824 4.921   1.00 14.75 ? 55   ARG A CB  1 
ATOM   456  C CG  . ARG A 1 56  ? 6.021   -15.318 4.989   1.00 17.13 ? 55   ARG A CG  1 
ATOM   457  C CD  . ARG A 1 56  ? 6.383   -15.623 6.359   1.00 17.26 ? 55   ARG A CD  1 
ATOM   458  N NE  . ARG A 1 56  ? 7.819   -15.334 6.528   1.00 14.39 ? 55   ARG A NE  1 
ATOM   459  C CZ  . ARG A 1 56  ? 8.464   -15.576 7.664   1.00 20.87 ? 55   ARG A CZ  1 
ATOM   460  N NH1 . ARG A 1 56  ? 7.848   -16.144 8.733   1.00 21.00 ? 55   ARG A NH1 1 
ATOM   461  N NH2 . ARG A 1 56  ? 9.732   -15.248 7.741   1.00 15.94 ? 55   ARG A NH2 1 
ATOM   462  N N   . GLU A 1 57  ? 3.069   -14.054 3.170   1.00 15.49 ? 56   GLU A N   1 
ATOM   463  C CA  . GLU A 1 57  ? 1.919   -14.904 2.815   1.00 18.89 ? 56   GLU A CA  1 
ATOM   464  C C   . GLU A 1 57  ? 1.729   -14.968 1.293   1.00 20.55 ? 56   GLU A C   1 
ATOM   465  O O   . GLU A 1 57  ? 1.240   -15.990 0.774   1.00 21.03 ? 56   GLU A O   1 
ATOM   466  C CB  . GLU A 1 57  ? 0.679   -14.350 3.512   1.00 18.50 ? 56   GLU A CB  1 
ATOM   467  C CG  . GLU A 1 57  ? -0.425  -15.431 3.717   1.00 25.52 ? 56   GLU A CG  1 
ATOM   468  C CD  . GLU A 1 57  ? -1.363  -15.598 2.539   1.00 36.02 ? 56   GLU A CD  1 
ATOM   469  O OE1 . GLU A 1 57  ? -1.458  -14.668 1.711   1.00 37.04 ? 56   GLU A OE1 1 
ATOM   470  O OE2 . GLU A 1 57  ? -1.998  -16.673 2.443   1.00 39.40 ? 56   GLU A OE2 1 
ATOM   471  N N   . MET A 1 58  ? 2.129   -13.911 0.576   1.00 20.25 ? 57   MET A N   1 
ATOM   472  C CA  . MET A 1 58  ? 1.957   -13.800 -0.896  1.00 23.43 ? 57   MET A CA  1 
ATOM   473  C C   . MET A 1 58  ? 2.992   -14.571 -1.684  1.00 26.48 ? 57   MET A C   1 
ATOM   474  O O   . MET A 1 58  ? 4.170   -14.376 -1.503  1.00 28.48 ? 57   MET A O   1 
ATOM   475  C CB  . MET A 1 58  ? 2.113   -12.337 -1.274  1.00 21.08 ? 57   MET A CB  1 
ATOM   476  C CG  . MET A 1 58  ? 0.924   -11.700 -0.812  1.00 17.81 ? 57   MET A CG  1 
ATOM   477  S SD  . MET A 1 58  ? 1.189   -9.955  -0.925  1.00 17.48 ? 57   MET A SD  1 
ATOM   478  C CE  . MET A 1 58  ? 1.032   -9.626  -2.721  1.00 18.06 ? 57   MET A CE  1 
ATOM   479  N N   . ASN A 1 59  ? 2.539   -15.384 -2.623  1.00 28.86 ? 58   ASN A N   1 
ATOM   480  C CA  . ASN A 1 59  ? 3.481   -16.153 -3.492  1.00 30.73 ? 58   ASN A CA  1 
ATOM   481  C C   . ASN A 1 59  ? 3.852   -15.512 -4.832  1.00 30.83 ? 58   ASN A C   1 
ATOM   482  O O   . ASN A 1 59  ? 4.144   -16.217 -5.826  1.00 31.85 ? 58   ASN A O   1 
ATOM   483  C CB  . ASN A 1 59  ? 2.915   -17.559 -3.734  1.00 32.03 ? 58   ASN A CB  1 
ATOM   484  C CG  . ASN A 1 59  ? 2.836   -18.361 -2.439  1.00 38.25 ? 58   ASN A CG  1 
ATOM   485  O OD1 . ASN A 1 59  ? 1.852   -18.279 -1.705  1.00 46.18 ? 58   ASN A OD1 1 
ATOM   486  N ND2 . ASN A 1 59  ? 3.880   -19.115 -2.150  1.00 44.50 ? 58   ASN A ND2 1 
ATOM   487  N N   . CYS A 1 60  ? 3.819   -14.180 -4.883  1.00 28.01 ? 59   CYS A N   1 
ATOM   488  C CA  . CYS A 1 60  ? 4.099   -13.467 -6.104  1.00 26.33 ? 59   CYS A CA  1 
ATOM   489  C C   . CYS A 1 60  ? 5.614   -13.324 -6.218  1.00 26.38 ? 59   CYS A C   1 
ATOM   490  O O   . CYS A 1 60  ? 6.369   -13.388 -5.221  1.00 26.53 ? 59   CYS A O   1 
ATOM   491  C CB  . CYS A 1 60  ? 3.375   -12.078 -6.073  1.00 25.28 ? 59   CYS A CB  1 
ATOM   492  S SG  . CYS A 1 60  ? 1.514   -12.309 -6.269  1.00 27.96 ? 59   CYS A SG  1 
ATOM   493  N N   . ASP A 1 61  ? 6.053   -13.159 -7.455  1.00 25.52 ? 60   ASP A N   1 
ATOM   494  C CA  . ASP A 1 61  ? 7.465   -12.971 -7.742  1.00 25.65 ? 60   ASP A CA  1 
ATOM   495  C C   . ASP A 1 61  ? 7.886   -11.542 -7.513  1.00 23.22 ? 60   ASP A C   1 
ATOM   496  O O   . ASP A 1 61  ? 9.024   -11.326 -7.070  1.00 22.60 ? 60   ASP A O   1 
ATOM   497  C CB  . ASP A 1 61  ? 7.761   -13.328 -9.212  1.00 26.52 ? 60   ASP A CB  1 
ATOM   498  C CG  . ASP A 1 61  ? 7.488   -14.810 -9.493  1.00 31.78 ? 60   ASP A CG  1 
ATOM   499  O OD1 . ASP A 1 61  ? 8.067   -15.676 -8.757  1.00 31.26 ? 60   ASP A OD1 1 
ATOM   500  O OD2 . ASP A 1 61  ? 6.630   -15.098 -10.352 1.00 32.25 ? 60   ASP A OD2 1 
ATOM   501  N N   . ILE A 1 62  ? 6.993   -10.584 -7.838  1.00 20.72 ? 61   ILE A N   1 
ATOM   502  C CA  . ILE A 1 62  ? 7.290   -9.182  -7.588  1.00 17.93 ? 61   ILE A CA  1 
ATOM   503  C C   . ILE A 1 62  ? 6.063   -8.572  -6.902  1.00 16.45 ? 61   ILE A C   1 
ATOM   504  O O   . ILE A 1 62  ? 4.923   -8.896  -7.323  1.00 14.78 ? 61   ILE A O   1 
ATOM   505  C CB  . ILE A 1 62  ? 7.598   -8.347  -8.841  1.00 19.35 ? 61   ILE A CB  1 
ATOM   506  C CG1 . ILE A 1 62  ? 8.046   -6.921  -8.410  1.00 19.15 ? 61   ILE A CG1 1 
ATOM   507  C CG2 . ILE A 1 62  ? 6.476   -8.326  -9.816  1.00 23.17 ? 61   ILE A CG2 1 
ATOM   508  C CD1 . ILE A 1 62  ? 8.575   -6.061  -9.516  1.00 26.11 ? 61   ILE A CD1 1 
ATOM   509  N N   . ILE A 1 63  ? 6.346   -7.732  -5.889  1.00 13.30 ? 62   ILE A N   1 
ATOM   510  C CA  . ILE A 1 63  ? 5.236   -7.184  -5.056  1.00 11.05 ? 62   ILE A CA  1 
ATOM   511  C C   . ILE A 1 63  ? 5.512   -5.706  -4.954  1.00 11.42 ? 62   ILE A C   1 
ATOM   512  O O   . ILE A 1 63  ? 6.557   -5.236  -4.507  1.00 12.13 ? 62   ILE A O   1 
ATOM   513  C CB  . ILE A 1 63  ? 5.218   -7.832  -3.681  1.00 11.25 ? 62   ILE A CB  1 
ATOM   514  C CG1 . ILE A 1 63  ? 4.862   -9.310  -3.879  1.00 15.75 ? 62   ILE A CG1 1 
ATOM   515  C CG2 . ILE A 1 63  ? 4.048   -7.162  -2.856  1.00 13.78 ? 62   ILE A CG2 1 
ATOM   516  C CD1 . ILE A 1 63  ? 5.208   -10.072 -2.729  1.00 21.06 ? 62   ILE A CD1 1 
ATOM   517  N N   . TYR A 1 64  ? 4.479   -4.954  -5.340  1.00 9.70  ? 63   TYR A N   1 
ATOM   518  C CA  . TYR A 1 64  ? 4.553   -3.468  -5.206  1.00 9.85  ? 63   TYR A CA  1 
ATOM   519  C C   . TYR A 1 64  ? 3.818   -3.115  -3.926  1.00 9.19  ? 63   TYR A C   1 
ATOM   520  O O   . TYR A 1 64  ? 2.763   -3.718  -3.626  1.00 9.67  ? 63   TYR A O   1 
ATOM   521  C CB  . TYR A 1 64  ? 3.800   -2.819  -6.390  1.00 10.69 ? 63   TYR A CB  1 
ATOM   522  C CG  . TYR A 1 64  ? 4.550   -3.069  -7.678  1.00 12.84 ? 63   TYR A CG  1 
ATOM   523  C CD1 . TYR A 1 64  ? 5.590   -2.215  -8.060  1.00 16.34 ? 63   TYR A CD1 1 
ATOM   524  C CD2 . TYR A 1 64  ? 4.210   -4.168  -8.441  1.00 15.47 ? 63   TYR A CD2 1 
ATOM   525  C CE1 . TYR A 1 64  ? 6.252   -2.443  -9.247  1.00 17.44 ? 63   TYR A CE1 1 
ATOM   526  C CE2 . TYR A 1 64  ? 4.914   -4.421  -9.666  1.00 18.10 ? 63   TYR A CE2 1 
ATOM   527  C CZ  . TYR A 1 64  ? 5.930   -3.539  -9.993  1.00 22.23 ? 63   TYR A CZ  1 
ATOM   528  O OH  . TYR A 1 64  ? 6.632   -3.770  -11.200 1.00 26.46 ? 63   TYR A OH  1 
ATOM   529  N N   . VAL A 1 65  ? 4.392   -2.177  -3.181  1.00 7.60  ? 64   VAL A N   1 
ATOM   530  C CA  . VAL A 1 65  ? 3.863   -1.809  -1.860  1.00 8.42  ? 64   VAL A CA  1 
ATOM   531  C C   . VAL A 1 65  ? 3.567   -0.355  -1.944  1.00 7.42  ? 64   VAL A C   1 
ATOM   532  O O   . VAL A 1 65  ? 4.414   0.502   -2.167  1.00 9.28  ? 64   VAL A O   1 
ATOM   533  C CB  . VAL A 1 65  ? 4.930   -2.062  -0.747  1.00 9.10  ? 64   VAL A CB  1 
ATOM   534  C CG1 . VAL A 1 65  ? 4.286   -1.547  0.570   1.00 10.72 ? 64   VAL A CG1 1 
ATOM   535  C CG2 . VAL A 1 65  ? 5.259   -3.526  -0.699  1.00 9.33  ? 64   VAL A CG2 1 
ATOM   536  N N   . VAL A 1 66  ? 2.258   -0.008  -1.894  1.00 6.64  ? 65   VAL A N   1 
ATOM   537  C CA  . VAL A 1 66  ? 1.854   1.404   -2.083  1.00 8.38  ? 65   VAL A CA  1 
ATOM   538  C C   . VAL A 1 66  ? 1.379   1.982   -0.711  1.00 6.33  ? 65   VAL A C   1 
ATOM   539  O O   . VAL A 1 66  ? 0.390   1.464   -0.165  1.00 7.08  ? 65   VAL A O   1 
ATOM   540  C CB  . VAL A 1 66  ? 0.674   1.532   -3.067  1.00 7.93  ? 65   VAL A CB  1 
ATOM   541  C CG1 . VAL A 1 66  ? 0.130   2.993   -3.059  1.00 6.49  ? 65   VAL A CG1 1 
ATOM   542  C CG2 . VAL A 1 66  ? 1.134   1.231   -4.493  1.00 8.52  ? 65   VAL A CG2 1 
ATOM   543  N N   . PRO A 1 67  ? 2.022   3.039   -0.226  1.00 7.32  ? 66   PRO A N   1 
ATOM   544  C CA  . PRO A 1 67  ? 1.542   3.675   1.050   1.00 7.60  ? 66   PRO A CA  1 
ATOM   545  C C   . PRO A 1 67  ? 0.304   4.531   0.727   1.00 7.13  ? 66   PRO A C   1 
ATOM   546  O O   . PRO A 1 67  ? 0.424   5.529   -0.045  1.00 7.20  ? 66   PRO A O   1 
ATOM   547  C CB  . PRO A 1 67  ? 2.768   4.566   1.477   1.00 7.34  ? 66   PRO A CB  1 
ATOM   548  C CG  . PRO A 1 67  ? 3.973   4.007   0.651   1.00 7.75  ? 66   PRO A CG  1 
ATOM   549  C CD  . PRO A 1 67  ? 3.291   3.651   -0.664  1.00 8.37  ? 66   PRO A CD  1 
ATOM   550  N N   . LEU A 1 68  ? -0.856  4.138   1.302   1.00 7.93  ? 67   LEU A N   1 
ATOM   551  C CA  . LEU A 1 68  ? -2.099  4.950   1.163   1.00 7.61  ? 67   LEU A CA  1 
ATOM   552  C C   . LEU A 1 68  ? -1.993  6.082   2.186   1.00 8.91  ? 67   LEU A C   1 
ATOM   553  O O   . LEU A 1 68  ? -2.598  6.073   3.256   1.00 8.39  ? 67   LEU A O   1 
ATOM   554  C CB  . LEU A 1 68  ? -3.314  4.070   1.351   1.00 8.06  ? 67   LEU A CB  1 
ATOM   555  C CG  . LEU A 1 68  ? -4.547  4.668   0.596   1.00 11.97 ? 67   LEU A CG  1 
ATOM   556  C CD1 . LEU A 1 68  ? -5.789  3.821   0.896   1.00 14.55 ? 67   LEU A CD1 1 
ATOM   557  C CD2 . LEU A 1 68  ? -4.895  6.049   0.950   1.00 14.88 ? 67   LEU A CD2 1 
ATOM   558  N N   . PHE A 1 69  ? -1.168  7.040   1.818   1.00 7.34  ? 68   PHE A N   1 
ATOM   559  C CA  . PHE A 1 69  ? -0.868  8.200   2.672   1.00 7.94  ? 68   PHE A CA  1 
ATOM   560  C C   . PHE A 1 69  ? -0.854  9.469   1.916   1.00 8.59  ? 68   PHE A C   1 
ATOM   561  O O   . PHE A 1 69  ? -0.385  9.533   0.742   1.00 8.54  ? 68   PHE A O   1 
ATOM   562  C CB  . PHE A 1 69  ? 0.508   8.100   3.387   1.00 7.54  ? 68   PHE A CB  1 
ATOM   563  C CG  . PHE A 1 69  ? 0.520   7.068   4.493   1.00 7.40  ? 68   PHE A CG  1 
ATOM   564  C CD1 . PHE A 1 69  ? 0.635   5.681   4.197   1.00 7.49  ? 68   PHE A CD1 1 
ATOM   565  C CD2 . PHE A 1 69  ? 0.423   7.442   5.858   1.00 8.80  ? 68   PHE A CD2 1 
ATOM   566  C CE1 . PHE A 1 69  ? 0.677   4.726   5.193   1.00 7.92  ? 68   PHE A CE1 1 
ATOM   567  C CE2 . PHE A 1 69  ? 0.446   6.496   6.887   1.00 9.28  ? 68   PHE A CE2 1 
ATOM   568  C CZ  . PHE A 1 69  ? 0.536   5.097   6.563   1.00 9.02  ? 68   PHE A CZ  1 
ATOM   569  N N   . ILE A 1 70  ? -1.395  10.486  2.566   1.00 8.52  ? 69   ILE A N   1 
ATOM   570  C CA  . ILE A 1 70  ? -1.327  11.850  1.972   1.00 6.65  ? 69   ILE A CA  1 
ATOM   571  C C   . ILE A 1 70  ? 0.049   12.518  1.984   1.00 8.13  ? 69   ILE A C   1 
ATOM   572  O O   . ILE A 1 70  ? 0.353   13.319  1.079   1.00 9.77  ? 69   ILE A O   1 
ATOM   573  C CB  . ILE A 1 70  ? -2.403  12.774  2.562   1.00 8.47  ? 69   ILE A CB  1 
ATOM   574  C CG1 . ILE A 1 70  ? -3.752  12.123  2.324   1.00 11.13 ? 69   ILE A CG1 1 
ATOM   575  C CG2 . ILE A 1 70  ? -2.373  14.264  2.058   1.00 10.31 ? 69   ILE A CG2 1 
ATOM   576  C CD1 . ILE A 1 70  ? -4.177  11.935  0.801   1.00 11.70 ? 69   ILE A CD1 1 
ATOM   577  N N   . SER A 1 71  ? 0.811   12.166  3.024   1.00 9.57  ? 70   SER A N   1 
ATOM   578  C CA  . SER A 1 71  ? 2.086   12.883  3.179   1.00 11.36 ? 70   SER A CA  1 
ATOM   579  C C   . SER A 1 71  ? 3.191   11.899  3.616   1.00 10.79 ? 70   SER A C   1 
ATOM   580  O O   . SER A 1 71  ? 2.905   10.715  4.001   1.00 10.76 ? 70   SER A O   1 
ATOM   581  C CB  . SER A 1 71  ? 1.840   14.013  4.236   1.00 13.29 ? 70   SER A CB  1 
ATOM   582  O OG  . SER A 1 71  ? 1.691   13.373  5.449   1.00 21.24 ? 70   SER A OG  1 
ATOM   583  N N   . TYR A 1 72  ? 4.450   12.344  3.492   1.00 8.73  ? 71   TYR A N   1 
ATOM   584  C CA  . TYR A 1 72  ? 5.522   11.530  4.029   1.00 10.20 ? 71   TYR A CA  1 
ATOM   585  C C   . TYR A 1 72  ? 5.662   11.599  5.563   1.00 10.77 ? 71   TYR A C   1 
ATOM   586  O O   . TYR A 1 72  ? 6.676   12.139  6.069   1.00 12.55 ? 71   TYR A O   1 
ATOM   587  C CB  . TYR A 1 72  ? 6.875   11.924  3.361   1.00 10.36 ? 71   TYR A CB  1 
ATOM   588  C CG  . TYR A 1 72  ? 7.197   11.234  2.060   1.00 9.78  ? 71   TYR A CG  1 
ATOM   589  C CD1 . TYR A 1 72  ? 7.496   9.845   2.075   1.00 8.14  ? 71   TYR A CD1 1 
ATOM   590  C CD2 . TYR A 1 72  ? 7.240   11.948  0.840   1.00 10.27 ? 71   TYR A CD2 1 
ATOM   591  C CE1 . TYR A 1 72  ? 7.852   9.186   0.807   1.00 10.50 ? 71   TYR A CE1 1 
ATOM   592  C CE2 . TYR A 1 72  ? 7.557   11.291  -0.398  1.00 9.54  ? 71   TYR A CE2 1 
ATOM   593  C CZ  . TYR A 1 72  ? 7.908   9.926   -0.350  1.00 9.71  ? 71   TYR A CZ  1 
ATOM   594  O OH  . TYR A 1 72  ? 8.262   9.315   -1.534  1.00 14.07 ? 71   TYR A OH  1 
ATOM   595  N N   . GLY A 1 73  ? 4.724   10.935  6.256   1.00 12.06 ? 72   GLY A N   1 
ATOM   596  C CA  . GLY A 1 73  ? 4.810   10.818  7.660   1.00 11.12 ? 72   GLY A CA  1 
ATOM   597  C C   . GLY A 1 73  ? 5.770   9.705   8.083   1.00 10.26 ? 72   GLY A C   1 
ATOM   598  O O   . GLY A 1 73  ? 6.341   9.012   7.202   1.00 11.05 ? 72   GLY A O   1 
ATOM   599  N N   . LEU A 1 74  ? 5.912   9.531   9.405   1.00 10.16 ? 73   LEU A N   1 
ATOM   600  C CA  . LEU A 1 74  ? 6.881   8.587   9.902   1.00 10.29 ? 73   LEU A CA  1 
ATOM   601  C C   . LEU A 1 74  ? 6.453   7.174   9.530   1.00 9.81  ? 73   LEU A C   1 
ATOM   602  O O   . LEU A 1 74  ? 7.349   6.269   9.362   1.00 10.65 ? 73   LEU A O   1 
ATOM   603  C CB  . LEU A 1 74  ? 7.058   8.659   11.427  1.00 10.41 ? 73   LEU A CB  1 
ATOM   604  C CG  . LEU A 1 74  ? 7.501   10.044  11.886  1.00 13.92 ? 73   LEU A CG  1 
ATOM   605  C CD1 . LEU A 1 74  ? 7.576   10.004  13.464  1.00 15.72 ? 73   LEU A CD1 1 
ATOM   606  C CD2 . LEU A 1 74  ? 8.776   10.418  11.302  1.00 17.00 ? 73   LEU A CD2 1 
ATOM   607  N N   . HIS A 1 75  ? 5.179   6.927   9.283   1.00 9.63  ? 74   HIS A N   1 
ATOM   608  C CA  . HIS A 1 75  ? 4.829   5.569   8.860   1.00 9.47  ? 74   HIS A CA  1 
ATOM   609  C C   . HIS A 1 75  ? 5.499   5.215   7.525   1.00 8.84  ? 74   HIS A C   1 
ATOM   610  O O   . HIS A 1 75  ? 5.771   4.034   7.270   1.00 10.49 ? 74   HIS A O   1 
ATOM   611  C CB  . HIS A 1 75  ? 3.296   5.416   8.627   1.00 9.20  ? 74   HIS A CB  1 
ATOM   612  C CG  . HIS A 1 75  ? 2.502   5.447   9.912   1.00 11.18 ? 74   HIS A CG  1 
ATOM   613  N ND1 . HIS A 1 75  ? 1.975   6.614   10.430  1.00 15.89 ? 74   HIS A ND1 1 
ATOM   614  C CD2 . HIS A 1 75  ? 2.131   4.465   10.748  1.00 18.93 ? 74   HIS A CD2 1 
ATOM   615  C CE1 . HIS A 1 75  ? 1.321   6.342   11.547  1.00 18.25 ? 74   HIS A CE1 1 
ATOM   616  N NE2 . HIS A 1 75  ? 1.403   5.048   11.775  1.00 18.65 ? 74   HIS A NE2 1 
ATOM   617  N N   . VAL A 1 76  ? 5.641   6.210   6.650   1.00 9.28  ? 75   VAL A N   1 
ATOM   618  C CA  . VAL A 1 76  ? 6.131   5.995   5.286   1.00 8.34  ? 75   VAL A CA  1 
ATOM   619  C C   . VAL A 1 76  ? 7.651   6.012   5.282   1.00 10.06 ? 75   VAL A C   1 
ATOM   620  O O   . VAL A 1 76  ? 8.287   5.137   4.654   1.00 11.95 ? 75   VAL A O   1 
ATOM   621  C CB  . VAL A 1 76  ? 5.576   7.074   4.336   1.00 10.31 ? 75   VAL A CB  1 
ATOM   622  C CG1 . VAL A 1 76  ? 6.035   6.787   2.891   1.00 10.83 ? 75   VAL A CG1 1 
ATOM   623  C CG2 . VAL A 1 76  ? 4.041   7.072   4.395   1.00 9.76  ? 75   VAL A CG2 1 
ATOM   624  N N   . THR A 1 77  ? 8.248   7.009   5.949   1.00 10.95 ? 76   THR A N   1 
ATOM   625  C CA  . THR A 1 77  ? 9.769   7.129   5.856   1.00 10.40 ? 76   THR A CA  1 
ATOM   626  C C   . THR A 1 77  ? 10.470  6.244   6.847   1.00 12.00 ? 76   THR A C   1 
ATOM   627  O O   . THR A 1 77  ? 11.664  5.918   6.647   1.00 12.98 ? 76   THR A O   1 
ATOM   628  C CB  . THR A 1 77  ? 10.152  8.615   6.187   1.00 10.08 ? 76   THR A CB  1 
ATOM   629  O OG1 . THR A 1 77  ? 9.705   8.914   7.511   1.00 12.20 ? 76   THR A OG1 1 
ATOM   630  C CG2 . THR A 1 77  ? 9.580   9.631   5.151   1.00 13.59 ? 76   THR A CG2 1 
ATOM   631  N N   . GLU A 1 78  ? 9.790   5.846   7.948   1.00 11.84 ? 77   GLU A N   1 
ATOM   632  C CA  . GLU A 1 78  ? 10.483  4.977   8.959   1.00 11.87 ? 77   GLU A CA  1 
ATOM   633  C C   . GLU A 1 78  ? 9.824   3.637   9.138   1.00 11.17 ? 77   GLU A C   1 
ATOM   634  O O   . GLU A 1 78  ? 10.480  2.602   8.992   1.00 13.17 ? 77   GLU A O   1 
ATOM   635  C CB  . GLU A 1 78  ? 10.667  5.690   10.304  1.00 12.42 ? 77   GLU A CB  1 
ATOM   636  C CG  . GLU A 1 78  ? 11.301  7.080   10.114  1.00 18.09 ? 77   GLU A CG  1 
ATOM   637  C CD  . GLU A 1 78  ? 11.523  7.831   11.463  1.00 24.53 ? 77   GLU A CD  1 
ATOM   638  O OE1 . GLU A 1 78  ? 11.065  7.331   12.526  1.00 22.92 ? 77   GLU A OE1 1 
ATOM   639  O OE2 . GLU A 1 78  ? 12.166  8.921   11.430  1.00 22.69 ? 77   GLU A OE2 1 
ATOM   640  N N   . ASP A 1 79  ? 8.528   3.631   9.514   1.00 9.16  ? 78   ASP A N   1 
ATOM   641  C CA  . ASP A 1 79  ? 7.959   2.335   9.978   1.00 11.83 ? 78   ASP A CA  1 
ATOM   642  C C   . ASP A 1 79  ? 7.833   1.324   8.877   1.00 11.89 ? 78   ASP A C   1 
ATOM   643  O O   . ASP A 1 79  ? 8.219   0.158   9.076   1.00 12.07 ? 78   ASP A O   1 
ATOM   644  C CB  . ASP A 1 79  ? 6.604   2.575   10.637  1.00 12.23 ? 78   ASP A CB  1 
ATOM   645  C CG  . ASP A 1 79  ? 6.679   3.601   11.809  1.00 14.94 ? 78   ASP A CG  1 
ATOM   646  O OD1 . ASP A 1 79  ? 7.733   3.720   12.477  1.00 18.57 ? 78   ASP A OD1 1 
ATOM   647  O OD2 . ASP A 1 79  ? 5.644   4.210   12.088  1.00 18.53 ? 78   ASP A OD2 1 
ATOM   648  N N   . LEU A 1 80  ? 7.216   1.690   7.750   1.00 10.71 ? 79   LEU A N   1 
ATOM   649  C CA  . LEU A 1 80  ? 7.052   0.718   6.684   1.00 9.73  ? 79   LEU A CA  1 
ATOM   650  C C   . LEU A 1 80  ? 8.453   0.162   6.182   1.00 10.51 ? 79   LEU A C   1 
ATOM   651  O O   . LEU A 1 80  ? 8.618   -1.016  6.075   1.00 10.08 ? 79   LEU A O   1 
ATOM   652  C CB  . LEU A 1 80  ? 6.208   1.365   5.562   1.00 10.26 ? 79   LEU A CB  1 
ATOM   653  C CG  . LEU A 1 80  ? 6.182   0.606   4.235   1.00 10.32 ? 79   LEU A CG  1 
ATOM   654  C CD1 . LEU A 1 80  ? 5.622   -0.770  4.356   1.00 9.53  ? 79   LEU A CD1 1 
ATOM   655  C CD2 . LEU A 1 80  ? 5.401   1.473   3.245   1.00 12.30 ? 79   LEU A CD2 1 
ATOM   656  N N   . PRO A 1 81  ? 9.405   1.021   5.917   1.00 8.06  ? 80   PRO A N   1 
ATOM   657  C CA  . PRO A 1 81  ? 10.728  0.393   5.498   1.00 11.40 ? 80   PRO A CA  1 
ATOM   658  C C   . PRO A 1 81  ? 11.326  -0.432  6.617   1.00 12.28 ? 80   PRO A C   1 
ATOM   659  O O   . PRO A 1 81  ? 11.872  -1.523  6.329   1.00 15.01 ? 80   PRO A O   1 
ATOM   660  C CB  . PRO A 1 81  ? 11.619  1.611   5.173   1.00 14.32 ? 80   PRO A CB  1 
ATOM   661  C CG  . PRO A 1 81  ? 10.872  2.778   5.360   1.00 13.08 ? 80   PRO A CG  1 
ATOM   662  C CD  . PRO A 1 81  ? 9.399   2.490   5.725   1.00 9.33  ? 80   PRO A CD  1 
ATOM   663  N N   . ASP A 1 82  ? 11.264  0.025   7.898   1.00 14.02 ? 81   ASP A N   1 
ATOM   664  C CA  . ASP A 1 82  ? 11.859  -0.830  8.982   1.00 13.17 ? 81   ASP A CA  1 
ATOM   665  C C   . ASP A 1 82  ? 11.227  -2.175  8.963   1.00 13.02 ? 81   ASP A C   1 
ATOM   666  O O   . ASP A 1 82  ? 11.933  -3.211  9.059   1.00 15.62 ? 81   ASP A O   1 
ATOM   667  C CB  . ASP A 1 82  ? 11.623  -0.230  10.355  1.00 13.41 ? 81   ASP A CB  1 
ATOM   668  C CG  . ASP A 1 82  ? 12.523  1.006   10.644  1.00 18.29 ? 81   ASP A CG  1 
ATOM   669  O OD1 . ASP A 1 82  ? 13.397  1.343   9.845   1.00 16.92 ? 81   ASP A OD1 1 
ATOM   670  O OD2 . ASP A 1 82  ? 12.240  1.630   11.689  1.00 19.57 ? 81   ASP A OD2 1 
ATOM   671  N N   . LEU A 1 83  ? 9.889   -2.210  8.822   1.00 10.29 ? 82   LEU A N   1 
ATOM   672  C CA  . LEU A 1 83  ? 9.212   -3.541  8.866   1.00 11.26 ? 82   LEU A CA  1 
ATOM   673  C C   . LEU A 1 83  ? 9.635   -4.445  7.739   1.00 13.56 ? 82   LEU A C   1 
ATOM   674  O O   . LEU A 1 83  ? 9.659   -5.716  7.924   1.00 13.91 ? 82   LEU A O   1 
ATOM   675  C CB  . LEU A 1 83  ? 7.673   -3.310  8.778   1.00 11.71 ? 82   LEU A CB  1 
ATOM   676  C CG  . LEU A 1 83  ? 7.182   -2.654  10.049  1.00 12.57 ? 82   LEU A CG  1 
ATOM   677  C CD1 . LEU A 1 83  ? 5.764   -1.986  9.899   1.00 16.40 ? 82   LEU A CD1 1 
ATOM   678  C CD2 . LEU A 1 83  ? 7.083   -3.652  11.221  1.00 20.73 ? 82   LEU A CD2 1 
ATOM   679  N N   . LEU A 1 84  ? 9.990   -3.893  6.567   1.00 11.54 ? 83   LEU A N   1 
ATOM   680  C CA  . LEU A 1 84  ? 10.396  -4.687  5.425   1.00 12.36 ? 83   LEU A CA  1 
ATOM   681  C C   . LEU A 1 84  ? 11.892  -4.819  5.305   1.00 14.26 ? 83   LEU A C   1 
ATOM   682  O O   . LEU A 1 84  ? 12.320  -5.502  4.370   1.00 16.32 ? 83   LEU A O   1 
ATOM   683  C CB  . LEU A 1 84  ? 9.845   -4.080  4.105   1.00 11.82 ? 83   LEU A CB  1 
ATOM   684  C CG  . LEU A 1 84  ? 8.296   -4.171  4.192   1.00 13.31 ? 83   LEU A CG  1 
ATOM   685  C CD1 . LEU A 1 84  ? 7.800   -3.576  2.817   1.00 13.25 ? 83   LEU A CD1 1 
ATOM   686  C CD2 . LEU A 1 84  ? 7.799   -5.616  4.400   1.00 13.23 ? 83   LEU A CD2 1 
ATOM   687  N N   . GLY A 1 85  ? 12.626  -4.230  6.222   1.00 15.34 ? 84   GLY A N   1 
ATOM   688  C CA  . GLY A 1 85  ? 14.121  -4.222  6.068   1.00 16.10 ? 84   GLY A CA  1 
ATOM   689  C C   . GLY A 1 85  ? 14.683  -3.412  4.931   1.00 18.61 ? 84   GLY A C   1 
ATOM   690  O O   . GLY A 1 85  ? 15.786  -3.667  4.394   1.00 19.98 ? 84   GLY A O   1 
ATOM   691  N N   . PHE A 1 86  ? 14.017  -2.336  4.602   1.00 15.36 ? 85   PHE A N   1 
ATOM   692  C CA  . PHE A 1 86  ? 14.369  -1.488  3.535   1.00 14.11 ? 85   PHE A CA  1 
ATOM   693  C C   . PHE A 1 86  ? 14.907  -0.153  4.131   1.00 13.44 ? 85   PHE A C   1 
ATOM   694  O O   . PHE A 1 86  ? 14.627  0.140   5.274   1.00 15.87 ? 85   PHE A O   1 
ATOM   695  C CB  . PHE A 1 86  ? 13.110  -1.165  2.654   1.00 15.69 ? 85   PHE A CB  1 
ATOM   696  C CG  . PHE A 1 86  ? 12.889  -2.100  1.504   1.00 14.42 ? 85   PHE A CG  1 
ATOM   697  C CD1 . PHE A 1 86  ? 12.711  -3.466  1.701   1.00 15.42 ? 85   PHE A CD1 1 
ATOM   698  C CD2 . PHE A 1 86  ? 12.846  -1.590  0.186   1.00 15.23 ? 85   PHE A CD2 1 
ATOM   699  C CE1 . PHE A 1 86  ? 12.486  -4.283  0.533   1.00 16.09 ? 85   PHE A CE1 1 
ATOM   700  C CE2 . PHE A 1 86  ? 12.575  -2.386  -0.931  1.00 15.14 ? 85   PHE A CE2 1 
ATOM   701  C CZ  . PHE A 1 86  ? 12.382  -3.705  -0.740  1.00 14.59 ? 85   PHE A CZ  1 
ATOM   702  N N   . PRO A 1 87  ? 15.665  0.645   3.321   1.00 16.09 ? 86   PRO A N   1 
ATOM   703  C CA  . PRO A 1 87  ? 16.203  1.934   3.715   1.00 15.39 ? 86   PRO A CA  1 
ATOM   704  C C   . PRO A 1 87  ? 15.109  2.881   4.092   1.00 17.26 ? 86   PRO A C   1 
ATOM   705  O O   . PRO A 1 87  ? 14.075  2.839   3.473   1.00 14.79 ? 86   PRO A O   1 
ATOM   706  C CB  . PRO A 1 87  ? 16.904  2.455   2.449   1.00 17.44 ? 86   PRO A CB  1 
ATOM   707  C CG  . PRO A 1 87  ? 17.125  1.246   1.652   1.00 19.18 ? 86   PRO A CG  1 
ATOM   708  C CD  . PRO A 1 87  ? 15.876  0.411   1.891   1.00 16.38 ? 86   PRO A CD  1 
ATOM   709  N N   . ARG A 1 88  ? 15.330  3.684   5.123   1.00 16.06 ? 87   ARG A N   1 
ATOM   710  C CA  . ARG A 1 88  ? 14.392  4.727   5.514   1.00 15.50 ? 87   ARG A CA  1 
ATOM   711  C C   . ARG A 1 88  ? 14.461  5.847   4.541   1.00 16.98 ? 87   ARG A C   1 
ATOM   712  O O   . ARG A 1 88  ? 15.385  5.901   3.689   1.00 18.24 ? 87   ARG A O   1 
ATOM   713  C CB  . ARG A 1 88  ? 14.797  5.263   6.915   1.00 16.06 ? 87   ARG A CB  1 
ATOM   714  C CG  . ARG A 1 88  ? 14.472  4.225   8.024   1.00 14.26 ? 87   ARG A CG  1 
ATOM   715  C CD  . ARG A 1 88  ? 14.778  4.923   9.353   1.00 15.88 ? 87   ARG A CD  1 
ATOM   716  N NE  . ARG A 1 88  ? 14.240  4.119   10.432  1.00 17.89 ? 87   ARG A NE  1 
ATOM   717  C CZ  . ARG A 1 88  ? 14.092  4.586   11.688  1.00 23.72 ? 87   ARG A CZ  1 
ATOM   718  N NH1 . ARG A 1 88  ? 14.489  5.835   12.000  1.00 21.53 ? 87   ARG A NH1 1 
ATOM   719  N NH2 . ARG A 1 88  ? 13.600  3.796   12.640  1.00 24.09 ? 87   ARG A NH2 1 
ATOM   720  N N   . GLY A 1 89  ? 13.486  6.729   4.592   1.00 12.80 ? 88   GLY A N   1 
ATOM   721  C CA  . GLY A 1 89  ? 13.465  8.010   3.857   1.00 13.80 ? 88   GLY A CA  1 
ATOM   722  C C   . GLY A 1 89  ? 12.413  7.995   2.756   1.00 12.73 ? 88   GLY A C   1 
ATOM   723  O O   . GLY A 1 89  ? 11.532  7.105   2.774   1.00 12.94 ? 88   GLY A O   1 
ATOM   724  N N   . ARG A 1 90  ? 12.480  8.959   1.875   1.00 12.55 ? 89   ARG A N   1 
ATOM   725  C CA  . ARG A 1 90  ? 11.494  9.135   0.804   1.00 11.89 ? 89   ARG A CA  1 
ATOM   726  C C   . ARG A 1 90  ? 11.894  8.423   -0.454  1.00 14.58 ? 89   ARG A C   1 
ATOM   727  O O   . ARG A 1 90  ? 13.075  7.943   -0.602  1.00 15.41 ? 89   ARG A O   1 
ATOM   728  C CB  . ARG A 1 90  ? 11.389  10.628  0.503   1.00 11.47 ? 89   ARG A CB  1 
ATOM   729  C CG  . ARG A 1 90  ? 10.869  11.418  1.707   1.00 11.02 ? 89   ARG A CG  1 
ATOM   730  C CD  . ARG A 1 90  ? 10.579  12.854  1.237   1.00 11.97 ? 89   ARG A CD  1 
ATOM   731  N NE  . ARG A 1 90  ? 10.096  13.640  2.371   1.00 10.19 ? 89   ARG A NE  1 
ATOM   732  C CZ  . ARG A 1 90  ? 9.583   14.879  2.271   1.00 11.07 ? 89   ARG A CZ  1 
ATOM   733  N NH1 . ARG A 1 90  ? 9.419   15.436  1.085   1.00 15.72 ? 89   ARG A NH1 1 
ATOM   734  N NH2 . ARG A 1 90  ? 9.257   15.522  3.388   1.00 12.11 ? 89   ARG A NH2 1 
ATOM   735  N N   . GLY A 1 91  ? 10.946  8.375   -1.388  1.00 12.30 ? 90   GLY A N   1 
ATOM   736  C CA  . GLY A 1 91  ? 11.189  7.856   -2.740  1.00 13.68 ? 90   GLY A CA  1 
ATOM   737  C C   . GLY A 1 91  ? 10.849  6.388   -2.977  1.00 11.32 ? 90   GLY A C   1 
ATOM   738  O O   . GLY A 1 91  ? 10.596  5.673   -2.043  1.00 13.21 ? 90   GLY A O   1 
ATOM   739  N N   . ILE A 1 92  ? 10.968  5.995   -4.269  1.00 11.89 ? 91   ILE A N   1 
ATOM   740  C CA  . ILE A 1 92  ? 10.820  4.591   -4.659  1.00 13.35 ? 91   ILE A CA  1 
ATOM   741  C C   . ILE A 1 92  ? 11.995  3.777   -4.158  1.00 13.96 ? 91   ILE A C   1 
ATOM   742  O O   . ILE A 1 92  ? 13.175  4.213   -4.302  1.00 15.29 ? 91   ILE A O   1 
ATOM   743  C CB  . ILE A 1 92  ? 10.695  4.486   -6.128  1.00 13.43 ? 91   ILE A CB  1 
ATOM   744  C CG1 . ILE A 1 92  ? 9.431   5.173   -6.554  1.00 18.64 ? 91   ILE A CG1 1 
ATOM   745  C CG2 . ILE A 1 92  ? 10.536  3.008   -6.545  1.00 15.00 ? 91   ILE A CG2 1 
ATOM   746  C CD1 . ILE A 1 92  ? 9.535   5.625   -8.035  1.00 22.74 ? 91   ILE A CD1 1 
ATOM   747  N N   . LYS A 1 93  ? 11.713  2.582   -3.673  1.00 12.43 ? 92   LYS A N   1 
ATOM   748  C CA  . LYS A 1 93  ? 12.776  1.702   -3.144  1.00 11.79 ? 92   LYS A CA  1 
ATOM   749  C C   . LYS A 1 93  ? 12.668  0.321   -3.682  1.00 14.82 ? 92   LYS A C   1 
ATOM   750  O O   . LYS A 1 93  ? 11.642  -0.340  -3.511  1.00 14.89 ? 92   LYS A O   1 
ATOM   751  C CB  . LYS A 1 93  ? 12.816  1.690   -1.604  1.00 11.81 ? 92   LYS A CB  1 
ATOM   752  C CG  . LYS A 1 93  ? 12.974  3.057   -1.088  1.00 13.41 ? 92   LYS A CG  1 
ATOM   753  C CD  . LYS A 1 93  ? 12.551  3.006   0.398   1.00 15.34 ? 92   LYS A CD  1 
ATOM   754  C CE  . LYS A 1 93  ? 12.451  4.493   0.986   1.00 11.29 ? 92   LYS A CE  1 
ATOM   755  N NZ  . LYS A 1 93  ? 12.024  4.403   2.395   1.00 13.52 ? 92   LYS A NZ  1 
ATOM   756  N N   . GLU A 1 94  ? 13.735  -0.165  -4.364  1.00 13.84 ? 93   GLU A N   1 
ATOM   757  C CA  . GLU A 1 94  ? 13.629  -1.530  -4.916  1.00 13.82 ? 93   GLU A CA  1 
ATOM   758  C C   . GLU A 1 94  ? 14.494  -2.448  -4.109  1.00 14.20 ? 93   GLU A C   1 
ATOM   759  O O   . GLU A 1 94  ? 15.627  -2.056  -3.739  1.00 16.92 ? 93   GLU A O   1 
ATOM   760  C CB  . GLU A 1 94  ? 14.134  -1.510  -6.342  1.00 15.22 ? 93   GLU A CB  1 
ATOM   761  C CG  . GLU A 1 94  ? 13.236  -0.771  -7.296  1.00 22.73 ? 93   GLU A CG  1 
ATOM   762  C CD  . GLU A 1 94  ? 13.593  -0.984  -8.779  1.00 33.75 ? 93   GLU A CD  1 
ATOM   763  O OE1 . GLU A 1 94  ? 13.887  -2.127  -9.198  1.00 37.43 ? 93   GLU A OE1 1 
ATOM   764  O OE2 . GLU A 1 94  ? 13.586  0.020   -9.509  1.00 38.81 ? 93   GLU A OE2 1 
ATOM   765  N N   . GLY A 1 95  ? 14.040  -3.677  -3.822  1.00 13.25 ? 94   GLY A N   1 
ATOM   766  C CA  . GLY A 1 95  ? 14.842  -4.552  -2.976  1.00 12.72 ? 94   GLY A CA  1 
ATOM   767  C C   . GLY A 1 95  ? 14.176  -5.915  -3.008  1.00 12.75 ? 94   GLY A C   1 
ATOM   768  O O   . GLY A 1 95  ? 13.476  -6.228  -3.957  1.00 15.47 ? 94   GLY A O   1 
ATOM   769  N N   . GLU A 1 96  ? 14.526  -6.721  -2.005  1.00 14.79 ? 95   GLU A N   1 
ATOM   770  C CA  . GLU A 1 96  ? 14.003  -8.078  -1.878  1.00 14.32 ? 95   GLU A CA  1 
ATOM   771  C C   . GLU A 1 96  ? 13.486  -8.310  -0.507  1.00 14.80 ? 95   GLU A C   1 
ATOM   772  O O   . GLU A 1 96  ? 14.044  -7.760  0.454   1.00 17.99 ? 95   GLU A O   1 
ATOM   773  C CB  . GLU A 1 96  ? 15.031  -9.169  -2.174  1.00 16.53 ? 95   GLU A CB  1 
ATOM   774  C CG  . GLU A 1 96  ? 15.360  -9.207  -3.620  1.00 20.17 ? 95   GLU A CG  1 
ATOM   775  C CD  . GLU A 1 96  ? 16.205  -10.441 -4.023  1.00 29.20 ? 95   GLU A CD  1 
ATOM   776  O OE1 . GLU A 1 96  ? 16.440  -11.362 -3.193  1.00 26.54 ? 95   GLU A OE1 1 
ATOM   777  O OE2 . GLU A 1 96  ? 16.541  -10.506 -5.224  1.00 28.73 ? 95   GLU A OE2 1 
ATOM   778  N N   . PHE A 1 97  ? 12.536  -9.238  -0.406  1.00 13.94 ? 96   PHE A N   1 
ATOM   779  C CA  . PHE A 1 97  ? 12.151  -9.704  0.912   1.00 13.41 ? 96   PHE A CA  1 
ATOM   780  C C   . PHE A 1 97  ? 11.969  -11.176 0.759   1.00 12.45 ? 96   PHE A C   1 
ATOM   781  O O   . PHE A 1 97  ? 11.108  -11.673 0.020   1.00 13.69 ? 96   PHE A O   1 
ATOM   782  C CB  . PHE A 1 97  ? 10.798  -9.044  1.275   1.00 12.54 ? 96   PHE A CB  1 
ATOM   783  C CG  . PHE A 1 97  ? 10.292  -9.400  2.649   1.00 14.53 ? 96   PHE A CG  1 
ATOM   784  C CD1 . PHE A 1 97  ? 9.557   -10.582 2.825   1.00 13.76 ? 96   PHE A CD1 1 
ATOM   785  C CD2 . PHE A 1 97  ? 10.578  -8.552  3.740   1.00 14.37 ? 96   PHE A CD2 1 
ATOM   786  C CE1 . PHE A 1 97  ? 9.064   -10.934 4.140   1.00 11.92 ? 96   PHE A CE1 1 
ATOM   787  C CE2 . PHE A 1 97  ? 10.070  -8.892  5.070   1.00 13.24 ? 96   PHE A CE2 1 
ATOM   788  C CZ  . PHE A 1 97  ? 9.324   -10.102 5.222   1.00 10.61 ? 96   PHE A CZ  1 
ATOM   789  N N   . GLU A 1 98  ? 12.819  -11.926 1.496   1.00 13.40 ? 97   GLU A N   1 
ATOM   790  C CA  . GLU A 1 98  ? 12.745  -13.401 1.447   1.00 11.66 ? 97   GLU A CA  1 
ATOM   791  C C   . GLU A 1 98  ? 12.732  -13.923 0.030   1.00 12.96 ? 97   GLU A C   1 
ATOM   792  O O   . GLU A 1 98  ? 11.986  -14.792 -0.300  1.00 15.02 ? 97   GLU A O   1 
ATOM   793  C CB  . GLU A 1 98  ? 11.570  -13.906 2.356   1.00 12.95 ? 97   GLU A CB  1 
ATOM   794  C CG  . GLU A 1 98  ? 11.814  -13.479 3.761   1.00 13.59 ? 97   GLU A CG  1 
ATOM   795  C CD  . GLU A 1 98  ? 10.720  -13.886 4.764   1.00 14.29 ? 97   GLU A CD  1 
ATOM   796  O OE1 . GLU A 1 98  ? 9.677   -14.422 4.286   1.00 15.65 ? 97   GLU A OE1 1 
ATOM   797  O OE2 . GLU A 1 98  ? 10.946  -13.669 5.957   1.00 13.69 ? 97   GLU A OE2 1 
ATOM   798  N N   . GLY A 1 99  ? 13.606  -13.352 -0.818  1.00 14.83 ? 98   GLY A N   1 
ATOM   799  C CA  . GLY A 1 99  ? 13.714  -13.809 -2.144  1.00 15.97 ? 98   GLY A CA  1 
ATOM   800  C C   . GLY A 1 99  ? 12.771  -13.245 -3.163  1.00 18.08 ? 98   GLY A C   1 
ATOM   801  O O   . GLY A 1 99  ? 12.959  -13.459 -4.349  1.00 19.91 ? 98   GLY A O   1 
ATOM   802  N N   . LYS A 1 100 ? 11.722  -12.561 -2.687  1.00 15.87 ? 99   LYS A N   1 
ATOM   803  C CA  . LYS A 1 100 ? 10.747  -11.876 -3.518  1.00 13.61 ? 99   LYS A CA  1 
ATOM   804  C C   . LYS A 1 100 ? 11.185  -10.470 -3.866  1.00 12.00 ? 99   LYS A C   1 
ATOM   805  O O   . LYS A 1 100 ? 11.662  -9.761  -3.023  1.00 12.62 ? 99   LYS A O   1 
ATOM   806  C CB  . LYS A 1 100 ? 9.357   -11.834 -2.825  1.00 13.20 ? 99   LYS A CB  1 
ATOM   807  C CG  . LYS A 1 100 ? 8.763   -13.243 -2.562  1.00 17.16 ? 99   LYS A CG  1 
ATOM   808  C CD  . LYS A 1 100 ? 7.803   -13.198 -1.373  1.00 19.49 ? 99   LYS A CD  1 
ATOM   809  C CE  . LYS A 1 100 ? 7.232   -14.570 -1.189  1.00 21.06 ? 99   LYS A CE  1 
ATOM   810  N NZ  . LYS A 1 100 ? 6.410   -14.704 0.019   1.00 19.52 ? 99   LYS A NZ  1 
ATOM   811  N N   . LYS A 1 101 ? 10.970  -10.078 -5.116  1.00 11.80 ? 100  LYS A N   1 
ATOM   812  C CA  . LYS A 1 101 ? 11.330  -8.700  -5.504  1.00 11.10 ? 100  LYS A CA  1 
ATOM   813  C C   . LYS A 1 101 ? 10.222  -7.826  -4.904  1.00 12.63 ? 100  LYS A C   1 
ATOM   814  O O   . LYS A 1 101 ? 9.069   -8.173  -5.071  1.00 12.61 ? 100  LYS A O   1 
ATOM   815  C CB  . LYS A 1 101 ? 11.327  -8.537  -7.052  1.00 12.61 ? 100  LYS A CB  1 
ATOM   816  C CG  . LYS A 1 101 ? 11.640  -7.102  -7.480  1.00 24.32 ? 100  LYS A CG  1 
ATOM   817  C CD  . LYS A 1 101 ? 12.347  -6.934  -8.876  1.00 35.89 ? 100  LYS A CD  1 
ATOM   818  C CE  . LYS A 1 101 ? 12.805  -5.439  -9.012  1.00 40.96 ? 100  LYS A CE  1 
ATOM   819  N NZ  . LYS A 1 101 ? 14.017  -5.149  -8.137  1.00 47.71 ? 100  LYS A NZ  1 
ATOM   820  N N   . VAL A 1 102 ? 10.635  -6.726  -4.281  1.00 10.41 ? 101  VAL A N   1 
ATOM   821  C CA  . VAL A 1 102 ? 9.637   -5.828  -3.593  1.00 11.25 ? 101  VAL A CA  1 
ATOM   822  C C   . VAL A 1 102 ? 10.007  -4.392  -3.993  1.00 12.54 ? 101  VAL A C   1 
ATOM   823  O O   . VAL A 1 102 ? 11.162  -3.976  -3.914  1.00 13.96 ? 101  VAL A O   1 
ATOM   824  C CB  . VAL A 1 102 ? 9.714   -5.985  -2.073  1.00 11.52 ? 101  VAL A CB  1 
ATOM   825  C CG1 . VAL A 1 102 ? 8.802   -4.959  -1.427  1.00 11.86 ? 101  VAL A CG1 1 
ATOM   826  C CG2 . VAL A 1 102 ? 9.203   -7.393  -1.696  1.00 10.25 ? 101  VAL A CG2 1 
ATOM   827  N N   . VAL A 1 103 ? 9.008   -3.597  -4.328  1.00 9.50  ? 102  VAL A N   1 
ATOM   828  C CA  . VAL A 1 103 ? 9.273   -2.201  -4.704  1.00 10.27 ? 102  VAL A CA  1 
ATOM   829  C C   . VAL A 1 103 ? 8.339   -1.416  -3.817  1.00 9.66  ? 102  VAL A C   1 
ATOM   830  O O   . VAL A 1 103 ? 7.059   -1.530  -3.981  1.00 11.17 ? 102  VAL A O   1 
ATOM   831  C CB  . VAL A 1 103 ? 8.917   -1.930  -6.217  1.00 12.61 ? 102  VAL A CB  1 
ATOM   832  C CG1 . VAL A 1 103 ? 9.026   -0.425  -6.590  1.00 14.44 ? 102  VAL A CG1 1 
ATOM   833  C CG2 . VAL A 1 103 ? 9.783   -2.833  -7.148  1.00 14.11 ? 102  VAL A CG2 1 
ATOM   834  N N   . ILE A 1 104 ? 8.942   -0.613  -2.961  1.00 10.17 ? 103  ILE A N   1 
ATOM   835  C CA  . ILE A 1 104 ? 8.089   0.272   -2.116  1.00 8.86  ? 103  ILE A CA  1 
ATOM   836  C C   . ILE A 1 104 ? 7.930   1.543   -2.926  1.00 10.94 ? 103  ILE A C   1 
ATOM   837  O O   . ILE A 1 104 ? 8.886   2.197   -3.328  1.00 10.39 ? 103  ILE A O   1 
ATOM   838  C CB  . ILE A 1 104 ? 8.728   0.604   -0.742  1.00 9.01  ? 103  ILE A CB  1 
ATOM   839  C CG1 . ILE A 1 104 ? 8.993   -0.721  0.001   1.00 9.41  ? 103  ILE A CG1 1 
ATOM   840  C CG2 . ILE A 1 104 ? 7.703   1.492   0.082   1.00 12.58 ? 103  ILE A CG2 1 
ATOM   841  C CD1 . ILE A 1 104 ? 9.653   -0.460  1.346   1.00 11.24 ? 103  ILE A CD1 1 
ATOM   842  N N   . CYS A 1 105 ? 6.681   1.882   -3.240  1.00 7.70  ? 104  CYS A N   1 
ATOM   843  C CA  . CYS A 1 105 ? 6.343   3.023   -4.094  1.00 9.69  ? 104  CYS A CA  1 
ATOM   844  C C   . CYS A 1 105 ? 6.178   4.281   -3.208  1.00 7.36  ? 104  CYS A C   1 
ATOM   845  O O   . CYS A 1 105 ? 6.224   4.227   -1.975  1.00 9.00  ? 104  CYS A O   1 
ATOM   846  C CB  . CYS A 1 105 ? 5.045   2.774   -4.858  1.00 10.10 ? 104  CYS A CB  1 
ATOM   847  S SG  . CYS A 1 105 ? 5.236   1.337   -5.992  1.00 11.01 ? 104  CYS A SG  1 
ATOM   848  N N   . GLU A 1 106 ? 5.979   5.440   -3.840  1.00 9.06  ? 105  GLU A N   1 
ATOM   849  C CA  . GLU A 1 106 ? 5.747   6.691   -3.074  1.00 8.87  ? 105  GLU A CA  1 
ATOM   850  C C   . GLU A 1 106 ? 4.290   6.747   -2.583  1.00 8.53  ? 105  GLU A C   1 
ATOM   851  O O   . GLU A 1 106 ? 3.399   6.143   -3.131  1.00 9.00  ? 105  GLU A O   1 
ATOM   852  C CB  . GLU A 1 106 ? 5.985   7.856   -3.982  1.00 10.87 ? 105  GLU A CB  1 
ATOM   853  C CG  . GLU A 1 106 ? 7.486   7.991   -4.384  1.00 12.47 ? 105  GLU A CG  1 
ATOM   854  C CD  . GLU A 1 106 ? 7.768   9.449   -4.790  1.00 21.89 ? 105  GLU A CD  1 
ATOM   855  O OE1 . GLU A 1 106 ? 7.908   10.341  -3.895  1.00 21.21 ? 105  GLU A OE1 1 
ATOM   856  O OE2 . GLU A 1 106 ? 7.765   9.727   -5.995  1.00 20.93 ? 105  GLU A OE2 1 
ATOM   857  N N   . PRO A 1 107 ? 4.099   7.407   -1.468  1.00 8.80  ? 106  PRO A N   1 
ATOM   858  C CA  . PRO A 1 107 ? 2.724   7.689   -1.048  1.00 8.69  ? 106  PRO A CA  1 
ATOM   859  C C   . PRO A 1 107 ? 1.942   8.413   -2.147  1.00 9.01  ? 106  PRO A C   1 
ATOM   860  O O   . PRO A 1 107 ? 2.526   8.994   -3.117  1.00 9.85  ? 106  PRO A O   1 
ATOM   861  C CB  . PRO A 1 107 ? 2.887   8.592   0.213   1.00 10.06 ? 106  PRO A CB  1 
ATOM   862  C CG  . PRO A 1 107 ? 4.280   9.200   0.100   1.00 10.62 ? 106  PRO A CG  1 
ATOM   863  C CD  . PRO A 1 107 ? 5.107   8.229   -0.765  1.00 9.41  ? 106  PRO A CD  1 
ATOM   864  N N   . ILE A 1 108 ? 0.612   8.337   -2.047  1.00 9.88  ? 107  ILE A N   1 
ATOM   865  C CA  . ILE A 1 108 ? -0.272  8.812   -3.141  1.00 8.55  ? 107  ILE A CA  1 
ATOM   866  C C   . ILE A 1 108 ? -0.549  10.335  -3.080  1.00 8.76  ? 107  ILE A C   1 
ATOM   867  O O   . ILE A 1 108 ? -1.042  10.897  -4.058  1.00 8.84  ? 107  ILE A O   1 
ATOM   868  C CB  . ILE A 1 108 ? -1.636  8.076   -3.135  1.00 7.44  ? 107  ILE A CB  1 
ATOM   869  C CG1 . ILE A 1 108 ? -2.467  8.456   -1.870  1.00 7.92  ? 107  ILE A CG1 1 
ATOM   870  C CG2 . ILE A 1 108 ? -1.415  6.577   -3.220  1.00 10.61 ? 107  ILE A CG2 1 
ATOM   871  C CD1 . ILE A 1 108 ? -4.010  8.171   -2.110  1.00 9.96  ? 107  ILE A CD1 1 
ATOM   872  N N   . GLY A 1 109 ? -0.216  11.010  -1.952  1.00 9.75  ? 108  GLY A N   1 
ATOM   873  C CA  . GLY A 1 109 ? -0.729  12.363  -1.713  1.00 10.78 ? 108  GLY A CA  1 
ATOM   874  C C   . GLY A 1 109 ? -0.453  13.425  -2.754  1.00 10.25 ? 108  GLY A C   1 
ATOM   875  O O   . GLY A 1 109 ? -1.233  14.239  -2.996  1.00 10.76 ? 108  GLY A O   1 
ATOM   876  N N   . GLU A 1 110 ? 0.697   13.363  -3.436  1.00 9.58  ? 109  GLU A N   1 
ATOM   877  C CA  . GLU A 1 110 ? 1.043   14.443  -4.428  1.00 9.90  ? 109  GLU A CA  1 
ATOM   878  C C   . GLU A 1 110 ? 0.534   14.139  -5.837  1.00 8.30  ? 109  GLU A C   1 
ATOM   879  O O   . GLU A 1 110 ? 0.596   14.962  -6.715  1.00 9.60  ? 109  GLU A O   1 
ATOM   880  C CB  . GLU A 1 110 ? 2.565   14.560  -4.530  1.00 9.49  ? 109  GLU A CB  1 
ATOM   881  C CG  . GLU A 1 110 ? 3.203   15.119  -3.228  1.00 11.55 ? 109  GLU A CG  1 
ATOM   882  C CD  . GLU A 1 110 ? 4.720   15.337  -3.395  1.00 18.88 ? 109  GLU A CD  1 
ATOM   883  O OE1 . GLU A 1 110 ? 5.367   14.886  -4.411  1.00 23.60 ? 109  GLU A OE1 1 
ATOM   884  O OE2 . GLU A 1 110 ? 5.300   15.977  -2.505  1.00 17.25 ? 109  GLU A OE2 1 
ATOM   885  N N   . ASP A 1 111 ? -0.129  12.973  -5.989  1.00 9.12  ? 110  ASP A N   1 
ATOM   886  C CA  . ASP A 1 111 ? -0.582  12.621  -7.351  1.00 9.97  ? 110  ASP A CA  1 
ATOM   887  C C   . ASP A 1 111 ? -1.608  13.581  -7.852  1.00 9.04  ? 110  ASP A C   1 
ATOM   888  O O   . ASP A 1 111 ? -2.539  14.026  -7.097  1.00 9.09  ? 110  ASP A O   1 
ATOM   889  C CB  . ASP A 1 111 ? -1.101  11.145  -7.319  1.00 9.16  ? 110  ASP A CB  1 
ATOM   890  C CG  . ASP A 1 111 ? -1.091  10.469  -8.742  1.00 9.76  ? 110  ASP A CG  1 
ATOM   891  O OD1 . ASP A 1 111 ? -1.926  10.815  -9.552  1.00 11.45 ? 110  ASP A OD1 1 
ATOM   892  O OD2 . ASP A 1 111 ? -0.221  9.622   -8.915  1.00 11.15 ? 110  ASP A OD2 1 
ATOM   893  N N   . TYR A 1 112 ? -1.588  13.858  -9.168  1.00 9.82  ? 111  TYR A N   1 
ATOM   894  C CA  . TYR A 1 112 ? -2.692  14.631  -9.764  1.00 9.51  ? 111  TYR A CA  1 
ATOM   895  C C   . TYR A 1 112 ? -4.036  13.943  -9.562  1.00 7.12  ? 111  TYR A C   1 
ATOM   896  O O   . TYR A 1 112 ? -5.044  14.620  -9.527  1.00 8.65  ? 111  TYR A O   1 
ATOM   897  C CB  . TYR A 1 112 ? -2.451  14.869  -11.256 1.00 8.25  ? 111  TYR A CB  1 
ATOM   898  C CG  . TYR A 1 112 ? -1.243  15.779  -11.516 1.00 10.75 ? 111  TYR A CG  1 
ATOM   899  C CD1 . TYR A 1 112 ? -1.302  17.107  -11.190 1.00 16.82 ? 111  TYR A CD1 1 
ATOM   900  C CD2 . TYR A 1 112 ? -0.041  15.255  -12.034 1.00 21.33 ? 111  TYR A CD2 1 
ATOM   901  C CE1 . TYR A 1 112 ? -0.207  17.921  -11.426 1.00 18.42 ? 111  TYR A CE1 1 
ATOM   902  C CE2 . TYR A 1 112 ? 1.012   16.085  -12.327 1.00 24.47 ? 111  TYR A CE2 1 
ATOM   903  C CZ  . TYR A 1 112 ? 0.916   17.411  -12.036 1.00 27.93 ? 111  TYR A CZ  1 
ATOM   904  O OH  . TYR A 1 112 ? 1.981   18.322  -12.282 1.00 32.81 ? 111  TYR A OH  1 
ATOM   905  N N   . PHE A 1 113 ? -4.063  12.603  -9.372  1.00 7.15  ? 112  PHE A N   1 
ATOM   906  C CA  . PHE A 1 113 ? -5.327  12.021  -9.088  1.00 6.72  ? 112  PHE A CA  1 
ATOM   907  C C   . PHE A 1 113 ? -5.905  12.403  -7.723  1.00 6.46  ? 112  PHE A C   1 
ATOM   908  O O   . PHE A 1 113 ? -7.163  12.376  -7.575  1.00 7.39  ? 112  PHE A O   1 
ATOM   909  C CB  . PHE A 1 113 ? -5.199  10.432  -9.108  1.00 6.84  ? 112  PHE A CB  1 
ATOM   910  C CG  . PHE A 1 113 ? -5.213  9.848   -10.516 1.00 6.57  ? 112  PHE A CG  1 
ATOM   911  C CD1 . PHE A 1 113 ? -6.244  10.046  -11.344 1.00 11.73 ? 112  PHE A CD1 1 
ATOM   912  C CD2 . PHE A 1 113 ? -4.232  8.948   -10.889 1.00 10.17 ? 112  PHE A CD2 1 
ATOM   913  C CE1 . PHE A 1 113 ? -6.272  9.420   -12.583 1.00 14.46 ? 112  PHE A CE1 1 
ATOM   914  C CE2 . PHE A 1 113 ? -4.276  8.352   -12.152 1.00 11.74 ? 112  PHE A CE2 1 
ATOM   915  C CZ  . PHE A 1 113 ? -5.306  8.608   -12.947 1.00 11.13 ? 112  PHE A CZ  1 
ATOM   916  N N   . VAL A 1 114 ? -5.036  12.785  -6.765  1.00 6.99  ? 113  VAL A N   1 
ATOM   917  C CA  . VAL A 1 114 ? -5.598  13.304  -5.476  1.00 7.40  ? 113  VAL A CA  1 
ATOM   918  C C   . VAL A 1 114 ? -6.166  14.715  -5.709  1.00 6.34  ? 113  VAL A C   1 
ATOM   919  O O   . VAL A 1 114 ? -7.236  15.036  -5.180  1.00 7.70  ? 113  VAL A O   1 
ATOM   920  C CB  . VAL A 1 114 ? -4.555  13.217  -4.338  1.00 6.22  ? 113  VAL A CB  1 
ATOM   921  C CG1 . VAL A 1 114 ? -5.100  13.981  -3.057  1.00 6.76  ? 113  VAL A CG1 1 
ATOM   922  C CG2 . VAL A 1 114 ? -4.323  11.710  -4.078  1.00 6.74  ? 113  VAL A CG2 1 
ATOM   923  N N   . THR A 1 115 ? -5.515  15.504  -6.563  1.00 6.58  ? 114  THR A N   1 
ATOM   924  C CA  . THR A 1 115 ? -6.083  16.831  -6.952  1.00 5.80  ? 114  THR A CA  1 
ATOM   925  C C   . THR A 1 115 ? -7.414  16.652  -7.570  1.00 7.17  ? 114  THR A C   1 
ATOM   926  O O   . THR A 1 115 ? -8.369  17.368  -7.226  1.00 8.01  ? 114  THR A O   1 
ATOM   927  C CB  . THR A 1 115 ? -5.149  17.551  -7.928  1.00 7.98  ? 114  THR A CB  1 
ATOM   928  O OG1 . THR A 1 115 ? -3.794  17.507  -7.393  1.00 8.70  ? 114  THR A OG1 1 
ATOM   929  C CG2 . THR A 1 115 ? -5.654  19.037  -8.102  1.00 8.82  ? 114  THR A CG2 1 
ATOM   930  N N   . TYR A 1 116 ? -7.534  15.644  -8.464  1.00 7.82  ? 115  TYR A N   1 
ATOM   931  C CA  . TYR A 1 116 ? -8.832  15.401  -9.086  1.00 10.45 ? 115  TYR A CA  1 
ATOM   932  C C   . TYR A 1 116 ? -9.834  14.757  -8.154  1.00 7.69  ? 115  TYR A C   1 
ATOM   933  O O   . TYR A 1 116 ? -11.034 15.042  -8.279  1.00 9.30  ? 115  TYR A O   1 
ATOM   934  C CB  . TYR A 1 116 ? -8.664  14.613  -10.398 1.00 8.85  ? 115  TYR A CB  1 
ATOM   935  C CG  . TYR A 1 116 ? -8.642  15.631  -11.547 1.00 13.78 ? 115  TYR A CG  1 
ATOM   936  C CD1 . TYR A 1 116 ? -9.850  16.148  -12.038 1.00 16.62 ? 115  TYR A CD1 1 
ATOM   937  C CD2 . TYR A 1 116 ? -7.453  16.054  -12.068 1.00 11.74 ? 115  TYR A CD2 1 
ATOM   938  C CE1 . TYR A 1 116 ? -9.855  17.107  -13.100 1.00 17.78 ? 115  TYR A CE1 1 
ATOM   939  C CE2 . TYR A 1 116 ? -7.408  16.987  -13.152 1.00 10.35 ? 115  TYR A CE2 1 
ATOM   940  C CZ  . TYR A 1 116 ? -8.640  17.530  -13.624 1.00 14.05 ? 115  TYR A CZ  1 
ATOM   941  O OH  . TYR A 1 116 ? -8.750  18.472  -14.685 1.00 14.56 ? 115  TYR A OH  1 
ATOM   942  N N   . ALA A 1 117 ? -9.401  13.998  -7.118  1.00 7.24  ? 116  ALA A N   1 
ATOM   943  C CA  . ALA A 1 117 ? -10.379 13.550  -6.118  1.00 6.55  ? 116  ALA A CA  1 
ATOM   944  C C   . ALA A 1 117 ? -10.982 14.703  -5.370  1.00 7.90  ? 116  ALA A C   1 
ATOM   945  O O   . ALA A 1 117 ? -12.175 14.729  -5.031  1.00 8.22  ? 116  ALA A O   1 
ATOM   946  C CB  . ALA A 1 117 ? -9.737  12.561  -5.147  1.00 8.52  ? 116  ALA A CB  1 
ATOM   947  N N   . ILE A 1 118 ? -10.130 15.689  -5.102  1.00 6.64  ? 117  ILE A N   1 
ATOM   948  C CA  . ILE A 1 118 ? -10.619 16.922  -4.437  1.00 6.31  ? 117  ILE A CA  1 
ATOM   949  C C   . ILE A 1 118 ? -11.648 17.656  -5.326  1.00 6.99  ? 117  ILE A C   1 
ATOM   950  O O   . ILE A 1 118 ? -12.758 17.972  -4.816  1.00 8.54  ? 117  ILE A O   1 
ATOM   951  C CB  . ILE A 1 118 ? -9.456  17.860  -4.093  1.00 7.09  ? 117  ILE A CB  1 
ATOM   952  C CG1 . ILE A 1 118 ? -8.599  17.206  -2.977  1.00 8.81  ? 117  ILE A CG1 1 
ATOM   953  C CG2 . ILE A 1 118 ? -9.978  19.245  -3.545  1.00 7.95  ? 117  ILE A CG2 1 
ATOM   954  C CD1 . ILE A 1 118 ? -7.223  17.954  -2.806  1.00 9.43  ? 117  ILE A CD1 1 
ATOM   955  N N   . LEU A 1 119 ? -11.338 17.798  -6.629  1.00 6.38  ? 118  LEU A N   1 
ATOM   956  C CA  . LEU A 1 119 ? -12.325 18.439  -7.505  1.00 6.90  ? 118  LEU A CA  1 
ATOM   957  C C   . LEU A 1 119 ? -13.577 17.582  -7.574  1.00 5.84  ? 118  LEU A C   1 
ATOM   958  O O   . LEU A 1 119 ? -14.686 18.180  -7.615  1.00 8.23  ? 118  LEU A O   1 
ATOM   959  C CB  . LEU A 1 119 ? -11.697 18.570  -8.935  1.00 8.57  ? 118  LEU A CB  1 
ATOM   960  C CG  . LEU A 1 119 ? -10.587 19.671  -8.961  1.00 7.28  ? 118  LEU A CG  1 
ATOM   961  C CD1 . LEU A 1 119 ? -9.977  19.553  -10.353 1.00 10.08 ? 118  LEU A CD1 1 
ATOM   962  C CD2 . LEU A 1 119 ? -11.180 21.045  -8.680  1.00 9.62  ? 118  LEU A CD2 1 
ATOM   963  N N   . ASN A 1 120 ? -13.432 16.262  -7.612  1.00 7.61  ? 119  ASN A N   1 
ATOM   964  C CA  . ASN A 1 120 ? -14.640 15.409  -7.812  1.00 8.37  ? 119  ASN A CA  1 
ATOM   965  C C   . ASN A 1 120 ? -15.507 15.340  -6.566  1.00 7.74  ? 119  ASN A C   1 
ATOM   966  O O   . ASN A 1 120 ? -16.662 14.924  -6.655  1.00 8.57  ? 119  ASN A O   1 
ATOM   967  C CB  . ASN A 1 120 ? -14.256 14.030  -8.255  1.00 7.56  ? 119  ASN A CB  1 
ATOM   968  C CG  . ASN A 1 120 ? -15.422 13.335  -8.990  1.00 9.95  ? 119  ASN A CG  1 
ATOM   969  O OD1 . ASN A 1 120 ? -15.941 13.960  -9.910  1.00 10.28 ? 119  ASN A OD1 1 
ATOM   970  N ND2 . ASN A 1 120 ? -15.753 12.088  -8.655  1.00 10.70 ? 119  ASN A ND2 1 
ATOM   971  N N   . SER A 1 121 ? -14.953 15.733  -5.385  1.00 8.22  ? 120  SER A N   1 
ATOM   972  C CA  . SER A 1 121 ? -15.830 15.829  -4.215  1.00 7.76  ? 120  SER A CA  1 
ATOM   973  C C   . SER A 1 121 ? -16.853 16.935  -4.440  1.00 10.03 ? 120  SER A C   1 
ATOM   974  O O   . SER A 1 121 ? -17.986 16.903  -3.932  1.00 9.50  ? 120  SER A O   1 
ATOM   975  C CB  . SER A 1 121 ? -14.904 16.178  -3.030  1.00 10.35 ? 120  SER A CB  1 
ATOM   976  O OG  . SER A 1 121 ? -15.660 16.431  -1.835  1.00 12.20 ? 120  SER A OG  1 
ATOM   977  N N   . VAL A 1 122 ? -16.404 17.952  -5.188  1.00 7.81  ? 121  VAL A N   1 
ATOM   978  C CA  . VAL A 1 122 ? -17.340 19.050  -5.619  1.00 8.72  ? 121  VAL A CA  1 
ATOM   979  C C   . VAL A 1 122 ? -18.216 18.587  -6.815  1.00 8.94  ? 121  VAL A C   1 
ATOM   980  O O   . VAL A 1 122 ? -19.479 18.671  -6.789  1.00 10.91 ? 121  VAL A O   1 
ATOM   981  C CB  . VAL A 1 122 ? -16.583 20.328  -6.035  1.00 9.25  ? 121  VAL A CB  1 
ATOM   982  C CG1 . VAL A 1 122 ? -17.644 21.407  -6.407  1.00 11.80 ? 121  VAL A CG1 1 
ATOM   983  C CG2 . VAL A 1 122 ? -15.826 20.881  -4.873  1.00 10.84 ? 121  VAL A CG2 1 
ATOM   984  N N   . PHE A 1 123 ? -17.566 18.106  -7.871  1.00 9.24  ? 122  PHE A N   1 
ATOM   985  C CA  . PHE A 1 123 ? -18.267 17.867  -9.132  1.00 9.10  ? 122  PHE A CA  1 
ATOM   986  C C   . PHE A 1 123 ? -19.124 16.627  -9.100  1.00 11.91 ? 122  PHE A C   1 
ATOM   987  O O   . PHE A 1 123 ? -20.160 16.529  -9.777  1.00 13.99 ? 122  PHE A O   1 
ATOM   988  C CB  . PHE A 1 123 ? -17.246 17.804  -10.265 1.00 10.01 ? 122  PHE A CB  1 
ATOM   989  C CG  . PHE A 1 123 ? -16.442 19.070  -10.434 1.00 8.59  ? 122  PHE A CG  1 
ATOM   990  C CD1 . PHE A 1 123 ? -16.994 20.268  -10.095 1.00 10.26 ? 122  PHE A CD1 1 
ATOM   991  C CD2 . PHE A 1 123 ? -15.153 19.006  -11.045 1.00 11.79 ? 122  PHE A CD2 1 
ATOM   992  C CE1 . PHE A 1 123 ? -16.274 21.436  -10.286 1.00 16.23 ? 122  PHE A CE1 1 
ATOM   993  C CE2 . PHE A 1 123 ? -14.402 20.244  -11.252 1.00 12.01 ? 122  PHE A CE2 1 
ATOM   994  C CZ  . PHE A 1 123 ? -15.016 21.376  -10.867 1.00 12.55 ? 122  PHE A CZ  1 
ATOM   995  N N   . ARG A 1 124 ? -18.697 15.636  -8.337  1.00 11.33 ? 123  ARG A N   1 
ATOM   996  C CA  . ARG A 1 124 ? -19.448 14.342  -8.168  1.00 12.16 ? 123  ARG A CA  1 
ATOM   997  C C   . ARG A 1 124 ? -19.752 13.690  -9.501  1.00 14.80 ? 123  ARG A C   1 
ATOM   998  O O   . ARG A 1 124 ? -20.871 13.120  -9.661  1.00 17.28 ? 123  ARG A O   1 
ATOM   999  C CB  . ARG A 1 124 ? -20.681 14.514  -7.282  1.00 12.63 ? 123  ARG A CB  1 
ATOM   1000 C CG  . ARG A 1 124 ? -20.209 15.050  -5.892  1.00 17.50 ? 123  ARG A CG  1 
ATOM   1001 C CD  . ARG A 1 124 ? -21.334 15.239  -4.902  1.00 26.97 ? 123  ARG A CD  1 
ATOM   1002 N NE  . ARG A 1 124 ? -22.047 13.980  -4.618  1.00 30.30 ? 123  ARG A NE  1 
ATOM   1003 C CZ  . ARG A 1 124 ? -21.681 12.941  -3.811  1.00 33.53 ? 123  ARG A CZ  1 
ATOM   1004 N NH1 . ARG A 1 124 ? -20.521 12.853  -3.050  1.00 23.94 ? 123  ARG A NH1 1 
ATOM   1005 N NH2 . ARG A 1 124 ? -22.555 11.930  -3.762  1.00 33.70 ? 123  ARG A NH2 1 
ATOM   1006 N N   . ILE A 1 125 ? -18.796 13.678  -10.434 1.00 11.25 ? 124  ILE A N   1 
ATOM   1007 C CA  . ILE A 1 125 ? -19.004 12.950  -11.690 1.00 14.90 ? 124  ILE A CA  1 
ATOM   1008 C C   . ILE A 1 125 ? -18.780 11.460  -11.375 1.00 18.46 ? 124  ILE A C   1 
ATOM   1009 O O   . ILE A 1 125 ? -17.743 11.087  -10.747 1.00 20.40 ? 124  ILE A O   1 
ATOM   1010 C CB  . ILE A 1 125 ? -17.995 13.449  -12.722 1.00 13.17 ? 124  ILE A CB  1 
ATOM   1011 C CG1 . ILE A 1 125 ? -18.475 14.841  -13.087 1.00 15.19 ? 124  ILE A CG1 1 
ATOM   1012 C CG2 . ILE A 1 125 ? -17.938 12.525  -13.923 1.00 16.89 ? 124  ILE A CG2 1 
ATOM   1013 C CD1 . ILE A 1 125 ? -17.507 15.747  -13.847 1.00 14.18 ? 124  ILE A CD1 1 
ATOM   1014 N N   . GLY A 1 126 ? -19.745 10.611  -11.673 1.00 18.36 ? 125  GLY A N   1 
ATOM   1015 C CA  . GLY A 1 126 ? -19.536 9.148   -11.599 1.00 24.25 ? 125  GLY A CA  1 
ATOM   1016 C C   . GLY A 1 126 ? -19.580 8.428   -10.236 1.00 26.75 ? 125  GLY A C   1 
ATOM   1017 O O   . GLY A 1 126 ? -20.194 8.939   -9.258  1.00 32.17 ? 125  GLY A O   1 
HETATM 1018 O O   . HOH B 2 .   ? -13.696 -4.409  6.239   1.00 35.33 ? 2001 HOH A O   1 
HETATM 1019 O O   . HOH B 2 .   ? 3.677   -2.525  -12.969 1.00 40.64 ? 2002 HOH A O   1 
HETATM 1020 O O   . HOH B 2 .   ? -15.546 -3.561  -0.599  1.00 23.33 ? 2003 HOH A O   1 
HETATM 1021 O O   . HOH B 2 .   ? -15.778 -4.104  3.771   1.00 26.34 ? 2004 HOH A O   1 
HETATM 1022 O O   . HOH B 2 .   ? 8.629   -16.447 -4.636  1.00 44.49 ? 2005 HOH A O   1 
HETATM 1023 O O   . HOH B 2 .   ? -0.796  4.336   13.633  1.00 17.39 ? 2006 HOH A O   1 
HETATM 1024 O O   . HOH B 2 .   ? -8.942  7.322   10.533  1.00 9.24  ? 2007 HOH A O   1 
HETATM 1025 O O   . HOH B 2 .   ? -5.063  -0.006  11.219  1.00 26.73 ? 2008 HOH A O   1 
HETATM 1026 O O   . HOH B 2 .   ? -5.437  -2.906  18.508  1.00 26.48 ? 2009 HOH A O   1 
HETATM 1027 O O   . HOH B 2 .   ? -18.140 -3.770  10.050  1.00 32.29 ? 2010 HOH A O   1 
HETATM 1028 O O   . HOH B 2 .   ? -7.029  -11.015 11.520  1.00 32.61 ? 2011 HOH A O   1 
HETATM 1029 O O   . HOH B 2 .   ? -5.724  -4.596  13.294  1.00 21.01 ? 2012 HOH A O   1 
HETATM 1030 O O   . HOH B 2 .   ? -18.542 2.572   8.237   1.00 19.12 ? 2013 HOH A O   1 
HETATM 1031 O O   . HOH B 2 .   ? -17.953 1.481   4.105   1.00 32.32 ? 2014 HOH A O   1 
HETATM 1032 O O   . HOH B 2 .   ? -19.642 2.956   5.124   1.00 21.52 ? 2015 HOH A O   1 
HETATM 1033 O O   . HOH B 2 .   ? -15.466 -2.070  1.804   1.00 18.26 ? 2016 HOH A O   1 
HETATM 1034 O O   . HOH B 2 .   ? -14.945 -6.197  -0.340  1.00 29.23 ? 2017 HOH A O   1 
HETATM 1035 O O   . HOH B 2 .   ? -5.201  8.439   6.060   1.00 14.71 ? 2018 HOH A O   1 
HETATM 1036 O O   . HOH B 2 .   ? 3.768   8.615   13.619  1.00 20.17 ? 2019 HOH A O   1 
HETATM 1037 O O   . HOH B 2 .   ? 10.929  3.123   15.641  1.00 52.12 ? 2020 HOH A O   1 
HETATM 1038 O O   . HOH B 2 .   ? -13.198 -2.956  -10.195 1.00 21.06 ? 2021 HOH A O   1 
HETATM 1039 O O   . HOH B 2 .   ? -16.591 -0.038  -6.325  1.00 23.60 ? 2022 HOH A O   1 
HETATM 1040 O O   . HOH B 2 .   ? -18.090 1.884   -5.195  1.00 34.06 ? 2023 HOH A O   1 
HETATM 1041 O O   . HOH B 2 .   ? 16.286  4.442   -0.319  1.00 42.99 ? 2024 HOH A O   1 
HETATM 1042 O O   . HOH B 2 .   ? 12.592  15.244  -0.981  1.00 38.95 ? 2025 HOH A O   1 
HETATM 1043 O O   . HOH B 2 .   ? -6.509  -10.547 -4.888  1.00 23.40 ? 2026 HOH A O   1 
HETATM 1044 O O   . HOH B 2 .   ? 16.720  2.113   -1.958  1.00 28.52 ? 2027 HOH A O   1 
HETATM 1045 O O   . HOH B 2 .   ? -16.004 -3.058  -5.921  1.00 40.68 ? 2028 HOH A O   1 
HETATM 1046 O O   . HOH B 2 .   ? -10.116 -9.710  -14.162 1.00 42.63 ? 2029 HOH A O   1 
HETATM 1047 O O   . HOH B 2 .   ? 10.052  -18.281 -2.164  1.00 48.70 ? 2030 HOH A O   1 
HETATM 1048 O O   . HOH B 2 .   ? -2.335  -9.561  -13.566 1.00 34.49 ? 2031 HOH A O   1 
HETATM 1049 O O   . HOH B 2 .   ? -6.173  -9.644  -8.077  1.00 34.00 ? 2032 HOH A O   1 
HETATM 1050 O O   . HOH B 2 .   ? -5.759  -7.225  -9.595  1.00 23.95 ? 2033 HOH A O   1 
HETATM 1051 O O   . HOH B 2 .   ? -3.455  -11.501 -13.127 1.00 62.68 ? 2034 HOH A O   1 
HETATM 1052 O O   . HOH B 2 .   ? 0.067   -9.457  -13.624 1.00 39.76 ? 2035 HOH A O   1 
HETATM 1053 O O   . HOH B 2 .   ? -2.064  -11.610 4.598   1.00 27.60 ? 2036 HOH A O   1 
HETATM 1054 O O   . HOH B 2 .   ? -5.319  -8.046  4.918   1.00 28.44 ? 2037 HOH A O   1 
HETATM 1055 O O   . HOH B 2 .   ? -6.232  -8.199  2.366   1.00 15.59 ? 2038 HOH A O   1 
HETATM 1056 O O   . HOH B 2 .   ? 3.683   2.556   13.104  1.00 27.57 ? 2039 HOH A O   1 
HETATM 1057 O O   . HOH B 2 .   ? -1.624  0.693   19.289  1.00 25.62 ? 2040 HOH A O   1 
HETATM 1058 O O   . HOH B 2 .   ? -3.402  4.338   17.047  1.00 33.55 ? 2041 HOH A O   1 
HETATM 1059 O O   . HOH B 2 .   ? -5.105  -10.747 13.443  1.00 30.05 ? 2042 HOH A O   1 
HETATM 1060 O O   . HOH B 2 .   ? 6.629   -9.211  12.438  1.00 12.84 ? 2043 HOH A O   1 
HETATM 1061 O O   . HOH B 2 .   ? 4.618   -10.804 13.452  1.00 13.35 ? 2044 HOH A O   1 
HETATM 1062 O O   . HOH B 2 .   ? 1.544   -9.696  14.526  1.00 15.38 ? 2045 HOH A O   1 
HETATM 1063 O O   . HOH B 2 .   ? 6.887   -17.569 2.586   1.00 33.03 ? 2046 HOH A O   1 
HETATM 1064 O O   . HOH B 2 .   ? 4.548   -17.944 2.110   1.00 28.02 ? 2047 HOH A O   1 
HETATM 1065 O O   . HOH B 2 .   ? 5.380   -17.377 -0.407  1.00 31.01 ? 2048 HOH A O   1 
HETATM 1066 O O   . HOH B 2 .   ? 5.309   -5.424  -12.997 1.00 38.24 ? 2049 HOH A O   1 
HETATM 1067 O O   . HOH B 2 .   ? -4.676  5.968   4.927   1.00 13.26 ? 2050 HOH A O   1 
HETATM 1068 O O   . HOH B 2 .   ? 2.758   12.455  -0.212  1.00 16.00 ? 2051 HOH A O   1 
HETATM 1069 O O   . HOH B 2 .   ? 1.365   10.654  7.509   1.00 23.04 ? 2052 HOH A O   1 
HETATM 1070 O O   . HOH B 2 .   ? 3.855   10.089  11.338  1.00 15.67 ? 2053 HOH A O   1 
HETATM 1071 O O   . HOH B 2 .   ? 2.666   8.891   9.092   1.00 17.22 ? 2054 HOH A O   1 
HETATM 1072 O O   . HOH B 2 .   ? 9.104   4.022   2.160   1.00 14.72 ? 2055 HOH A O   1 
HETATM 1073 O O   . HOH B 2 .   ? 8.655   11.280  7.866   1.00 13.39 ? 2056 HOH A O   1 
HETATM 1074 O O   . HOH B 2 .   ? 11.896  11.065  13.303  1.00 19.25 ? 2057 HOH A O   1 
HETATM 1075 O O   . HOH B 2 .   ? 12.681  7.491   14.678  1.00 29.81 ? 2058 HOH A O   1 
HETATM 1076 O O   . HOH B 2 .   ? 8.925   6.085   13.653  1.00 19.83 ? 2059 HOH A O   1 
HETATM 1077 O O   . HOH B 2 .   ? 9.919   2.341   13.018  1.00 24.03 ? 2060 HOH A O   1 
HETATM 1078 O O   . HOH B 2 .   ? 5.218   6.016   13.744  1.00 25.76 ? 2061 HOH A O   1 
HETATM 1079 O O   . HOH B 2 .   ? 15.050  0.438   8.018   1.00 21.02 ? 2062 HOH A O   1 
HETATM 1080 O O   . HOH B 2 .   ? 15.353  -2.768  8.726   1.00 36.42 ? 2063 HOH A O   1 
HETATM 1081 O O   . HOH B 2 .   ? 17.829  3.310   6.814   1.00 25.01 ? 2064 HOH A O   1 
HETATM 1082 O O   . HOH B 2 .   ? 15.708  6.884   1.089   1.00 38.02 ? 2065 HOH A O   1 
HETATM 1083 O O   . HOH B 2 .   ? 14.743  11.124  2.316   1.00 15.54 ? 2066 HOH A O   1 
HETATM 1084 O O   . HOH B 2 .   ? 9.773   14.385  -1.777  1.00 20.55 ? 2067 HOH A O   1 
HETATM 1085 O O   . HOH B 2 .   ? 8.408   5.296   -0.281  1.00 14.62 ? 2068 HOH A O   1 
HETATM 1086 O O   . HOH B 2 .   ? 12.163  8.051   -6.163  1.00 23.19 ? 2069 HOH A O   1 
HETATM 1087 O O   . HOH B 2 .   ? 14.453  6.057   -2.406  1.00 25.96 ? 2070 HOH A O   1 
HETATM 1088 O O   . HOH B 2 .   ? 16.057  1.287   -4.838  1.00 22.83 ? 2071 HOH A O   1 
HETATM 1089 O O   . HOH B 2 .   ? 17.827  -0.947  -4.951  1.00 33.50 ? 2072 HOH A O   1 
HETATM 1090 O O   . HOH B 2 .   ? 15.873  -0.159  -1.355  1.00 29.90 ? 2073 HOH A O   1 
HETATM 1091 O O   . HOH B 2 .   ? 14.669  -6.313  2.704   1.00 22.48 ? 2074 HOH A O   1 
HETATM 1092 O O   . HOH B 2 .   ? 16.105  -11.848 -0.512  1.00 22.16 ? 2075 HOH A O   1 
HETATM 1093 O O   . HOH B 2 .   ? 8.405   -15.292 2.114   1.00 19.32 ? 2076 HOH A O   1 
HETATM 1094 O O   . HOH B 2 .   ? 10.055  -16.779 0.478   1.00 29.49 ? 2077 HOH A O   1 
HETATM 1095 O O   . HOH B 2 .   ? 3.040   11.629  -3.007  1.00 16.06 ? 2078 HOH A O   1 
HETATM 1096 O O   . HOH B 2 .   ? 2.791   7.924   -5.743  1.00 13.67 ? 2079 HOH A O   1 
HETATM 1097 O O   . HOH B 2 .   ? 5.396   11.935  -4.288  1.00 25.95 ? 2080 HOH A O   1 
HETATM 1098 O O   . HOH B 2 .   ? 0.230   8.047   -6.657  1.00 10.74 ? 2081 HOH A O   1 
HETATM 1099 O O   . HOH B 2 .   ? -1.721  11.301  -12.375 1.00 25.70 ? 2082 HOH A O   1 
HETATM 1100 O O   . HOH B 2 .   ? 3.358   11.101  -7.578  1.00 57.88 ? 2083 HOH A O   1 
HETATM 1101 O O   . HOH B 2 .   ? 0.846   12.844  -10.535 1.00 28.32 ? 2084 HOH A O   1 
HETATM 1102 O O   . HOH B 2 .   ? -18.598 14.758  -2.301  1.00 18.25 ? 2085 HOH A O   1 
HETATM 1103 O O   . HOH B 2 .   ? -22.538 15.613  -10.745 1.00 21.58 ? 2086 HOH A O   1 
HETATM 1104 O O   . HOH B 2 .   ? -22.935 11.371  -10.943 1.00 46.49 ? 2087 HOH A O   1 
HETATM 1105 O O   . HOH B 2 .   ? -21.851 11.596  -13.626 1.00 25.62 ? 2088 HOH A O   1 
# 
loop_
_pdbx_poly_seq_scheme.asym_id 
_pdbx_poly_seq_scheme.entity_id 
_pdbx_poly_seq_scheme.seq_id 
_pdbx_poly_seq_scheme.mon_id 
_pdbx_poly_seq_scheme.ndb_seq_num 
_pdbx_poly_seq_scheme.pdb_seq_num 
_pdbx_poly_seq_scheme.auth_seq_num 
_pdbx_poly_seq_scheme.pdb_mon_id 
_pdbx_poly_seq_scheme.auth_mon_id 
_pdbx_poly_seq_scheme.pdb_strand_id 
_pdbx_poly_seq_scheme.pdb_ins_code 
_pdbx_poly_seq_scheme.hetero 
A 1 1   GLY 1   0   0   GLY GLY A . n 
A 1 2   MET 2   1   1   MET MET A . n 
A 1 3   ARG 3   2   2   ARG ARG A . n 
A 1 4   ARG 4   3   3   ARG ARG A . n 
A 1 5   GLY 5   4   4   GLY GLY A . n 
A 1 6   LEU 6   5   5   LEU LEU A . n 
A 1 7   VAL 7   6   6   VAL VAL A . n 
A 1 8   ILE 8   7   7   ILE ILE A . n 
A 1 9   VAL 9   8   8   VAL VAL A . n 
A 1 10  GLY 10  9   9   GLY GLY A . n 
A 1 11  HIS 11  10  10  HIS HIS A . n 
A 1 12  GLY 12  11  11  GLY GLY A . n 
A 1 13  SER 13  12  12  SER SER A . n 
A 1 14  GLN 14  13  13  GLN GLN A . n 
A 1 15  LEU 15  14  14  LEU LEU A . n 
A 1 16  ASN 16  15  15  ASN ASN A . n 
A 1 17  HIS 17  16  16  HIS HIS A . n 
A 1 18  TYR 18  17  17  TYR TYR A . n 
A 1 19  ARG 19  18  18  ARG ARG A . n 
A 1 20  GLU 20  19  19  GLU GLU A . n 
A 1 21  VAL 21  20  20  VAL VAL A . n 
A 1 22  MET 22  21  21  MET MET A . n 
A 1 23  GLU 23  22  22  GLU GLU A . n 
A 1 24  LEU 24  23  23  LEU LEU A . n 
A 1 25  HIS 25  24  24  HIS HIS A . n 
A 1 26  ARG 26  25  25  ARG ARG A . n 
A 1 27  LYS 27  26  26  LYS LYS A . n 
A 1 28  ARG 28  27  27  ARG ARG A . n 
A 1 29  ILE 29  28  28  ILE ILE A . n 
A 1 30  GLU 30  29  29  GLU GLU A . n 
A 1 31  GLU 31  30  30  GLU GLU A . n 
A 1 32  SER 32  31  31  SER SER A . n 
A 1 33  GLY 33  32  32  GLY GLY A . n 
A 1 34  ALA 34  33  33  ALA ALA A . n 
A 1 35  PHE 35  34  34  PHE PHE A . n 
A 1 36  ASP 36  35  35  ASP ASP A . n 
A 1 37  GLU 37  36  36  GLU GLU A . n 
A 1 38  VAL 38  37  37  VAL VAL A . n 
A 1 39  LYS 39  38  38  LYS LYS A . n 
A 1 40  ILE 40  39  39  ILE ILE A . n 
A 1 41  ALA 41  40  40  ALA ALA A . n 
A 1 42  PHE 42  41  41  PHE PHE A . n 
A 1 43  ALA 43  42  42  ALA ALA A . n 
A 1 44  ALA 44  43  43  ALA ALA A . n 
A 1 45  ARG 45  44  44  ARG ARG A . n 
A 1 46  LYS 46  45  45  LYS LYS A . n 
A 1 47  ARG 47  46  46  ARG ARG A . n 
A 1 48  ARG 48  47  47  ARG ARG A . n 
A 1 49  PRO 49  48  48  PRO PRO A . n 
A 1 50  MET 50  49  49  MET MET A . n 
A 1 51  PRO 51  50  50  PRO PRO A . n 
A 1 52  ASP 52  51  51  ASP ASP A . n 
A 1 53  GLU 53  52  52  GLU GLU A . n 
A 1 54  ALA 54  53  53  ALA ALA A . n 
A 1 55  ILE 55  54  54  ILE ILE A . n 
A 1 56  ARG 56  55  55  ARG ARG A . n 
A 1 57  GLU 57  56  56  GLU GLU A . n 
A 1 58  MET 58  57  57  MET MET A . n 
A 1 59  ASN 59  58  58  ASN ASN A . n 
A 1 60  CYS 60  59  59  CYS CYS A . n 
A 1 61  ASP 61  60  60  ASP ASP A . n 
A 1 62  ILE 62  61  61  ILE ILE A . n 
A 1 63  ILE 63  62  62  ILE ILE A . n 
A 1 64  TYR 64  63  63  TYR TYR A . n 
A 1 65  VAL 65  64  64  VAL VAL A . n 
A 1 66  VAL 66  65  65  VAL VAL A . n 
A 1 67  PRO 67  66  66  PRO PRO A . n 
A 1 68  LEU 68  67  67  LEU LEU A . n 
A 1 69  PHE 69  68  68  PHE PHE A . n 
A 1 70  ILE 70  69  69  ILE ILE A . n 
A 1 71  SER 71  70  70  SER SER A . n 
A 1 72  TYR 72  71  71  TYR TYR A . n 
A 1 73  GLY 73  72  72  GLY GLY A . n 
A 1 74  LEU 74  73  73  LEU LEU A . n 
A 1 75  HIS 75  74  74  HIS HIS A . n 
A 1 76  VAL 76  75  75  VAL VAL A . n 
A 1 77  THR 77  76  76  THR THR A . n 
A 1 78  GLU 78  77  77  GLU GLU A . n 
A 1 79  ASP 79  78  78  ASP ASP A . n 
A 1 80  LEU 80  79  79  LEU LEU A . n 
A 1 81  PRO 81  80  80  PRO PRO A . n 
A 1 82  ASP 82  81  81  ASP ASP A . n 
A 1 83  LEU 83  82  82  LEU LEU A . n 
A 1 84  LEU 84  83  83  LEU LEU A . n 
A 1 85  GLY 85  84  84  GLY GLY A . n 
A 1 86  PHE 86  85  85  PHE PHE A . n 
A 1 87  PRO 87  86  86  PRO PRO A . n 
A 1 88  ARG 88  87  87  ARG ARG A . n 
A 1 89  GLY 89  88  88  GLY GLY A . n 
A 1 90  ARG 90  89  89  ARG ARG A . n 
A 1 91  GLY 91  90  90  GLY GLY A . n 
A 1 92  ILE 92  91  91  ILE ILE A . n 
A 1 93  LYS 93  92  92  LYS LYS A . n 
A 1 94  GLU 94  93  93  GLU GLU A . n 
A 1 95  GLY 95  94  94  GLY GLY A . n 
A 1 96  GLU 96  95  95  GLU GLU A . n 
A 1 97  PHE 97  96  96  PHE PHE A . n 
A 1 98  GLU 98  97  97  GLU GLU A . n 
A 1 99  GLY 99  98  98  GLY GLY A . n 
A 1 100 LYS 100 99  99  LYS LYS A . n 
A 1 101 LYS 101 100 100 LYS LYS A . n 
A 1 102 VAL 102 101 101 VAL VAL A . n 
A 1 103 VAL 103 102 102 VAL VAL A . n 
A 1 104 ILE 104 103 103 ILE ILE A . n 
A 1 105 CYS 105 104 104 CYS CYS A . n 
A 1 106 GLU 106 105 105 GLU GLU A . n 
A 1 107 PRO 107 106 106 PRO PRO A . n 
A 1 108 ILE 108 107 107 ILE ILE A . n 
A 1 109 GLY 109 108 108 GLY GLY A . n 
A 1 110 GLU 110 109 109 GLU GLU A . n 
A 1 111 ASP 111 110 110 ASP ASP A . n 
A 1 112 TYR 112 111 111 TYR TYR A . n 
A 1 113 PHE 113 112 112 PHE PHE A . n 
A 1 114 VAL 114 113 113 VAL VAL A . n 
A 1 115 THR 115 114 114 THR THR A . n 
A 1 116 TYR 116 115 115 TYR TYR A . n 
A 1 117 ALA 117 116 116 ALA ALA A . n 
A 1 118 ILE 118 117 117 ILE ILE A . n 
A 1 119 LEU 119 118 118 LEU LEU A . n 
A 1 120 ASN 120 119 119 ASN ASN A . n 
A 1 121 SER 121 120 120 SER SER A . n 
A 1 122 VAL 122 121 121 VAL VAL A . n 
A 1 123 PHE 123 122 122 PHE PHE A . n 
A 1 124 ARG 124 123 123 ARG ARG A . n 
A 1 125 ILE 125 124 124 ILE ILE A . n 
A 1 126 GLY 126 125 125 GLY GLY A . n 
A 1 127 ARG 127 126 ?   ?   ?   A . n 
A 1 128 ASP 128 127 ?   ?   ?   A . n 
A 1 129 GLY 129 128 ?   ?   ?   A . n 
A 1 130 LYS 130 129 ?   ?   ?   A . n 
A 1 131 GLY 131 130 ?   ?   ?   A . n 
A 1 132 GLU 132 131 ?   ?   ?   A . n 
A 1 133 GLU 133 132 ?   ?   ?   A . n 
# 
loop_
_pdbx_nonpoly_scheme.asym_id 
_pdbx_nonpoly_scheme.entity_id 
_pdbx_nonpoly_scheme.mon_id 
_pdbx_nonpoly_scheme.ndb_seq_num 
_pdbx_nonpoly_scheme.pdb_seq_num 
_pdbx_nonpoly_scheme.auth_seq_num 
_pdbx_nonpoly_scheme.pdb_mon_id 
_pdbx_nonpoly_scheme.auth_mon_id 
_pdbx_nonpoly_scheme.pdb_strand_id 
_pdbx_nonpoly_scheme.pdb_ins_code 
B 2 HOH 1  2001 2001 HOH HOH A . 
B 2 HOH 2  2002 2002 HOH HOH A . 
B 2 HOH 3  2003 2003 HOH HOH A . 
B 2 HOH 4  2004 2004 HOH HOH A . 
B 2 HOH 5  2005 2005 HOH HOH A . 
B 2 HOH 6  2006 2006 HOH HOH A . 
B 2 HOH 7  2007 2007 HOH HOH A . 
B 2 HOH 8  2008 2008 HOH HOH A . 
B 2 HOH 9  2009 2009 HOH HOH A . 
B 2 HOH 10 2010 2010 HOH HOH A . 
B 2 HOH 11 2011 2011 HOH HOH A . 
B 2 HOH 12 2012 2012 HOH HOH A . 
B 2 HOH 13 2013 2013 HOH HOH A . 
B 2 HOH 14 2014 2014 HOH HOH A . 
B 2 HOH 15 2015 2015 HOH HOH A . 
B 2 HOH 16 2016 2016 HOH HOH A . 
B 2 HOH 17 2017 2017 HOH HOH A . 
B 2 HOH 18 2018 2018 HOH HOH A . 
B 2 HOH 19 2019 2019 HOH HOH A . 
B 2 HOH 20 2020 2020 HOH HOH A . 
B 2 HOH 21 2021 2021 HOH HOH A . 
B 2 HOH 22 2022 2022 HOH HOH A . 
B 2 HOH 23 2023 2023 HOH HOH A . 
B 2 HOH 24 2024 2024 HOH HOH A . 
B 2 HOH 25 2025 2025 HOH HOH A . 
B 2 HOH 26 2026 2026 HOH HOH A . 
B 2 HOH 27 2027 2027 HOH HOH A . 
B 2 HOH 28 2028 2028 HOH HOH A . 
B 2 HOH 29 2029 2029 HOH HOH A . 
B 2 HOH 30 2030 2030 HOH HOH A . 
B 2 HOH 31 2031 2031 HOH HOH A . 
B 2 HOH 32 2032 2032 HOH HOH A . 
B 2 HOH 33 2033 2033 HOH HOH A . 
B 2 HOH 34 2034 2034 HOH HOH A . 
B 2 HOH 35 2035 2035 HOH HOH A . 
B 2 HOH 36 2036 2036 HOH HOH A . 
B 2 HOH 37 2037 2037 HOH HOH A . 
B 2 HOH 38 2038 2038 HOH HOH A . 
B 2 HOH 39 2039 2039 HOH HOH A . 
B 2 HOH 40 2040 2040 HOH HOH A . 
B 2 HOH 41 2041 2041 HOH HOH A . 
B 2 HOH 42 2042 2042 HOH HOH A . 
B 2 HOH 43 2043 2043 HOH HOH A . 
B 2 HOH 44 2044 2044 HOH HOH A . 
B 2 HOH 45 2045 2045 HOH HOH A . 
B 2 HOH 46 2046 2046 HOH HOH A . 
B 2 HOH 47 2047 2047 HOH HOH A . 
B 2 HOH 48 2048 2048 HOH HOH A . 
B 2 HOH 49 2049 2049 HOH HOH A . 
B 2 HOH 50 2050 2050 HOH HOH A . 
B 2 HOH 51 2051 2051 HOH HOH A . 
B 2 HOH 52 2052 2052 HOH HOH A . 
B 2 HOH 53 2053 2053 HOH HOH A . 
B 2 HOH 54 2054 2054 HOH HOH A . 
B 2 HOH 55 2055 2055 HOH HOH A . 
B 2 HOH 56 2056 2056 HOH HOH A . 
B 2 HOH 57 2057 2057 HOH HOH A . 
B 2 HOH 58 2058 2058 HOH HOH A . 
B 2 HOH 59 2059 2059 HOH HOH A . 
B 2 HOH 60 2060 2060 HOH HOH A . 
B 2 HOH 61 2061 2061 HOH HOH A . 
B 2 HOH 62 2062 2062 HOH HOH A . 
B 2 HOH 63 2063 2063 HOH HOH A . 
B 2 HOH 64 2064 2064 HOH HOH A . 
B 2 HOH 65 2065 2065 HOH HOH A . 
B 2 HOH 66 2066 2066 HOH HOH A . 
B 2 HOH 67 2067 2067 HOH HOH A . 
B 2 HOH 68 2068 2068 HOH HOH A . 
B 2 HOH 69 2069 2069 HOH HOH A . 
B 2 HOH 70 2070 2070 HOH HOH A . 
B 2 HOH 71 2071 2071 HOH HOH A . 
B 2 HOH 72 2072 2072 HOH HOH A . 
B 2 HOH 73 2073 2073 HOH HOH A . 
B 2 HOH 74 2074 2074 HOH HOH A . 
B 2 HOH 75 2075 2075 HOH HOH A . 
B 2 HOH 76 2076 2076 HOH HOH A . 
B 2 HOH 77 2077 2077 HOH HOH A . 
B 2 HOH 78 2078 2078 HOH HOH A . 
B 2 HOH 79 2079 2079 HOH HOH A . 
B 2 HOH 80 2080 2080 HOH HOH A . 
B 2 HOH 81 2081 2081 HOH HOH A . 
B 2 HOH 82 2082 2082 HOH HOH A . 
B 2 HOH 83 2083 2083 HOH HOH A . 
B 2 HOH 84 2084 2084 HOH HOH A . 
B 2 HOH 85 2085 2085 HOH HOH A . 
B 2 HOH 86 2086 2086 HOH HOH A . 
B 2 HOH 87 2087 2087 HOH HOH A . 
B 2 HOH 88 2088 2088 HOH HOH A . 
# 
_pdbx_struct_assembly.id                   1 
_pdbx_struct_assembly.details              software_defined_assembly 
_pdbx_struct_assembly.method_details       PISA 
_pdbx_struct_assembly.oligomeric_details   dimeric 
_pdbx_struct_assembly.oligomeric_count     2 
# 
_pdbx_struct_assembly_gen.assembly_id       1 
_pdbx_struct_assembly_gen.oper_expression   1,2 
_pdbx_struct_assembly_gen.asym_id_list      A,B 
# 
loop_
_pdbx_struct_assembly_prop.biol_id 
_pdbx_struct_assembly_prop.type 
_pdbx_struct_assembly_prop.value 
_pdbx_struct_assembly_prop.details 
1 'ABSA (A^2)' 3940  ? 
1 MORE         -33.2 ? 
1 'SSA (A^2)'  11690 ? 
# 
loop_
_pdbx_struct_oper_list.id 
_pdbx_struct_oper_list.type 
_pdbx_struct_oper_list.name 
_pdbx_struct_oper_list.symmetry_operation 
_pdbx_struct_oper_list.matrix[1][1] 
_pdbx_struct_oper_list.matrix[1][2] 
_pdbx_struct_oper_list.matrix[1][3] 
_pdbx_struct_oper_list.vector[1] 
_pdbx_struct_oper_list.matrix[2][1] 
_pdbx_struct_oper_list.matrix[2][2] 
_pdbx_struct_oper_list.matrix[2][3] 
_pdbx_struct_oper_list.vector[2] 
_pdbx_struct_oper_list.matrix[3][1] 
_pdbx_struct_oper_list.matrix[3][2] 
_pdbx_struct_oper_list.matrix[3][3] 
_pdbx_struct_oper_list.vector[3] 
1 'identity operation'         1_555 x,y,z   1.0000000000  0.0000000000 0.0000000000 0.0000000000   0.0000000000 1.0000000000  0.0000000000 0.0000000000  0.0000000000 0.0000000000 1.0000000000 0.0000000000 
2 'crystal symmetry operation' 2_555 -x,-y,z -0.9332285438 0.0025837356 0.3592740031 -11.4240410511 0.0025837356 -0.9999000218 0.0139021835 20.9059011432 0.3592740031 0.0139021835 0.9331285656 1.9728244425 
# 
loop_
_pdbx_audit_revision_history.ordinal 
_pdbx_audit_revision_history.data_content_type 
_pdbx_audit_revision_history.major_revision 
_pdbx_audit_revision_history.minor_revision 
_pdbx_audit_revision_history.revision_date 
1 'Structure model' 1 0 2010-12-22 
2 'Structure model' 1 1 2011-05-08 
3 'Structure model' 1 2 2011-07-13 
4 'Structure model' 1 3 2023-12-20 
# 
_pdbx_audit_revision_details.ordinal             1 
_pdbx_audit_revision_details.revision_ordinal    1 
_pdbx_audit_revision_details.data_content_type   'Structure model' 
_pdbx_audit_revision_details.provider            repository 
_pdbx_audit_revision_details.type                'Initial release' 
_pdbx_audit_revision_details.description         ? 
_pdbx_audit_revision_details.details             ? 
# 
loop_
_pdbx_audit_revision_group.ordinal 
_pdbx_audit_revision_group.revision_ordinal 
_pdbx_audit_revision_group.data_content_type 
_pdbx_audit_revision_group.group 
1 2 'Structure model' 'Version format compliance' 
2 3 'Structure model' 'Version format compliance' 
3 4 'Structure model' 'Data collection'           
4 4 'Structure model' 'Database references'       
5 4 'Structure model' Other                       
6 4 'Structure model' 'Refinement description'    
# 
loop_
_pdbx_audit_revision_category.ordinal 
_pdbx_audit_revision_category.revision_ordinal 
_pdbx_audit_revision_category.data_content_type 
_pdbx_audit_revision_category.category 
1 4 'Structure model' chem_comp_atom                
2 4 'Structure model' chem_comp_bond                
3 4 'Structure model' database_2                    
4 4 'Structure model' pdbx_database_status          
5 4 'Structure model' pdbx_initial_refinement_model 
# 
loop_
_pdbx_audit_revision_item.ordinal 
_pdbx_audit_revision_item.revision_ordinal 
_pdbx_audit_revision_item.data_content_type 
_pdbx_audit_revision_item.item 
1 4 'Structure model' '_database_2.pdbx_DOI'                 
2 4 'Structure model' '_database_2.pdbx_database_accession'  
3 4 'Structure model' '_pdbx_database_status.status_code_sf' 
# 
loop_
_software.name 
_software.classification 
_software.version 
_software.citation_id 
_software.pdbx_ordinal 
REFMAC refinement       5.5.0072 ? 1 
MOSFLM 'data reduction' .        ? 2 
SCALA  'data scaling'   .        ? 3 
MOLREP phasing          .        ? 4 
# 
loop_
_pdbx_validate_close_contact.id 
_pdbx_validate_close_contact.PDB_model_num 
_pdbx_validate_close_contact.auth_atom_id_1 
_pdbx_validate_close_contact.auth_asym_id_1 
_pdbx_validate_close_contact.auth_comp_id_1 
_pdbx_validate_close_contact.auth_seq_id_1 
_pdbx_validate_close_contact.PDB_ins_code_1 
_pdbx_validate_close_contact.label_alt_id_1 
_pdbx_validate_close_contact.auth_atom_id_2 
_pdbx_validate_close_contact.auth_asym_id_2 
_pdbx_validate_close_contact.auth_comp_id_2 
_pdbx_validate_close_contact.auth_seq_id_2 
_pdbx_validate_close_contact.PDB_ins_code_2 
_pdbx_validate_close_contact.label_alt_id_2 
_pdbx_validate_close_contact.dist 
1 1 OE1 A GLN 13 ? ? NH2 A ARG 46   ? ? 1.99 
2 1 OE1 A GLU 19 ? ? O   A HOH 2014 ? ? 2.06 
# 
loop_
_pdbx_validate_rmsd_angle.id 
_pdbx_validate_rmsd_angle.PDB_model_num 
_pdbx_validate_rmsd_angle.auth_atom_id_1 
_pdbx_validate_rmsd_angle.auth_asym_id_1 
_pdbx_validate_rmsd_angle.auth_comp_id_1 
_pdbx_validate_rmsd_angle.auth_seq_id_1 
_pdbx_validate_rmsd_angle.PDB_ins_code_1 
_pdbx_validate_rmsd_angle.label_alt_id_1 
_pdbx_validate_rmsd_angle.auth_atom_id_2 
_pdbx_validate_rmsd_angle.auth_asym_id_2 
_pdbx_validate_rmsd_angle.auth_comp_id_2 
_pdbx_validate_rmsd_angle.auth_seq_id_2 
_pdbx_validate_rmsd_angle.PDB_ins_code_2 
_pdbx_validate_rmsd_angle.label_alt_id_2 
_pdbx_validate_rmsd_angle.auth_atom_id_3 
_pdbx_validate_rmsd_angle.auth_asym_id_3 
_pdbx_validate_rmsd_angle.auth_comp_id_3 
_pdbx_validate_rmsd_angle.auth_seq_id_3 
_pdbx_validate_rmsd_angle.PDB_ins_code_3 
_pdbx_validate_rmsd_angle.label_alt_id_3 
_pdbx_validate_rmsd_angle.angle_value 
_pdbx_validate_rmsd_angle.angle_target_value 
_pdbx_validate_rmsd_angle.angle_deviation 
_pdbx_validate_rmsd_angle.angle_standard_deviation 
_pdbx_validate_rmsd_angle.linker_flag 
1 1 NE A ARG 46  ? ? CZ A ARG 46  ? ? NH1 A ARG 46  ? ? 124.87 120.30 4.57  0.50 N 
2 1 NE A ARG 123 ? ? CZ A ARG 123 ? ? NH1 A ARG 123 ? ? 126.55 120.30 6.25  0.50 N 
3 1 NE A ARG 123 ? ? CZ A ARG 123 ? ? NH2 A ARG 123 ? ? 114.95 120.30 -5.35 0.50 N 
# 
_pdbx_validate_torsion.id              1 
_pdbx_validate_torsion.PDB_model_num   1 
_pdbx_validate_torsion.auth_comp_id    HIS 
_pdbx_validate_torsion.auth_asym_id    A 
_pdbx_validate_torsion.auth_seq_id     10 
_pdbx_validate_torsion.PDB_ins_code    ? 
_pdbx_validate_torsion.label_alt_id    ? 
_pdbx_validate_torsion.phi             -99.08 
_pdbx_validate_torsion.psi             -158.45 
# 
loop_
_pdbx_unobs_or_zero_occ_residues.id 
_pdbx_unobs_or_zero_occ_residues.PDB_model_num 
_pdbx_unobs_or_zero_occ_residues.polymer_flag 
_pdbx_unobs_or_zero_occ_residues.occupancy_flag 
_pdbx_unobs_or_zero_occ_residues.auth_asym_id 
_pdbx_unobs_or_zero_occ_residues.auth_comp_id 
_pdbx_unobs_or_zero_occ_residues.auth_seq_id 
_pdbx_unobs_or_zero_occ_residues.PDB_ins_code 
_pdbx_unobs_or_zero_occ_residues.label_asym_id 
_pdbx_unobs_or_zero_occ_residues.label_comp_id 
_pdbx_unobs_or_zero_occ_residues.label_seq_id 
1 1 Y 1 A ARG 126 ? A ARG 127 
2 1 Y 1 A ASP 127 ? A ASP 128 
3 1 Y 1 A GLY 128 ? A GLY 129 
4 1 Y 1 A LYS 129 ? A LYS 130 
5 1 Y 1 A GLY 130 ? A GLY 131 
6 1 Y 1 A GLU 131 ? A GLU 132 
7 1 Y 1 A GLU 132 ? A GLU 133 
# 
loop_
_chem_comp_atom.comp_id 
_chem_comp_atom.atom_id 
_chem_comp_atom.type_symbol 
_chem_comp_atom.pdbx_aromatic_flag 
_chem_comp_atom.pdbx_stereo_config 
_chem_comp_atom.pdbx_ordinal 
ALA N    N N N 1   
ALA CA   C N S 2   
ALA C    C N N 3   
ALA O    O N N 4   
ALA CB   C N N 5   
ALA OXT  O N N 6   
ALA H    H N N 7   
ALA H2   H N N 8   
ALA HA   H N N 9   
ALA HB1  H N N 10  
ALA HB2  H N N 11  
ALA HB3  H N N 12  
ALA HXT  H N N 13  
ARG N    N N N 14  
ARG CA   C N S 15  
ARG C    C N N 16  
ARG O    O N N 17  
ARG CB   C N N 18  
ARG CG   C N N 19  
ARG CD   C N N 20  
ARG NE   N N N 21  
ARG CZ   C N N 22  
ARG NH1  N N N 23  
ARG NH2  N N N 24  
ARG OXT  O N N 25  
ARG H    H N N 26  
ARG H2   H N N 27  
ARG HA   H N N 28  
ARG HB2  H N N 29  
ARG HB3  H N N 30  
ARG HG2  H N N 31  
ARG HG3  H N N 32  
ARG HD2  H N N 33  
ARG HD3  H N N 34  
ARG HE   H N N 35  
ARG HH11 H N N 36  
ARG HH12 H N N 37  
ARG HH21 H N N 38  
ARG HH22 H N N 39  
ARG HXT  H N N 40  
ASN N    N N N 41  
ASN CA   C N S 42  
ASN C    C N N 43  
ASN O    O N N 44  
ASN CB   C N N 45  
ASN CG   C N N 46  
ASN OD1  O N N 47  
ASN ND2  N N N 48  
ASN OXT  O N N 49  
ASN H    H N N 50  
ASN H2   H N N 51  
ASN HA   H N N 52  
ASN HB2  H N N 53  
ASN HB3  H N N 54  
ASN HD21 H N N 55  
ASN HD22 H N N 56  
ASN HXT  H N N 57  
ASP N    N N N 58  
ASP CA   C N S 59  
ASP C    C N N 60  
ASP O    O N N 61  
ASP CB   C N N 62  
ASP CG   C N N 63  
ASP OD1  O N N 64  
ASP OD2  O N N 65  
ASP OXT  O N N 66  
ASP H    H N N 67  
ASP H2   H N N 68  
ASP HA   H N N 69  
ASP HB2  H N N 70  
ASP HB3  H N N 71  
ASP HD2  H N N 72  
ASP HXT  H N N 73  
CYS N    N N N 74  
CYS CA   C N R 75  
CYS C    C N N 76  
CYS O    O N N 77  
CYS CB   C N N 78  
CYS SG   S N N 79  
CYS OXT  O N N 80  
CYS H    H N N 81  
CYS H2   H N N 82  
CYS HA   H N N 83  
CYS HB2  H N N 84  
CYS HB3  H N N 85  
CYS HG   H N N 86  
CYS HXT  H N N 87  
GLN N    N N N 88  
GLN CA   C N S 89  
GLN C    C N N 90  
GLN O    O N N 91  
GLN CB   C N N 92  
GLN CG   C N N 93  
GLN CD   C N N 94  
GLN OE1  O N N 95  
GLN NE2  N N N 96  
GLN OXT  O N N 97  
GLN H    H N N 98  
GLN H2   H N N 99  
GLN HA   H N N 100 
GLN HB2  H N N 101 
GLN HB3  H N N 102 
GLN HG2  H N N 103 
GLN HG3  H N N 104 
GLN HE21 H N N 105 
GLN HE22 H N N 106 
GLN HXT  H N N 107 
GLU N    N N N 108 
GLU CA   C N S 109 
GLU C    C N N 110 
GLU O    O N N 111 
GLU CB   C N N 112 
GLU CG   C N N 113 
GLU CD   C N N 114 
GLU OE1  O N N 115 
GLU OE2  O N N 116 
GLU OXT  O N N 117 
GLU H    H N N 118 
GLU H2   H N N 119 
GLU HA   H N N 120 
GLU HB2  H N N 121 
GLU HB3  H N N 122 
GLU HG2  H N N 123 
GLU HG3  H N N 124 
GLU HE2  H N N 125 
GLU HXT  H N N 126 
GLY N    N N N 127 
GLY CA   C N N 128 
GLY C    C N N 129 
GLY O    O N N 130 
GLY OXT  O N N 131 
GLY H    H N N 132 
GLY H2   H N N 133 
GLY HA2  H N N 134 
GLY HA3  H N N 135 
GLY HXT  H N N 136 
HIS N    N N N 137 
HIS CA   C N S 138 
HIS C    C N N 139 
HIS O    O N N 140 
HIS CB   C N N 141 
HIS CG   C Y N 142 
HIS ND1  N Y N 143 
HIS CD2  C Y N 144 
HIS CE1  C Y N 145 
HIS NE2  N Y N 146 
HIS OXT  O N N 147 
HIS H    H N N 148 
HIS H2   H N N 149 
HIS HA   H N N 150 
HIS HB2  H N N 151 
HIS HB3  H N N 152 
HIS HD1  H N N 153 
HIS HD2  H N N 154 
HIS HE1  H N N 155 
HIS HE2  H N N 156 
HIS HXT  H N N 157 
HOH O    O N N 158 
HOH H1   H N N 159 
HOH H2   H N N 160 
ILE N    N N N 161 
ILE CA   C N S 162 
ILE C    C N N 163 
ILE O    O N N 164 
ILE CB   C N S 165 
ILE CG1  C N N 166 
ILE CG2  C N N 167 
ILE CD1  C N N 168 
ILE OXT  O N N 169 
ILE H    H N N 170 
ILE H2   H N N 171 
ILE HA   H N N 172 
ILE HB   H N N 173 
ILE HG12 H N N 174 
ILE HG13 H N N 175 
ILE HG21 H N N 176 
ILE HG22 H N N 177 
ILE HG23 H N N 178 
ILE HD11 H N N 179 
ILE HD12 H N N 180 
ILE HD13 H N N 181 
ILE HXT  H N N 182 
LEU N    N N N 183 
LEU CA   C N S 184 
LEU C    C N N 185 
LEU O    O N N 186 
LEU CB   C N N 187 
LEU CG   C N N 188 
LEU CD1  C N N 189 
LEU CD2  C N N 190 
LEU OXT  O N N 191 
LEU H    H N N 192 
LEU H2   H N N 193 
LEU HA   H N N 194 
LEU HB2  H N N 195 
LEU HB3  H N N 196 
LEU HG   H N N 197 
LEU HD11 H N N 198 
LEU HD12 H N N 199 
LEU HD13 H N N 200 
LEU HD21 H N N 201 
LEU HD22 H N N 202 
LEU HD23 H N N 203 
LEU HXT  H N N 204 
LYS N    N N N 205 
LYS CA   C N S 206 
LYS C    C N N 207 
LYS O    O N N 208 
LYS CB   C N N 209 
LYS CG   C N N 210 
LYS CD   C N N 211 
LYS CE   C N N 212 
LYS NZ   N N N 213 
LYS OXT  O N N 214 
LYS H    H N N 215 
LYS H2   H N N 216 
LYS HA   H N N 217 
LYS HB2  H N N 218 
LYS HB3  H N N 219 
LYS HG2  H N N 220 
LYS HG3  H N N 221 
LYS HD2  H N N 222 
LYS HD3  H N N 223 
LYS HE2  H N N 224 
LYS HE3  H N N 225 
LYS HZ1  H N N 226 
LYS HZ2  H N N 227 
LYS HZ3  H N N 228 
LYS HXT  H N N 229 
MET N    N N N 230 
MET CA   C N S 231 
MET C    C N N 232 
MET O    O N N 233 
MET CB   C N N 234 
MET CG   C N N 235 
MET SD   S N N 236 
MET CE   C N N 237 
MET OXT  O N N 238 
MET H    H N N 239 
MET H2   H N N 240 
MET HA   H N N 241 
MET HB2  H N N 242 
MET HB3  H N N 243 
MET HG2  H N N 244 
MET HG3  H N N 245 
MET HE1  H N N 246 
MET HE2  H N N 247 
MET HE3  H N N 248 
MET HXT  H N N 249 
PHE N    N N N 250 
PHE CA   C N S 251 
PHE C    C N N 252 
PHE O    O N N 253 
PHE CB   C N N 254 
PHE CG   C Y N 255 
PHE CD1  C Y N 256 
PHE CD2  C Y N 257 
PHE CE1  C Y N 258 
PHE CE2  C Y N 259 
PHE CZ   C Y N 260 
PHE OXT  O N N 261 
PHE H    H N N 262 
PHE H2   H N N 263 
PHE HA   H N N 264 
PHE HB2  H N N 265 
PHE HB3  H N N 266 
PHE HD1  H N N 267 
PHE HD2  H N N 268 
PHE HE1  H N N 269 
PHE HE2  H N N 270 
PHE HZ   H N N 271 
PHE HXT  H N N 272 
PRO N    N N N 273 
PRO CA   C N S 274 
PRO C    C N N 275 
PRO O    O N N 276 
PRO CB   C N N 277 
PRO CG   C N N 278 
PRO CD   C N N 279 
PRO OXT  O N N 280 
PRO H    H N N 281 
PRO HA   H N N 282 
PRO HB2  H N N 283 
PRO HB3  H N N 284 
PRO HG2  H N N 285 
PRO HG3  H N N 286 
PRO HD2  H N N 287 
PRO HD3  H N N 288 
PRO HXT  H N N 289 
SER N    N N N 290 
SER CA   C N S 291 
SER C    C N N 292 
SER O    O N N 293 
SER CB   C N N 294 
SER OG   O N N 295 
SER OXT  O N N 296 
SER H    H N N 297 
SER H2   H N N 298 
SER HA   H N N 299 
SER HB2  H N N 300 
SER HB3  H N N 301 
SER HG   H N N 302 
SER HXT  H N N 303 
THR N    N N N 304 
THR CA   C N S 305 
THR C    C N N 306 
THR O    O N N 307 
THR CB   C N R 308 
THR OG1  O N N 309 
THR CG2  C N N 310 
THR OXT  O N N 311 
THR H    H N N 312 
THR H2   H N N 313 
THR HA   H N N 314 
THR HB   H N N 315 
THR HG1  H N N 316 
THR HG21 H N N 317 
THR HG22 H N N 318 
THR HG23 H N N 319 
THR HXT  H N N 320 
TYR N    N N N 321 
TYR CA   C N S 322 
TYR C    C N N 323 
TYR O    O N N 324 
TYR CB   C N N 325 
TYR CG   C Y N 326 
TYR CD1  C Y N 327 
TYR CD2  C Y N 328 
TYR CE1  C Y N 329 
TYR CE2  C Y N 330 
TYR CZ   C Y N 331 
TYR OH   O N N 332 
TYR OXT  O N N 333 
TYR H    H N N 334 
TYR H2   H N N 335 
TYR HA   H N N 336 
TYR HB2  H N N 337 
TYR HB3  H N N 338 
TYR HD1  H N N 339 
TYR HD2  H N N 340 
TYR HE1  H N N 341 
TYR HE2  H N N 342 
TYR HH   H N N 343 
TYR HXT  H N N 344 
VAL N    N N N 345 
VAL CA   C N S 346 
VAL C    C N N 347 
VAL O    O N N 348 
VAL CB   C N N 349 
VAL CG1  C N N 350 
VAL CG2  C N N 351 
VAL OXT  O N N 352 
VAL H    H N N 353 
VAL H2   H N N 354 
VAL HA   H N N 355 
VAL HB   H N N 356 
VAL HG11 H N N 357 
VAL HG12 H N N 358 
VAL HG13 H N N 359 
VAL HG21 H N N 360 
VAL HG22 H N N 361 
VAL HG23 H N N 362 
VAL HXT  H N N 363 
# 
loop_
_chem_comp_bond.comp_id 
_chem_comp_bond.atom_id_1 
_chem_comp_bond.atom_id_2 
_chem_comp_bond.value_order 
_chem_comp_bond.pdbx_aromatic_flag 
_chem_comp_bond.pdbx_stereo_config 
_chem_comp_bond.pdbx_ordinal 
ALA N   CA   sing N N 1   
ALA N   H    sing N N 2   
ALA N   H2   sing N N 3   
ALA CA  C    sing N N 4   
ALA CA  CB   sing N N 5   
ALA CA  HA   sing N N 6   
ALA C   O    doub N N 7   
ALA C   OXT  sing N N 8   
ALA CB  HB1  sing N N 9   
ALA CB  HB2  sing N N 10  
ALA CB  HB3  sing N N 11  
ALA OXT HXT  sing N N 12  
ARG N   CA   sing N N 13  
ARG N   H    sing N N 14  
ARG N   H2   sing N N 15  
ARG CA  C    sing N N 16  
ARG CA  CB   sing N N 17  
ARG CA  HA   sing N N 18  
ARG C   O    doub N N 19  
ARG C   OXT  sing N N 20  
ARG CB  CG   sing N N 21  
ARG CB  HB2  sing N N 22  
ARG CB  HB3  sing N N 23  
ARG CG  CD   sing N N 24  
ARG CG  HG2  sing N N 25  
ARG CG  HG3  sing N N 26  
ARG CD  NE   sing N N 27  
ARG CD  HD2  sing N N 28  
ARG CD  HD3  sing N N 29  
ARG NE  CZ   sing N N 30  
ARG NE  HE   sing N N 31  
ARG CZ  NH1  sing N N 32  
ARG CZ  NH2  doub N N 33  
ARG NH1 HH11 sing N N 34  
ARG NH1 HH12 sing N N 35  
ARG NH2 HH21 sing N N 36  
ARG NH2 HH22 sing N N 37  
ARG OXT HXT  sing N N 38  
ASN N   CA   sing N N 39  
ASN N   H    sing N N 40  
ASN N   H2   sing N N 41  
ASN CA  C    sing N N 42  
ASN CA  CB   sing N N 43  
ASN CA  HA   sing N N 44  
ASN C   O    doub N N 45  
ASN C   OXT  sing N N 46  
ASN CB  CG   sing N N 47  
ASN CB  HB2  sing N N 48  
ASN CB  HB3  sing N N 49  
ASN CG  OD1  doub N N 50  
ASN CG  ND2  sing N N 51  
ASN ND2 HD21 sing N N 52  
ASN ND2 HD22 sing N N 53  
ASN OXT HXT  sing N N 54  
ASP N   CA   sing N N 55  
ASP N   H    sing N N 56  
ASP N   H2   sing N N 57  
ASP CA  C    sing N N 58  
ASP CA  CB   sing N N 59  
ASP CA  HA   sing N N 60  
ASP C   O    doub N N 61  
ASP C   OXT  sing N N 62  
ASP CB  CG   sing N N 63  
ASP CB  HB2  sing N N 64  
ASP CB  HB3  sing N N 65  
ASP CG  OD1  doub N N 66  
ASP CG  OD2  sing N N 67  
ASP OD2 HD2  sing N N 68  
ASP OXT HXT  sing N N 69  
CYS N   CA   sing N N 70  
CYS N   H    sing N N 71  
CYS N   H2   sing N N 72  
CYS CA  C    sing N N 73  
CYS CA  CB   sing N N 74  
CYS CA  HA   sing N N 75  
CYS C   O    doub N N 76  
CYS C   OXT  sing N N 77  
CYS CB  SG   sing N N 78  
CYS CB  HB2  sing N N 79  
CYS CB  HB3  sing N N 80  
CYS SG  HG   sing N N 81  
CYS OXT HXT  sing N N 82  
GLN N   CA   sing N N 83  
GLN N   H    sing N N 84  
GLN N   H2   sing N N 85  
GLN CA  C    sing N N 86  
GLN CA  CB   sing N N 87  
GLN CA  HA   sing N N 88  
GLN C   O    doub N N 89  
GLN C   OXT  sing N N 90  
GLN CB  CG   sing N N 91  
GLN CB  HB2  sing N N 92  
GLN CB  HB3  sing N N 93  
GLN CG  CD   sing N N 94  
GLN CG  HG2  sing N N 95  
GLN CG  HG3  sing N N 96  
GLN CD  OE1  doub N N 97  
GLN CD  NE2  sing N N 98  
GLN NE2 HE21 sing N N 99  
GLN NE2 HE22 sing N N 100 
GLN OXT HXT  sing N N 101 
GLU N   CA   sing N N 102 
GLU N   H    sing N N 103 
GLU N   H2   sing N N 104 
GLU CA  C    sing N N 105 
GLU CA  CB   sing N N 106 
GLU CA  HA   sing N N 107 
GLU C   O    doub N N 108 
GLU C   OXT  sing N N 109 
GLU CB  CG   sing N N 110 
GLU CB  HB2  sing N N 111 
GLU CB  HB3  sing N N 112 
GLU CG  CD   sing N N 113 
GLU CG  HG2  sing N N 114 
GLU CG  HG3  sing N N 115 
GLU CD  OE1  doub N N 116 
GLU CD  OE2  sing N N 117 
GLU OE2 HE2  sing N N 118 
GLU OXT HXT  sing N N 119 
GLY N   CA   sing N N 120 
GLY N   H    sing N N 121 
GLY N   H2   sing N N 122 
GLY CA  C    sing N N 123 
GLY CA  HA2  sing N N 124 
GLY CA  HA3  sing N N 125 
GLY C   O    doub N N 126 
GLY C   OXT  sing N N 127 
GLY OXT HXT  sing N N 128 
HIS N   CA   sing N N 129 
HIS N   H    sing N N 130 
HIS N   H2   sing N N 131 
HIS CA  C    sing N N 132 
HIS CA  CB   sing N N 133 
HIS CA  HA   sing N N 134 
HIS C   O    doub N N 135 
HIS C   OXT  sing N N 136 
HIS CB  CG   sing N N 137 
HIS CB  HB2  sing N N 138 
HIS CB  HB3  sing N N 139 
HIS CG  ND1  sing Y N 140 
HIS CG  CD2  doub Y N 141 
HIS ND1 CE1  doub Y N 142 
HIS ND1 HD1  sing N N 143 
HIS CD2 NE2  sing Y N 144 
HIS CD2 HD2  sing N N 145 
HIS CE1 NE2  sing Y N 146 
HIS CE1 HE1  sing N N 147 
HIS NE2 HE2  sing N N 148 
HIS OXT HXT  sing N N 149 
HOH O   H1   sing N N 150 
HOH O   H2   sing N N 151 
ILE N   CA   sing N N 152 
ILE N   H    sing N N 153 
ILE N   H2   sing N N 154 
ILE CA  C    sing N N 155 
ILE CA  CB   sing N N 156 
ILE CA  HA   sing N N 157 
ILE C   O    doub N N 158 
ILE C   OXT  sing N N 159 
ILE CB  CG1  sing N N 160 
ILE CB  CG2  sing N N 161 
ILE CB  HB   sing N N 162 
ILE CG1 CD1  sing N N 163 
ILE CG1 HG12 sing N N 164 
ILE CG1 HG13 sing N N 165 
ILE CG2 HG21 sing N N 166 
ILE CG2 HG22 sing N N 167 
ILE CG2 HG23 sing N N 168 
ILE CD1 HD11 sing N N 169 
ILE CD1 HD12 sing N N 170 
ILE CD1 HD13 sing N N 171 
ILE OXT HXT  sing N N 172 
LEU N   CA   sing N N 173 
LEU N   H    sing N N 174 
LEU N   H2   sing N N 175 
LEU CA  C    sing N N 176 
LEU CA  CB   sing N N 177 
LEU CA  HA   sing N N 178 
LEU C   O    doub N N 179 
LEU C   OXT  sing N N 180 
LEU CB  CG   sing N N 181 
LEU CB  HB2  sing N N 182 
LEU CB  HB3  sing N N 183 
LEU CG  CD1  sing N N 184 
LEU CG  CD2  sing N N 185 
LEU CG  HG   sing N N 186 
LEU CD1 HD11 sing N N 187 
LEU CD1 HD12 sing N N 188 
LEU CD1 HD13 sing N N 189 
LEU CD2 HD21 sing N N 190 
LEU CD2 HD22 sing N N 191 
LEU CD2 HD23 sing N N 192 
LEU OXT HXT  sing N N 193 
LYS N   CA   sing N N 194 
LYS N   H    sing N N 195 
LYS N   H2   sing N N 196 
LYS CA  C    sing N N 197 
LYS CA  CB   sing N N 198 
LYS CA  HA   sing N N 199 
LYS C   O    doub N N 200 
LYS C   OXT  sing N N 201 
LYS CB  CG   sing N N 202 
LYS CB  HB2  sing N N 203 
LYS CB  HB3  sing N N 204 
LYS CG  CD   sing N N 205 
LYS CG  HG2  sing N N 206 
LYS CG  HG3  sing N N 207 
LYS CD  CE   sing N N 208 
LYS CD  HD2  sing N N 209 
LYS CD  HD3  sing N N 210 
LYS CE  NZ   sing N N 211 
LYS CE  HE2  sing N N 212 
LYS CE  HE3  sing N N 213 
LYS NZ  HZ1  sing N N 214 
LYS NZ  HZ2  sing N N 215 
LYS NZ  HZ3  sing N N 216 
LYS OXT HXT  sing N N 217 
MET N   CA   sing N N 218 
MET N   H    sing N N 219 
MET N   H2   sing N N 220 
MET CA  C    sing N N 221 
MET CA  CB   sing N N 222 
MET CA  HA   sing N N 223 
MET C   O    doub N N 224 
MET C   OXT  sing N N 225 
MET CB  CG   sing N N 226 
MET CB  HB2  sing N N 227 
MET CB  HB3  sing N N 228 
MET CG  SD   sing N N 229 
MET CG  HG2  sing N N 230 
MET CG  HG3  sing N N 231 
MET SD  CE   sing N N 232 
MET CE  HE1  sing N N 233 
MET CE  HE2  sing N N 234 
MET CE  HE3  sing N N 235 
MET OXT HXT  sing N N 236 
PHE N   CA   sing N N 237 
PHE N   H    sing N N 238 
PHE N   H2   sing N N 239 
PHE CA  C    sing N N 240 
PHE CA  CB   sing N N 241 
PHE CA  HA   sing N N 242 
PHE C   O    doub N N 243 
PHE C   OXT  sing N N 244 
PHE CB  CG   sing N N 245 
PHE CB  HB2  sing N N 246 
PHE CB  HB3  sing N N 247 
PHE CG  CD1  doub Y N 248 
PHE CG  CD2  sing Y N 249 
PHE CD1 CE1  sing Y N 250 
PHE CD1 HD1  sing N N 251 
PHE CD2 CE2  doub Y N 252 
PHE CD2 HD2  sing N N 253 
PHE CE1 CZ   doub Y N 254 
PHE CE1 HE1  sing N N 255 
PHE CE2 CZ   sing Y N 256 
PHE CE2 HE2  sing N N 257 
PHE CZ  HZ   sing N N 258 
PHE OXT HXT  sing N N 259 
PRO N   CA   sing N N 260 
PRO N   CD   sing N N 261 
PRO N   H    sing N N 262 
PRO CA  C    sing N N 263 
PRO CA  CB   sing N N 264 
PRO CA  HA   sing N N 265 
PRO C   O    doub N N 266 
PRO C   OXT  sing N N 267 
PRO CB  CG   sing N N 268 
PRO CB  HB2  sing N N 269 
PRO CB  HB3  sing N N 270 
PRO CG  CD   sing N N 271 
PRO CG  HG2  sing N N 272 
PRO CG  HG3  sing N N 273 
PRO CD  HD2  sing N N 274 
PRO CD  HD3  sing N N 275 
PRO OXT HXT  sing N N 276 
SER N   CA   sing N N 277 
SER N   H    sing N N 278 
SER N   H2   sing N N 279 
SER CA  C    sing N N 280 
SER CA  CB   sing N N 281 
SER CA  HA   sing N N 282 
SER C   O    doub N N 283 
SER C   OXT  sing N N 284 
SER CB  OG   sing N N 285 
SER CB  HB2  sing N N 286 
SER CB  HB3  sing N N 287 
SER OG  HG   sing N N 288 
SER OXT HXT  sing N N 289 
THR N   CA   sing N N 290 
THR N   H    sing N N 291 
THR N   H2   sing N N 292 
THR CA  C    sing N N 293 
THR CA  CB   sing N N 294 
THR CA  HA   sing N N 295 
THR C   O    doub N N 296 
THR C   OXT  sing N N 297 
THR CB  OG1  sing N N 298 
THR CB  CG2  sing N N 299 
THR CB  HB   sing N N 300 
THR OG1 HG1  sing N N 301 
THR CG2 HG21 sing N N 302 
THR CG2 HG22 sing N N 303 
THR CG2 HG23 sing N N 304 
THR OXT HXT  sing N N 305 
TYR N   CA   sing N N 306 
TYR N   H    sing N N 307 
TYR N   H2   sing N N 308 
TYR CA  C    sing N N 309 
TYR CA  CB   sing N N 310 
TYR CA  HA   sing N N 311 
TYR C   O    doub N N 312 
TYR C   OXT  sing N N 313 
TYR CB  CG   sing N N 314 
TYR CB  HB2  sing N N 315 
TYR CB  HB3  sing N N 316 
TYR CG  CD1  doub Y N 317 
TYR CG  CD2  sing Y N 318 
TYR CD1 CE1  sing Y N 319 
TYR CD1 HD1  sing N N 320 
TYR CD2 CE2  doub Y N 321 
TYR CD2 HD2  sing N N 322 
TYR CE1 CZ   doub Y N 323 
TYR CE1 HE1  sing N N 324 
TYR CE2 CZ   sing Y N 325 
TYR CE2 HE2  sing N N 326 
TYR CZ  OH   sing N N 327 
TYR OH  HH   sing N N 328 
TYR OXT HXT  sing N N 329 
VAL N   CA   sing N N 330 
VAL N   H    sing N N 331 
VAL N   H2   sing N N 332 
VAL CA  C    sing N N 333 
VAL CA  CB   sing N N 334 
VAL CA  HA   sing N N 335 
VAL C   O    doub N N 336 
VAL C   OXT  sing N N 337 
VAL CB  CG1  sing N N 338 
VAL CB  CG2  sing N N 339 
VAL CB  HB   sing N N 340 
VAL CG1 HG11 sing N N 341 
VAL CG1 HG12 sing N N 342 
VAL CG1 HG13 sing N N 343 
VAL CG2 HG21 sing N N 344 
VAL CG2 HG22 sing N N 345 
VAL CG2 HG23 sing N N 346 
VAL OXT HXT  sing N N 347 
# 
_pdbx_entity_nonpoly.entity_id   2 
_pdbx_entity_nonpoly.name        water 
_pdbx_entity_nonpoly.comp_id     HOH 
# 
_pdbx_initial_refinement_model.id               1 
_pdbx_initial_refinement_model.entity_id_list   ? 
_pdbx_initial_refinement_model.type             'experimental model' 
_pdbx_initial_refinement_model.source_name      PDB 
_pdbx_initial_refinement_model.accession_code   2DJ5 
_pdbx_initial_refinement_model.details          'PDB ENTRY 2DJ5' 
# 
